data_5SJV
#
_entry.id   5SJV
#
_cell.length_a   136.087
_cell.length_b   136.087
_cell.length_c   236.248
_cell.angle_alpha   90.000
_cell.angle_beta   90.000
_cell.angle_gamma   120.000
#
_symmetry.space_group_name_H-M   'H 3'
#
loop_
_entity.id
_entity.type
_entity.pdbx_description
1 polymer "cAMP and cAMP-inhibited cGMP 3',5'-cyclic phosphodiesterase 10A"
2 non-polymer 'ZINC ION'
3 non-polymer 'MAGNESIUM ION'
4 non-polymer 5-[2-(1-methyl-4-phenyl-1H-imidazol-2-yl)ethyl]quinoxaline
5 water water
#
_entity_poly.entity_id   1
_entity_poly.type   'polypeptide(L)'
_entity_poly.pdbx_seq_one_letter_code
;GSSICTSEEWQGLMQFTLPVRLCKEIELFHFDIGPFENMWPGIFVYMVHRSCGTSCFELEKL(CME)RFIMSVKKNYRRV
PYHNWKHAVTVAHCMYAILQNNHTLFTDLERKGLLIACLCHDLDHRGFSNSYLQKFDHPLAALYSTSTMEQHHFSQTVSI
LQLEGHNIFSTLSSSEYEQVLEIIRKAIIATDLALYFGNRKQLEEMYQTGSLNLNNQSHRDRVIGLMMTACDLCSVTKLW
PVTKLTANDIYAEFWAEGDEMKKLGIQPIPMMDRDKKDEVPQGQLGFYNAVAIPCYTTLTQILPPTEPLLKACRDNLSQW
EKVIRGEETATWISSPSVAQKAAASED
;
_entity_poly.pdbx_strand_id   A,B,C,D
#
loop_
_chem_comp.id
_chem_comp.type
_chem_comp.name
_chem_comp.formula
K9F non-polymer 5-[2-(1-methyl-4-phenyl-1H-imidazol-2-yl)ethyl]quinoxaline 'C20 H18 N4'
MG non-polymer 'MAGNESIUM ION' 'Mg 2'
ZN non-polymer 'ZINC ION' 'Zn 2'
#
# COMPACT_ATOMS: atom_id res chain seq x y z
N GLY A 12 -30.96 28.75 21.65
CA GLY A 12 -31.14 29.66 22.81
C GLY A 12 -30.94 28.96 24.15
N LEU A 13 -31.68 27.86 24.38
CA LEU A 13 -31.60 26.99 25.59
C LEU A 13 -30.61 25.83 25.37
N MET A 14 -29.78 25.88 24.32
CA MET A 14 -28.88 24.81 23.82
C MET A 14 -27.43 25.08 24.27
N GLN A 15 -27.11 24.70 25.51
CA GLN A 15 -25.72 24.67 26.04
C GLN A 15 -24.94 23.56 25.35
N PHE A 16 -23.64 23.78 25.16
CA PHE A 16 -22.66 22.69 24.95
C PHE A 16 -22.22 22.21 26.33
N THR A 17 -22.07 20.90 26.47
CA THR A 17 -21.59 20.22 27.71
C THR A 17 -20.50 19.21 27.34
N LEU A 18 -19.51 19.08 28.19
CA LEU A 18 -18.37 18.20 27.93
C LEU A 18 -18.47 17.03 28.88
N PRO A 19 -17.87 15.88 28.53
CA PRO A 19 -17.70 14.81 29.50
C PRO A 19 -17.08 15.38 30.78
N VAL A 20 -17.33 14.71 31.89
CA VAL A 20 -16.90 15.15 33.24
C VAL A 20 -15.39 15.48 33.28
N ARG A 21 -14.51 14.58 32.91
CA ARG A 21 -13.06 14.89 32.99
C ARG A 21 -12.74 16.22 32.27
N LEU A 22 -13.33 16.47 31.10
CA LEU A 22 -13.02 17.67 30.27
C LEU A 22 -13.70 18.88 30.89
N CYS A 23 -14.92 18.73 31.35
CA CYS A 23 -15.66 19.81 32.07
C CYS A 23 -14.79 20.33 33.21
N LYS A 24 -14.10 19.47 33.97
CA LYS A 24 -13.27 19.95 35.11
C LYS A 24 -11.92 20.47 34.63
N GLU A 25 -11.21 19.70 33.81
CA GLU A 25 -9.79 19.99 33.47
C GLU A 25 -9.71 21.20 32.50
N ILE A 26 -10.76 21.52 31.74
CA ILE A 26 -10.71 22.65 30.76
C ILE A 26 -10.56 23.98 31.51
N GLU A 27 -10.89 24.03 32.81
CA GLU A 27 -10.80 25.25 33.62
C GLU A 27 -9.36 25.49 34.01
N LEU A 28 -8.50 24.49 33.88
CA LEU A 28 -7.10 24.59 34.37
C LEU A 28 -6.20 25.08 33.24
N PHE A 29 -5.13 25.79 33.59
CA PHE A 29 -4.23 26.40 32.60
C PHE A 29 -3.58 25.28 31.78
N HIS A 30 -3.27 24.14 32.39
CA HIS A 30 -2.43 23.12 31.70
C HIS A 30 -3.26 22.13 30.87
N PHE A 31 -4.56 22.32 30.73
CA PHE A 31 -5.42 21.45 29.90
C PHE A 31 -4.85 21.27 28.50
N ASP A 32 -4.86 20.03 28.01
CA ASP A 32 -4.47 19.62 26.64
C ASP A 32 -5.78 19.23 25.95
N ILE A 33 -6.06 19.74 24.75
CA ILE A 33 -7.40 19.59 24.11
C ILE A 33 -7.59 18.16 23.52
N GLY A 34 -6.60 17.29 23.55
CA GLY A 34 -6.78 15.89 23.12
C GLY A 34 -6.55 15.72 21.63
N PRO A 35 -6.47 14.44 21.19
CA PRO A 35 -6.23 14.13 19.78
C PRO A 35 -7.49 13.96 18.91
N PHE A 36 -8.68 14.15 19.46
CA PHE A 36 -9.96 14.01 18.72
C PHE A 36 -10.31 15.36 18.09
N GLU A 37 -9.88 15.58 16.84
CA GLU A 37 -10.04 16.86 16.11
C GLU A 37 -11.52 17.27 16.09
N ASN A 38 -12.43 16.29 15.95
CA ASN A 38 -13.88 16.56 15.85
C ASN A 38 -14.44 17.13 17.15
N MET A 39 -13.76 16.99 18.28
CA MET A 39 -14.27 17.63 19.51
C MET A 39 -13.80 19.09 19.66
N TRP A 40 -12.82 19.57 18.89
CA TRP A 40 -12.23 20.93 19.12
C TRP A 40 -13.22 22.05 18.87
N PRO A 41 -14.07 22.03 17.81
CA PRO A 41 -15.08 23.08 17.64
C PRO A 41 -16.01 23.18 18.84
N GLY A 42 -16.52 22.04 19.31
CA GLY A 42 -17.39 21.99 20.49
C GLY A 42 -16.66 22.58 21.70
N ILE A 43 -15.39 22.28 21.87
CA ILE A 43 -14.59 22.80 23.02
C ILE A 43 -14.52 24.34 22.95
N PHE A 44 -14.26 24.90 21.77
CA PHE A 44 -14.23 26.36 21.55
C PHE A 44 -15.59 26.97 21.85
N VAL A 45 -16.69 26.40 21.36
CA VAL A 45 -18.03 27.00 21.56
C VAL A 45 -18.32 26.99 23.07
N TYR A 46 -18.01 25.89 23.73
CA TYR A 46 -18.12 25.76 25.22
C TYR A 46 -17.40 26.94 25.88
N MET A 47 -16.20 27.26 25.41
CA MET A 47 -15.35 28.29 26.04
C MET A 47 -15.94 29.69 25.79
N VAL A 48 -16.44 29.96 24.59
CA VAL A 48 -17.12 31.22 24.26
C VAL A 48 -18.35 31.38 25.17
N HIS A 49 -19.21 30.38 25.21
CA HIS A 49 -20.45 30.40 26.01
C HIS A 49 -20.14 30.70 27.48
N ARG A 50 -19.07 30.17 28.05
CA ARG A 50 -18.78 30.42 29.49
C ARG A 50 -18.01 31.71 29.68
N SER A 51 -17.13 32.11 28.75
CA SER A 51 -16.25 33.27 28.98
C SER A 51 -16.95 34.53 28.48
N CYS A 52 -17.88 34.40 27.53
CA CYS A 52 -18.51 35.54 26.84
C CYS A 52 -20.01 35.56 27.15
N GLY A 53 -20.72 34.45 26.92
CA GLY A 53 -22.17 34.26 27.15
C GLY A 53 -22.79 33.46 26.00
N THR A 54 -23.92 32.81 26.23
CA THR A 54 -24.71 32.10 25.18
C THR A 54 -25.31 33.07 24.15
N SER A 55 -25.39 34.35 24.50
CA SER A 55 -25.98 35.48 23.71
C SER A 55 -24.92 36.22 22.88
N CYS A 56 -23.61 36.01 23.12
CA CYS A 56 -22.54 36.78 22.45
C CYS A 56 -22.68 36.65 20.94
N PHE A 57 -22.94 35.45 20.45
CA PHE A 57 -22.90 35.13 19.01
C PHE A 57 -24.12 34.28 18.66
N GLU A 58 -24.65 34.43 17.44
CA GLU A 58 -25.65 33.49 16.89
C GLU A 58 -24.95 32.15 16.61
N LEU A 59 -25.49 31.05 17.14
CA LEU A 59 -24.83 29.73 17.12
C LEU A 59 -24.57 29.29 15.69
N GLU A 60 -25.53 29.41 14.78
CA GLU A 60 -25.39 28.97 13.37
C GLU A 60 -24.20 29.71 12.71
N LYS A 61 -24.15 31.04 12.88
CA LYS A 61 -23.07 31.91 12.34
C LYS A 61 -21.74 31.55 13.02
N LEU A 62 -21.71 31.32 14.34
CA LEU A 62 -20.43 31.01 15.03
C LEU A 62 -19.90 29.67 14.49
N CME A 63 -20.77 28.66 14.37
CA CME A 63 -20.42 27.31 13.84
CB CME A 63 -21.59 26.35 13.96
SG CME A 63 -21.78 25.73 15.67
SD CME A 63 -19.94 24.87 15.97
CE CME A 63 -20.15 23.11 15.58
CZ CME A 63 -20.13 22.33 16.86
OH CME A 63 -19.85 20.98 16.60
C CME A 63 -19.86 27.44 12.43
O CME A 63 -18.80 26.82 12.13
N ARG A 64 -20.50 28.25 11.60
CA ARG A 64 -20.02 28.44 10.21
C ARG A 64 -18.66 29.17 10.19
N PHE A 65 -18.47 30.19 11.00
CA PHE A 65 -17.18 30.91 11.14
C PHE A 65 -16.04 29.96 11.55
N ILE A 66 -16.23 29.22 12.64
CA ILE A 66 -15.29 28.20 13.17
C ILE A 66 -14.86 27.24 12.04
N MET A 67 -15.82 26.69 11.28
CA MET A 67 -15.48 25.67 10.26
C MET A 67 -14.74 26.34 9.08
N SER A 68 -15.03 27.59 8.72
CA SER A 68 -14.25 28.28 7.66
C SER A 68 -12.82 28.63 8.18
N VAL A 69 -12.70 28.99 9.44
CA VAL A 69 -11.36 29.19 10.06
C VAL A 69 -10.56 27.90 10.01
N LYS A 70 -11.14 26.80 10.47
CA LYS A 70 -10.49 25.46 10.39
C LYS A 70 -9.96 25.19 8.98
N LYS A 71 -10.81 25.31 7.97
CA LYS A 71 -10.45 25.03 6.56
C LYS A 71 -9.27 25.90 6.11
N ASN A 72 -9.07 27.09 6.67
CA ASN A 72 -7.99 28.01 6.26
C ASN A 72 -6.70 27.85 7.07
N TYR A 73 -6.62 26.87 7.98
CA TYR A 73 -5.33 26.41 8.59
C TYR A 73 -4.82 25.26 7.73
N ARG A 74 -3.51 25.14 7.58
CA ARG A 74 -2.88 24.14 6.71
C ARG A 74 -2.42 22.95 7.54
N ARG A 75 -2.07 21.86 6.84
CA ARG A 75 -1.63 20.58 7.44
C ARG A 75 -0.13 20.66 7.65
N VAL A 76 0.31 21.56 8.51
CA VAL A 76 1.74 21.75 8.81
C VAL A 76 1.94 21.15 10.21
N PRO A 77 3.20 20.86 10.61
CA PRO A 77 3.45 20.14 11.86
C PRO A 77 3.02 20.84 13.16
N TYR A 78 3.13 22.16 13.20
CA TYR A 78 2.90 22.94 14.46
C TYR A 78 1.87 24.03 14.25
N HIS A 79 2.00 24.89 13.24
CA HIS A 79 1.11 26.06 13.04
C HIS A 79 -0.20 25.69 12.34
N ASN A 80 -0.97 24.85 12.99
CA ASN A 80 -2.17 24.16 12.49
C ASN A 80 -3.35 24.47 13.42
N TRP A 81 -4.47 23.92 13.05
CA TRP A 81 -5.77 24.13 13.71
C TRP A 81 -5.67 23.75 15.20
N LYS A 82 -4.93 22.68 15.55
CA LYS A 82 -4.74 22.28 16.99
C LYS A 82 -4.08 23.45 17.75
N HIS A 83 -3.07 24.12 17.16
CA HIS A 83 -2.41 25.29 17.79
C HIS A 83 -3.40 26.42 18.03
N ALA A 84 -4.26 26.71 17.06
CA ALA A 84 -5.27 27.78 17.15
C ALA A 84 -6.16 27.53 18.36
N VAL A 85 -6.65 26.30 18.50
CA VAL A 85 -7.61 25.98 19.59
C VAL A 85 -6.86 25.96 20.94
N THR A 86 -5.63 25.50 20.96
CA THR A 86 -4.77 25.46 22.18
C THR A 86 -4.55 26.89 22.70
N VAL A 87 -4.27 27.81 21.79
CA VAL A 87 -3.98 29.24 22.14
C VAL A 87 -5.26 29.90 22.64
N ALA A 88 -6.43 29.59 22.03
CA ALA A 88 -7.74 30.07 22.50
C ALA A 88 -8.02 29.53 23.91
N HIS A 89 -7.69 28.28 24.18
CA HIS A 89 -7.96 27.72 25.54
C HIS A 89 -7.13 28.47 26.58
N CYS A 90 -5.84 28.71 26.36
CA CYS A 90 -5.03 29.45 27.36
C CYS A 90 -5.67 30.84 27.59
N MET A 91 -6.18 31.50 26.54
CA MET A 91 -6.86 32.82 26.70
C MET A 91 -8.13 32.66 27.53
N TYR A 92 -8.88 31.57 27.31
CA TYR A 92 -10.10 31.27 28.09
C TYR A 92 -9.73 31.20 29.60
N ALA A 93 -8.66 30.47 29.92
CA ALA A 93 -8.21 30.24 31.31
C ALA A 93 -7.82 31.60 31.92
N ILE A 94 -7.18 32.48 31.15
CA ILE A 94 -6.77 33.83 31.66
C ILE A 94 -8.04 34.65 31.95
N LEU A 95 -8.95 34.71 31.00
CA LEU A 95 -10.20 35.49 31.12
C LEU A 95 -11.01 34.96 32.31
N GLN A 96 -11.10 33.65 32.50
CA GLN A 96 -12.00 33.10 33.54
C GLN A 96 -11.39 33.37 34.92
N ASN A 97 -10.06 33.47 35.01
CA ASN A 97 -9.35 33.69 36.30
C ASN A 97 -9.27 35.19 36.63
N ASN A 98 -9.79 36.08 35.78
CA ASN A 98 -9.71 37.56 35.88
C ASN A 98 -11.06 38.14 35.47
N HIS A 99 -12.12 37.57 36.03
CA HIS A 99 -13.55 37.82 35.71
C HIS A 99 -13.76 39.31 35.38
N THR A 100 -13.45 40.18 36.32
CA THR A 100 -13.95 41.59 36.31
C THR A 100 -12.99 42.55 35.61
N LEU A 101 -11.84 42.12 35.10
CA LEU A 101 -10.83 43.06 34.54
C LEU A 101 -11.14 43.39 33.08
N PHE A 102 -11.95 42.61 32.36
CA PHE A 102 -12.03 42.79 30.89
C PHE A 102 -13.41 43.24 30.48
N THR A 103 -13.48 44.05 29.43
CA THR A 103 -14.75 44.59 28.89
C THR A 103 -15.47 43.46 28.13
N ASP A 104 -16.73 43.70 27.80
CA ASP A 104 -17.58 42.76 27.01
C ASP A 104 -16.98 42.56 25.60
N LEU A 105 -16.52 43.64 24.97
CA LEU A 105 -15.92 43.59 23.62
C LEU A 105 -14.60 42.82 23.67
N GLU A 106 -13.83 42.99 24.74
CA GLU A 106 -12.52 42.30 24.88
C GLU A 106 -12.77 40.79 24.95
N ARG A 107 -13.74 40.37 25.76
CA ARG A 107 -14.13 38.95 25.88
C ARG A 107 -14.48 38.33 24.51
N LYS A 108 -15.36 38.99 23.76
CA LYS A 108 -15.74 38.65 22.36
C LYS A 108 -14.50 38.56 21.47
N GLY A 109 -13.71 39.63 21.42
CA GLY A 109 -12.63 39.79 20.42
C GLY A 109 -11.50 38.81 20.64
N LEU A 110 -11.12 38.57 21.89
CA LEU A 110 -9.82 37.91 22.24
C LEU A 110 -9.88 36.40 21.96
N LEU A 111 -10.98 35.70 22.17
CA LEU A 111 -11.02 34.24 21.84
C LEU A 111 -11.00 34.08 20.33
N ILE A 112 -11.75 34.93 19.64
CA ILE A 112 -11.75 34.96 18.15
C ILE A 112 -10.31 35.26 17.68
N ALA A 113 -9.66 36.27 18.26
CA ALA A 113 -8.29 36.67 17.84
C ALA A 113 -7.38 35.46 17.95
N CYS A 114 -7.47 34.72 19.05
CA CYS A 114 -6.62 33.55 19.34
C CYS A 114 -6.89 32.44 18.32
N LEU A 115 -8.16 32.15 18.03
CA LEU A 115 -8.55 31.14 17.02
C LEU A 115 -7.99 31.53 15.65
N CYS A 116 -7.96 32.83 15.33
CA CYS A 116 -7.55 33.30 13.95
C CYS A 116 -6.08 33.69 13.85
N HIS A 117 -5.31 33.63 14.94
CA HIS A 117 -4.04 34.41 15.02
C HIS A 117 -2.97 33.85 14.06
N ASP A 118 -3.07 32.60 13.61
CA ASP A 118 -2.06 32.03 12.66
C ASP A 118 -2.73 31.52 11.35
N LEU A 119 -3.87 32.10 11.00
CA LEU A 119 -4.67 31.70 9.80
C LEU A 119 -3.76 31.60 8.57
N ASP A 120 -3.74 30.44 7.90
CA ASP A 120 -3.09 30.29 6.56
C ASP A 120 -1.58 30.35 6.74
N HIS A 121 -1.07 29.94 7.90
CA HIS A 121 0.38 29.84 8.16
C HIS A 121 0.97 28.75 7.27
N ARG A 122 2.18 28.94 6.76
CA ARG A 122 2.78 27.98 5.81
C ARG A 122 3.89 27.17 6.49
N GLY A 123 4.13 27.38 7.77
CA GLY A 123 5.22 26.71 8.52
C GLY A 123 6.57 27.42 8.36
N PHE A 124 6.59 28.66 7.89
CA PHE A 124 7.84 29.44 7.63
C PHE A 124 7.77 30.77 8.38
N SER A 125 8.91 31.19 8.90
CA SER A 125 9.08 32.50 9.60
C SER A 125 9.01 33.68 8.63
N ASN A 126 8.78 34.86 9.21
CA ASN A 126 8.86 36.15 8.51
C ASN A 126 10.21 36.23 7.80
N SER A 127 11.28 35.87 8.50
CA SER A 127 12.66 35.98 7.97
C SER A 127 12.79 35.12 6.69
N TYR A 128 12.22 33.89 6.65
CA TYR A 128 12.32 33.05 5.42
C TYR A 128 11.52 33.69 4.26
N LEU A 129 10.31 34.19 4.49
CA LEU A 129 9.51 34.90 3.46
C LEU A 129 10.35 36.05 2.86
N GLN A 130 11.08 36.80 3.68
CA GLN A 130 11.88 37.97 3.20
C GLN A 130 13.05 37.44 2.36
N LYS A 131 13.76 36.42 2.84
CA LYS A 131 14.90 35.85 2.09
C LYS A 131 14.42 35.18 0.79
N PHE A 132 13.25 34.54 0.81
CA PHE A 132 12.74 33.87 -0.40
C PHE A 132 12.28 34.92 -1.41
N ASP A 133 11.90 36.11 -0.91
CA ASP A 133 11.29 37.22 -1.66
C ASP A 133 9.82 36.82 -1.98
N HIS A 134 9.12 36.27 -1.00
CA HIS A 134 7.69 35.90 -1.17
C HIS A 134 6.91 37.19 -1.44
N PRO A 135 5.86 37.18 -2.28
CA PRO A 135 4.99 38.35 -2.46
C PRO A 135 4.45 38.99 -1.18
N LEU A 136 4.14 38.19 -0.14
CA LEU A 136 3.65 38.73 1.16
C LEU A 136 4.68 39.67 1.79
N ALA A 137 5.98 39.45 1.57
CA ALA A 137 7.06 40.30 2.13
C ALA A 137 7.09 41.66 1.43
N ALA A 138 6.58 41.77 0.20
CA ALA A 138 6.43 43.08 -0.49
C ALA A 138 5.14 43.75 -0.01
N LEU A 139 4.05 43.03 0.19
CA LEU A 139 2.77 43.60 0.63
C LEU A 139 2.88 44.09 2.09
N TYR A 140 3.62 43.38 2.95
CA TYR A 140 3.71 43.61 4.43
C TYR A 140 5.19 43.55 4.86
N SER A 141 5.83 44.71 5.03
CA SER A 141 7.31 44.76 5.18
C SER A 141 7.71 44.35 6.59
N THR A 142 6.88 44.57 7.60
CA THR A 142 7.13 44.04 8.97
C THR A 142 5.92 43.28 9.47
N SER A 143 6.16 42.41 10.43
CA SER A 143 5.15 41.48 10.97
C SER A 143 4.42 40.81 9.81
N THR A 144 5.17 40.29 8.82
CA THR A 144 4.64 39.89 7.49
C THR A 144 3.50 38.87 7.71
N MET A 145 3.78 37.76 8.39
CA MET A 145 2.74 36.70 8.47
C MET A 145 1.58 37.23 9.29
N GLU A 146 1.85 38.05 10.30
CA GLU A 146 0.78 38.47 11.26
C GLU A 146 -0.18 39.43 10.52
N GLN A 147 0.31 40.29 9.64
CA GLN A 147 -0.60 41.16 8.83
C GLN A 147 -1.47 40.25 7.95
N HIS A 148 -0.90 39.18 7.41
CA HIS A 148 -1.63 38.21 6.58
C HIS A 148 -2.70 37.52 7.41
N HIS A 149 -2.38 37.04 8.61
CA HIS A 149 -3.38 36.38 9.49
C HIS A 149 -4.55 37.34 9.75
N PHE A 150 -4.27 38.63 10.01
CA PHE A 150 -5.41 39.55 10.26
C PHE A 150 -6.26 39.76 8.97
N SER A 151 -5.58 39.86 7.83
CA SER A 151 -6.24 39.99 6.50
C SER A 151 -7.14 38.77 6.24
N GLN A 152 -6.66 37.56 6.55
CA GLN A 152 -7.45 36.30 6.40
C GLN A 152 -8.65 36.30 7.36
N THR A 153 -8.49 36.85 8.56
CA THR A 153 -9.61 36.94 9.52
C THR A 153 -10.73 37.86 8.98
N VAL A 154 -10.38 39.04 8.50
CA VAL A 154 -11.36 39.98 7.88
C VAL A 154 -12.06 39.31 6.68
N SER A 155 -11.33 38.63 5.80
CA SER A 155 -11.93 37.86 4.66
C SER A 155 -13.03 36.92 5.11
N ILE A 156 -12.77 36.13 6.14
CA ILE A 156 -13.71 35.08 6.60
C ILE A 156 -14.90 35.81 7.23
N LEU A 157 -14.66 36.88 8.00
CA LEU A 157 -15.80 37.66 8.61
C LEU A 157 -16.74 38.20 7.52
N GLN A 158 -16.25 38.41 6.30
CA GLN A 158 -17.03 39.04 5.21
C GLN A 158 -17.69 38.00 4.30
N LEU A 159 -17.45 36.70 4.51
CA LEU A 159 -18.19 35.65 3.76
C LEU A 159 -19.67 35.77 4.15
N GLU A 160 -20.60 35.41 3.27
CA GLU A 160 -22.04 35.40 3.59
C GLU A 160 -22.32 34.50 4.79
N GLY A 161 -23.11 34.99 5.76
CA GLY A 161 -23.52 34.22 6.95
C GLY A 161 -22.39 33.98 7.95
N HIS A 162 -21.26 34.67 7.83
CA HIS A 162 -20.06 34.49 8.71
C HIS A 162 -19.87 35.71 9.60
N ASN A 163 -20.80 36.68 9.58
CA ASN A 163 -20.59 37.88 10.42
C ASN A 163 -21.14 37.68 11.82
N ILE A 164 -20.28 37.15 12.67
CA ILE A 164 -20.57 36.82 14.08
C ILE A 164 -20.72 38.12 14.87
N PHE A 165 -20.27 39.27 14.35
CA PHE A 165 -20.33 40.58 15.06
C PHE A 165 -21.52 41.43 14.56
N SER A 166 -22.41 40.87 13.74
CA SER A 166 -23.43 41.62 12.96
C SER A 166 -24.33 42.48 13.87
N THR A 167 -24.53 42.06 15.11
CA THR A 167 -25.43 42.72 16.10
C THR A 167 -24.74 43.91 16.79
N LEU A 168 -23.44 44.16 16.56
CA LEU A 168 -22.71 45.28 17.20
C LEU A 168 -22.95 46.55 16.42
N SER A 169 -22.95 47.70 17.10
CA SER A 169 -22.99 49.03 16.44
C SER A 169 -21.78 49.17 15.53
N SER A 170 -21.85 50.12 14.61
CA SER A 170 -20.75 50.44 13.68
C SER A 170 -19.43 50.73 14.45
N SER A 171 -19.51 51.43 15.59
CA SER A 171 -18.31 51.85 16.36
C SER A 171 -17.80 50.71 17.26
N GLU A 172 -18.69 49.93 17.86
CA GLU A 172 -18.34 48.68 18.59
C GLU A 172 -17.68 47.68 17.63
N TYR A 173 -18.20 47.52 16.42
CA TYR A 173 -17.65 46.63 15.36
C TYR A 173 -16.21 47.09 15.08
N GLU A 174 -15.99 48.40 14.86
CA GLU A 174 -14.63 48.95 14.59
C GLU A 174 -13.68 48.72 15.78
N GLN A 175 -14.18 48.93 16.99
CA GLN A 175 -13.42 48.65 18.23
C GLN A 175 -13.02 47.17 18.35
N VAL A 176 -13.93 46.22 18.10
CA VAL A 176 -13.63 44.76 18.25
C VAL A 176 -12.60 44.39 17.17
N LEU A 177 -12.71 44.93 15.95
CA LEU A 177 -11.74 44.58 14.87
C LEU A 177 -10.39 45.16 15.22
N GLU A 178 -10.36 46.30 15.92
CA GLU A 178 -9.08 46.92 16.37
C GLU A 178 -8.47 46.08 17.52
N ILE A 179 -9.26 45.60 18.46
CA ILE A 179 -8.74 44.64 19.47
C ILE A 179 -8.11 43.42 18.78
N ILE A 180 -8.80 42.84 17.80
CA ILE A 180 -8.35 41.60 17.09
C ILE A 180 -7.05 41.94 16.34
N ARG A 181 -7.01 43.06 15.63
CA ARG A 181 -5.84 43.42 14.80
C ARG A 181 -4.62 43.54 15.73
N LYS A 182 -4.73 44.31 16.81
CA LYS A 182 -3.57 44.55 17.71
C LYS A 182 -3.15 43.22 18.34
N ALA A 183 -4.12 42.37 18.75
CA ALA A 183 -3.85 41.09 19.46
C ALA A 183 -3.11 40.16 18.51
N ILE A 184 -3.50 40.16 17.23
CA ILE A 184 -2.82 39.29 16.22
C ILE A 184 -1.43 39.86 15.90
N ILE A 185 -1.28 41.16 15.67
CA ILE A 185 0.07 41.75 15.41
C ILE A 185 1.00 41.44 16.60
N ALA A 186 0.48 41.50 17.84
CA ALA A 186 1.32 41.27 19.05
C ALA A 186 1.94 39.86 19.06
N THR A 187 1.39 38.88 18.33
CA THR A 187 1.94 37.50 18.29
C THR A 187 3.23 37.44 17.47
N ASP A 188 3.65 38.53 16.85
CA ASP A 188 5.01 38.60 16.23
C ASP A 188 6.02 38.68 17.38
N LEU A 189 6.72 37.58 17.66
CA LEU A 189 7.66 37.50 18.81
C LEU A 189 8.73 38.63 18.75
N ALA A 190 9.08 39.15 17.56
CA ALA A 190 10.07 40.24 17.44
C ALA A 190 9.57 41.44 18.24
N LEU A 191 8.26 41.60 18.39
CA LEU A 191 7.65 42.79 19.05
C LEU A 191 7.53 42.56 20.58
N TYR A 192 7.60 41.31 21.02
CA TYR A 192 7.38 40.90 22.44
C TYR A 192 8.43 41.58 23.37
N PHE A 193 9.71 41.54 23.00
CA PHE A 193 10.85 41.99 23.86
C PHE A 193 10.59 43.44 24.34
N GLY A 194 10.31 44.34 23.41
CA GLY A 194 10.10 45.75 23.73
C GLY A 194 8.81 45.94 24.47
N ASN A 195 7.76 45.22 24.10
CA ASN A 195 6.46 45.34 24.83
C ASN A 195 6.68 44.97 26.30
N ARG A 196 7.32 43.83 26.54
CA ARG A 196 7.53 43.37 27.94
C ARG A 196 8.42 44.38 28.70
N LYS A 197 9.47 44.93 28.11
CA LYS A 197 10.36 45.88 28.85
C LYS A 197 9.53 47.09 29.28
N GLN A 198 8.68 47.60 28.41
CA GLN A 198 7.87 48.79 28.72
C GLN A 198 6.90 48.44 29.85
N LEU A 199 6.29 47.26 29.81
CA LEU A 199 5.38 46.81 30.89
C LEU A 199 6.18 46.63 32.20
N GLU A 200 7.40 46.11 32.14
CA GLU A 200 8.28 45.96 33.33
C GLU A 200 8.45 47.37 33.97
N GLU A 201 8.87 48.38 33.19
CA GLU A 201 9.17 49.75 33.69
C GLU A 201 7.88 50.34 34.26
N MET A 202 6.77 50.23 33.53
CA MET A 202 5.47 50.77 33.97
C MET A 202 5.06 50.13 35.30
N TYR A 203 5.10 48.80 35.42
CA TYR A 203 4.70 48.12 36.69
C TYR A 203 5.61 48.58 37.84
N GLN A 204 6.93 48.65 37.61
CA GLN A 204 7.97 48.91 38.66
C GLN A 204 8.03 50.39 39.08
N THR A 205 7.66 51.33 38.23
CA THR A 205 7.59 52.77 38.57
C THR A 205 6.16 53.12 38.97
N GLY A 206 5.25 52.16 38.92
CA GLY A 206 3.86 52.37 39.40
C GLY A 206 3.02 53.22 38.46
N SER A 207 3.48 53.48 37.23
CA SER A 207 2.71 54.24 36.22
C SER A 207 1.67 53.36 35.46
N LEU A 208 1.65 52.05 35.65
CA LEU A 208 0.73 51.18 34.86
C LEU A 208 -0.71 51.56 35.20
N ASN A 209 -1.53 51.87 34.20
CA ASN A 209 -2.92 52.30 34.42
C ASN A 209 -3.87 51.57 33.46
N LEU A 210 -4.70 50.68 33.97
CA LEU A 210 -5.59 49.83 33.10
C LEU A 210 -6.76 50.64 32.54
N ASN A 211 -6.93 51.93 32.89
CA ASN A 211 -7.92 52.81 32.21
C ASN A 211 -7.26 53.52 31.02
N ASN A 212 -5.93 53.50 30.94
CA ASN A 212 -5.19 54.02 29.78
C ASN A 212 -5.30 52.96 28.68
N GLN A 213 -5.96 53.28 27.58
CA GLN A 213 -6.12 52.38 26.41
C GLN A 213 -4.77 51.87 25.90
N SER A 214 -3.75 52.70 25.75
CA SER A 214 -2.42 52.30 25.22
C SER A 214 -1.74 51.31 26.19
N HIS A 215 -2.12 51.34 27.47
CA HIS A 215 -1.62 50.40 28.51
C HIS A 215 -2.38 49.08 28.37
N ARG A 216 -3.72 49.12 28.28
CA ARG A 216 -4.53 47.90 28.05
C ARG A 216 -4.01 47.17 26.82
N ASP A 217 -3.73 47.91 25.74
CA ASP A 217 -3.18 47.33 24.50
C ASP A 217 -1.91 46.54 24.84
N ARG A 218 -1.01 47.11 25.65
CA ARG A 218 0.27 46.42 25.96
C ARG A 218 0.02 45.13 26.75
N VAL A 219 -0.92 45.19 27.69
CA VAL A 219 -1.25 44.05 28.59
C VAL A 219 -1.91 42.96 27.75
N ILE A 220 -2.80 43.32 26.83
CA ILE A 220 -3.38 42.32 25.89
C ILE A 220 -2.28 41.72 24.99
N GLY A 221 -1.34 42.51 24.52
CA GLY A 221 -0.22 42.00 23.73
C GLY A 221 0.56 40.93 24.48
N LEU A 222 0.82 41.18 25.75
CA LEU A 222 1.56 40.21 26.60
C LEU A 222 0.71 38.96 26.84
N MET A 223 -0.59 39.09 27.12
CA MET A 223 -1.53 37.93 27.18
C MET A 223 -1.40 37.11 25.89
N MET A 224 -1.35 37.76 24.71
CA MET A 224 -1.23 37.05 23.43
C MET A 224 0.08 36.26 23.34
N THR A 225 1.23 36.85 23.72
CA THR A 225 2.51 36.12 23.73
C THR A 225 2.38 34.91 24.66
N ALA A 226 1.82 35.12 25.86
CA ALA A 226 1.68 34.10 26.91
C ALA A 226 0.87 32.92 26.36
N CYS A 227 -0.26 33.20 25.70
CA CYS A 227 -1.14 32.16 25.16
C CYS A 227 -0.42 31.45 24.00
N ASP A 228 0.19 32.23 23.10
CA ASP A 228 0.91 31.68 21.94
C ASP A 228 2.03 30.73 22.36
N LEU A 229 2.75 31.01 23.46
CA LEU A 229 3.91 30.18 23.87
C LEU A 229 3.47 29.06 24.85
N CYS A 230 2.18 28.85 25.05
CA CYS A 230 1.64 28.07 26.20
C CYS A 230 2.05 26.58 26.12
N SER A 231 2.72 26.09 25.07
CA SER A 231 3.26 24.70 25.12
C SER A 231 4.23 24.55 26.31
N VAL A 232 4.88 25.64 26.72
CA VAL A 232 5.91 25.56 27.80
C VAL A 232 5.22 25.53 29.17
N THR A 233 3.89 25.60 29.24
CA THR A 233 3.14 25.67 30.52
C THR A 233 2.34 24.40 30.74
N LYS A 234 2.56 23.39 29.90
CA LYS A 234 1.78 22.12 29.94
C LYS A 234 2.49 21.13 30.88
N LEU A 235 1.89 19.97 31.09
CA LEU A 235 2.62 18.87 31.75
C LEU A 235 3.78 18.46 30.85
N TRP A 236 4.89 18.05 31.47
CA TRP A 236 6.16 17.76 30.76
C TRP A 236 5.93 16.90 29.51
N PRO A 237 5.22 15.75 29.53
CA PRO A 237 5.09 14.93 28.31
C PRO A 237 4.43 15.69 27.14
N VAL A 238 3.49 16.59 27.43
CA VAL A 238 2.86 17.47 26.38
C VAL A 238 3.91 18.46 25.87
N THR A 239 4.60 19.14 26.78
CA THR A 239 5.67 20.11 26.45
C THR A 239 6.67 19.46 25.50
N LYS A 240 7.13 18.28 25.89
CA LYS A 240 8.23 17.60 25.21
C LYS A 240 7.76 17.14 23.83
N LEU A 241 6.53 16.63 23.67
CA LEU A 241 6.02 16.12 22.37
C LEU A 241 5.66 17.31 21.48
N THR A 242 5.14 18.39 22.02
CA THR A 242 4.93 19.63 21.21
C THR A 242 6.26 20.17 20.67
N ALA A 243 7.34 20.14 21.44
CA ALA A 243 8.67 20.61 20.98
C ALA A 243 9.08 19.87 19.71
N ASN A 244 8.77 18.56 19.61
CA ASN A 244 9.04 17.79 18.36
C ASN A 244 8.37 18.46 17.16
N ASP A 245 7.13 18.95 17.29
CA ASP A 245 6.38 19.51 16.15
C ASP A 245 7.01 20.87 15.81
N ILE A 246 7.39 21.63 16.84
CA ILE A 246 7.99 22.97 16.67
C ILE A 246 9.26 22.82 15.84
N TYR A 247 10.13 21.90 16.20
CA TYR A 247 11.43 21.73 15.49
C TYR A 247 11.22 21.07 14.12
N ALA A 248 10.18 20.28 13.91
CA ALA A 248 9.91 19.67 12.60
C ALA A 248 9.67 20.81 11.61
N GLU A 249 8.95 21.86 12.01
CA GLU A 249 8.81 23.06 11.15
C GLU A 249 10.16 23.74 11.00
N PHE A 250 10.84 24.05 12.11
CA PHE A 250 12.07 24.88 12.02
C PHE A 250 13.09 24.20 11.11
N TRP A 251 13.23 22.89 11.24
CA TRP A 251 14.23 22.12 10.46
C TRP A 251 13.87 22.08 8.96
N ALA A 252 12.57 22.03 8.61
CA ALA A 252 12.16 22.13 7.20
C ALA A 252 12.51 23.53 6.68
N GLU A 253 12.31 24.59 7.48
CA GLU A 253 12.71 25.96 7.07
C GLU A 253 14.23 25.98 6.88
N GLY A 254 14.99 25.37 7.81
CA GLY A 254 16.46 25.30 7.67
C GLY A 254 16.86 24.62 6.38
N ASP A 255 16.17 23.55 6.00
CA ASP A 255 16.44 22.85 4.71
C ASP A 255 16.24 23.83 3.55
N GLU A 256 15.16 24.61 3.59
CA GLU A 256 14.79 25.60 2.53
C GLU A 256 15.78 26.77 2.51
N MET A 257 16.28 27.20 3.69
CA MET A 257 17.43 28.16 3.77
C MET A 257 18.61 27.54 2.99
N LYS A 258 18.94 26.26 3.22
CA LYS A 258 20.10 25.62 2.55
C LYS A 258 19.87 25.61 1.03
N LYS A 259 18.64 25.39 0.59
CA LYS A 259 18.28 25.43 -0.86
C LYS A 259 18.43 26.82 -1.46
N LEU A 260 18.27 27.90 -0.70
CA LEU A 260 18.58 29.26 -1.17
C LEU A 260 20.08 29.58 -1.05
N GLY A 261 20.93 28.67 -0.55
CA GLY A 261 22.38 28.90 -0.37
C GLY A 261 22.67 29.80 0.83
N ILE A 262 21.93 29.65 1.93
CA ILE A 262 22.10 30.41 3.20
C ILE A 262 22.19 29.37 4.34
N GLN A 263 23.27 29.36 5.12
CA GLN A 263 23.39 28.52 6.33
C GLN A 263 22.31 29.00 7.29
N PRO A 264 21.36 28.15 7.68
CA PRO A 264 20.35 28.59 8.63
C PRO A 264 20.97 28.82 10.02
N ILE A 265 20.28 29.50 10.92
CA ILE A 265 20.73 29.50 12.35
C ILE A 265 20.67 28.08 12.90
N PRO A 266 21.44 27.77 13.97
CA PRO A 266 21.46 26.43 14.53
C PRO A 266 20.05 25.91 14.93
N MET A 267 19.19 26.79 15.41
CA MET A 267 17.81 26.45 15.85
C MET A 267 17.06 25.76 14.70
N MET A 268 17.42 26.02 13.44
CA MET A 268 16.69 25.55 12.24
C MET A 268 17.53 24.51 11.47
N ASP A 269 18.69 24.13 11.98
CA ASP A 269 19.58 23.18 11.27
C ASP A 269 19.44 21.80 11.93
N ARG A 270 18.82 20.85 11.23
CA ARG A 270 18.60 19.49 11.79
C ARG A 270 19.95 18.85 12.13
N ASP A 271 21.04 19.22 11.48
CA ASP A 271 22.38 18.65 11.80
C ASP A 271 22.80 19.01 13.22
N LYS A 272 22.19 20.03 13.85
CA LYS A 272 22.52 20.49 15.23
C LYS A 272 21.41 20.16 16.23
N LYS A 273 20.63 19.08 16.00
CA LYS A 273 19.61 18.48 16.91
C LYS A 273 20.10 18.29 18.34
N ASP A 274 21.35 17.81 18.48
CA ASP A 274 22.08 17.57 19.76
C ASP A 274 22.00 18.81 20.68
N GLU A 275 21.94 20.04 20.14
CA GLU A 275 21.94 21.30 20.95
C GLU A 275 20.52 21.77 21.36
N VAL A 276 19.48 20.97 21.13
CA VAL A 276 18.09 21.38 21.45
C VAL A 276 17.95 21.68 22.95
N PRO A 277 18.43 20.78 23.83
CA PRO A 277 18.30 20.98 25.27
C PRO A 277 18.83 22.35 25.74
N GLN A 278 20.04 22.75 25.31
CA GLN A 278 20.62 24.08 25.67
C GLN A 278 19.85 25.24 25.02
N GLY A 279 19.39 25.06 23.77
CA GLY A 279 18.51 26.03 23.09
C GLY A 279 17.22 26.24 23.86
N GLN A 280 16.66 25.17 24.41
CA GLN A 280 15.45 25.29 25.28
C GLN A 280 15.78 26.13 26.51
N LEU A 281 16.90 25.88 27.22
CA LEU A 281 17.28 26.72 28.41
C LEU A 281 17.31 28.22 28.06
N GLY A 282 18.01 28.59 26.97
CA GLY A 282 18.10 29.98 26.49
C GLY A 282 16.72 30.58 26.36
N PHE A 283 15.82 29.81 25.71
CA PHE A 283 14.44 30.23 25.36
C PHE A 283 13.67 30.45 26.64
N TYR A 284 13.77 29.51 27.61
CA TYR A 284 13.02 29.64 28.88
C TYR A 284 13.51 30.91 29.60
N ASN A 285 14.82 31.09 29.67
CA ASN A 285 15.45 32.20 30.45
C ASN A 285 15.22 33.54 29.72
N ALA A 286 15.32 33.59 28.38
CA ALA A 286 15.25 34.88 27.64
C ALA A 286 13.83 35.28 27.26
N VAL A 287 12.92 34.30 27.09
CA VAL A 287 11.57 34.62 26.54
C VAL A 287 10.49 34.18 27.52
N ALA A 288 10.38 32.88 27.74
CA ALA A 288 9.18 32.32 28.40
C ALA A 288 9.08 32.80 29.85
N ILE A 289 10.10 32.58 30.68
CA ILE A 289 10.00 32.89 32.14
C ILE A 289 9.75 34.39 32.35
N PRO A 290 10.52 35.29 31.70
CA PRO A 290 10.20 36.74 31.74
C PRO A 290 8.76 37.10 31.34
N CYS A 291 8.20 36.41 30.31
CA CYS A 291 6.79 36.61 29.83
C CYS A 291 5.80 36.34 30.97
N TYR A 292 5.87 35.14 31.54
CA TYR A 292 4.90 34.69 32.58
C TYR A 292 5.16 35.44 33.90
N THR A 293 6.41 35.80 34.18
CA THR A 293 6.76 36.65 35.37
C THR A 293 6.02 37.99 35.29
N THR A 294 6.18 38.75 34.19
CA THR A 294 5.53 40.09 34.05
C THR A 294 4.01 39.88 34.05
N LEU A 295 3.53 38.81 33.42
CA LEU A 295 2.06 38.59 33.32
C LEU A 295 1.54 38.37 34.74
N THR A 296 2.31 37.66 35.58
CA THR A 296 1.86 37.33 36.94
C THR A 296 1.87 38.61 37.81
N GLN A 297 2.84 39.49 37.62
CA GLN A 297 2.86 40.81 38.32
C GLN A 297 1.58 41.57 37.96
N ILE A 298 1.22 41.64 36.67
CA ILE A 298 0.03 42.43 36.28
C ILE A 298 -1.27 41.70 36.63
N LEU A 299 -1.31 40.38 36.44
CA LEU A 299 -2.54 39.59 36.63
C LEU A 299 -2.21 38.42 37.56
N PRO A 300 -2.19 38.68 38.88
CA PRO A 300 -1.78 37.65 39.83
C PRO A 300 -2.44 36.29 39.60
N PRO A 301 -3.74 36.15 39.30
CA PRO A 301 -4.29 34.80 39.08
C PRO A 301 -3.69 33.94 37.93
N THR A 302 -2.81 34.48 37.08
CA THR A 302 -2.11 33.73 36.00
C THR A 302 -0.83 33.07 36.55
N GLU A 303 -0.64 33.06 37.85
CA GLU A 303 0.61 32.51 38.44
C GLU A 303 0.80 31.03 38.06
N PRO A 304 -0.25 30.19 37.94
CA PRO A 304 -0.02 28.78 37.58
C PRO A 304 0.77 28.60 36.26
N LEU A 305 0.59 29.53 35.30
CA LEU A 305 1.36 29.52 34.02
C LEU A 305 2.85 29.63 34.35
N LEU A 306 3.21 30.57 35.21
CA LEU A 306 4.63 30.79 35.60
C LEU A 306 5.19 29.55 36.32
N LYS A 307 4.40 29.00 37.24
CA LYS A 307 4.84 27.82 38.04
C LYS A 307 5.11 26.64 37.07
N ALA A 308 4.22 26.41 36.10
CA ALA A 308 4.37 25.28 35.13
C ALA A 308 5.59 25.50 34.23
N CYS A 309 5.86 26.74 33.87
CA CYS A 309 6.99 27.08 32.99
C CYS A 309 8.30 26.75 33.74
N ARG A 310 8.35 27.14 35.02
CA ARG A 310 9.54 26.85 35.85
CA ARG A 310 9.48 26.86 35.94
C ARG A 310 9.69 25.34 36.02
N ASP A 311 8.59 24.60 36.18
CA ASP A 311 8.67 23.10 36.29
C ASP A 311 9.32 22.57 35.02
N ASN A 312 8.91 23.07 33.84
CA ASN A 312 9.44 22.59 32.54
C ASN A 312 10.89 23.03 32.36
N LEU A 313 11.28 24.21 32.83
CA LEU A 313 12.72 24.58 32.74
C LEU A 313 13.53 23.54 33.50
N SER A 314 13.03 23.18 34.67
CA SER A 314 13.74 22.20 35.54
C SER A 314 13.82 20.86 34.82
N GLN A 315 12.79 20.43 34.08
CA GLN A 315 12.86 19.17 33.25
C GLN A 315 13.92 19.28 32.14
N TRP A 316 14.03 20.40 31.40
CA TRP A 316 15.10 20.58 30.38
C TRP A 316 16.47 20.55 31.09
N GLU A 317 16.55 21.09 32.28
CA GLU A 317 17.84 21.00 33.00
C GLU A 317 18.19 19.54 33.32
N LYS A 318 17.22 18.74 33.73
CA LYS A 318 17.44 17.28 33.91
C LYS A 318 17.90 16.66 32.60
N VAL A 319 17.31 17.02 31.46
CA VAL A 319 17.73 16.39 30.17
C VAL A 319 19.23 16.69 29.98
N ILE A 320 19.67 17.92 30.23
CA ILE A 320 21.10 18.30 30.02
C ILE A 320 21.99 17.47 30.96
N ARG A 321 21.55 17.22 32.20
CA ARG A 321 22.33 16.41 33.20
C ARG A 321 22.28 14.90 32.90
N GLY A 322 21.69 14.48 31.77
CA GLY A 322 21.54 13.06 31.37
C GLY A 322 20.66 12.24 32.33
N GLU A 323 19.83 12.89 33.15
CA GLU A 323 18.82 12.23 34.04
C GLU A 323 17.51 11.98 33.28
N GLU A 324 17.43 12.40 32.01
CA GLU A 324 16.48 11.95 30.94
C GLU A 324 16.83 12.65 29.62
N GLN B 11 -27.79 -5.81 -18.25
CA GLN B 11 -26.51 -5.58 -17.51
C GLN B 11 -26.53 -6.36 -16.18
N GLY B 12 -26.66 -7.71 -16.24
CA GLY B 12 -26.73 -8.60 -15.07
C GLY B 12 -25.76 -9.79 -15.16
N LEU B 13 -25.33 -10.13 -16.38
CA LEU B 13 -24.26 -11.16 -16.66
C LEU B 13 -22.88 -10.46 -16.75
N MET B 14 -22.65 -9.48 -15.88
CA MET B 14 -21.32 -8.89 -15.61
C MET B 14 -20.70 -9.66 -14.44
N GLN B 15 -19.53 -10.24 -14.66
CA GLN B 15 -18.74 -10.81 -13.57
C GLN B 15 -17.46 -9.96 -13.45
N PHE B 16 -16.95 -9.82 -12.25
CA PHE B 16 -15.66 -9.12 -12.03
C PHE B 16 -14.54 -10.12 -12.31
N THR B 17 -13.54 -9.64 -13.02
CA THR B 17 -12.31 -10.37 -13.38
C THR B 17 -11.13 -9.62 -12.76
N LEU B 18 -10.13 -10.37 -12.36
CA LEU B 18 -8.88 -9.83 -11.85
C LEU B 18 -7.79 -10.24 -12.82
N PRO B 19 -6.67 -9.51 -12.84
CA PRO B 19 -5.47 -9.99 -13.51
C PRO B 19 -5.02 -11.38 -13.02
N VAL B 20 -4.44 -12.17 -13.91
CA VAL B 20 -3.99 -13.56 -13.65
C VAL B 20 -3.29 -13.69 -12.29
N ARG B 21 -2.29 -12.88 -11.95
CA ARG B 21 -1.53 -13.06 -10.68
C ARG B 21 -2.48 -12.93 -9.48
N LEU B 22 -3.43 -12.01 -9.51
CA LEU B 22 -4.39 -11.76 -8.39
C LEU B 22 -5.40 -12.92 -8.39
N CYS B 23 -5.93 -13.22 -9.56
CA CYS B 23 -6.94 -14.30 -9.74
C CYS B 23 -6.48 -15.56 -8.99
N LYS B 24 -5.23 -15.95 -9.20
CA LYS B 24 -4.65 -17.21 -8.67
C LYS B 24 -4.22 -17.02 -7.21
N GLU B 25 -3.75 -15.84 -6.80
CA GLU B 25 -3.22 -15.66 -5.43
C GLU B 25 -4.35 -15.36 -4.45
N ILE B 26 -5.47 -14.85 -4.92
CA ILE B 26 -6.53 -14.37 -3.98
C ILE B 26 -7.10 -15.58 -3.24
N GLU B 27 -6.94 -16.78 -3.81
CA GLU B 27 -7.51 -18.01 -3.22
C GLU B 27 -6.63 -18.45 -2.07
N LEU B 28 -5.37 -17.97 -1.96
CA LEU B 28 -4.44 -18.32 -0.86
C LEU B 28 -4.73 -17.48 0.41
N PHE B 29 -4.66 -18.12 1.58
CA PHE B 29 -4.83 -17.43 2.88
C PHE B 29 -3.81 -16.29 3.00
N HIS B 30 -2.60 -16.42 2.45
CA HIS B 30 -1.52 -15.41 2.70
C HIS B 30 -1.48 -14.29 1.63
N PHE B 31 -2.52 -14.18 0.81
CA PHE B 31 -2.66 -13.11 -0.21
C PHE B 31 -2.52 -11.74 0.47
N ASP B 32 -1.79 -10.84 -0.17
CA ASP B 32 -1.71 -9.41 0.23
C ASP B 32 -2.45 -8.63 -0.86
N ILE B 33 -3.36 -7.71 -0.48
CA ILE B 33 -4.24 -7.02 -1.47
C ILE B 33 -3.51 -5.91 -2.24
N GLY B 34 -2.24 -5.61 -1.94
CA GLY B 34 -1.46 -4.67 -2.74
C GLY B 34 -1.65 -3.21 -2.34
N PRO B 35 -0.80 -2.32 -2.89
CA PRO B 35 -0.85 -0.89 -2.56
C PRO B 35 -1.70 0.02 -3.45
N PHE B 36 -2.43 -0.54 -4.40
CA PHE B 36 -3.34 0.19 -5.31
C PHE B 36 -4.75 0.23 -4.68
N GLU B 37 -5.04 1.32 -3.95
CA GLU B 37 -6.34 1.54 -3.25
C GLU B 37 -7.53 1.42 -4.20
N ASN B 38 -7.40 1.97 -5.43
CA ASN B 38 -8.51 1.96 -6.43
C ASN B 38 -8.92 0.54 -6.83
N MET B 39 -8.07 -0.46 -6.65
CA MET B 39 -8.40 -1.87 -6.97
C MET B 39 -9.13 -2.59 -5.81
N TRP B 40 -9.09 -2.06 -4.59
CA TRP B 40 -9.67 -2.79 -3.43
C TRP B 40 -11.18 -2.95 -3.60
N PRO B 41 -11.99 -1.95 -4.02
CA PRO B 41 -13.43 -2.16 -4.15
C PRO B 41 -13.73 -3.33 -5.12
N GLY B 42 -12.97 -3.42 -6.19
CA GLY B 42 -13.16 -4.47 -7.21
C GLY B 42 -12.80 -5.83 -6.67
N ILE B 43 -11.71 -5.92 -5.93
CA ILE B 43 -11.31 -7.16 -5.20
C ILE B 43 -12.46 -7.59 -4.26
N PHE B 44 -13.03 -6.66 -3.51
CA PHE B 44 -14.13 -7.00 -2.59
C PHE B 44 -15.33 -7.53 -3.39
N VAL B 45 -15.77 -6.86 -4.48
CA VAL B 45 -16.98 -7.29 -5.24
C VAL B 45 -16.71 -8.67 -5.83
N TYR B 46 -15.48 -8.92 -6.29
CA TYR B 46 -15.08 -10.24 -6.84
C TYR B 46 -15.25 -11.30 -5.77
N MET B 47 -14.83 -11.00 -4.53
CA MET B 47 -14.94 -11.97 -3.42
C MET B 47 -16.42 -12.24 -3.11
N VAL B 48 -17.25 -11.22 -3.05
CA VAL B 48 -18.72 -11.36 -2.84
C VAL B 48 -19.33 -12.23 -3.95
N HIS B 49 -18.99 -11.97 -5.21
CA HIS B 49 -19.64 -12.64 -6.35
C HIS B 49 -19.35 -14.13 -6.28
N ARG B 50 -18.11 -14.51 -5.98
CA ARG B 50 -17.64 -15.91 -5.93
C ARG B 50 -18.08 -16.60 -4.64
N SER B 51 -18.15 -15.92 -3.50
CA SER B 51 -18.40 -16.63 -2.21
C SER B 51 -19.89 -16.65 -1.92
N CYS B 52 -20.71 -15.74 -2.44
CA CYS B 52 -22.17 -15.93 -2.19
C CYS B 52 -23.04 -15.79 -3.43
N GLY B 53 -22.52 -15.27 -4.55
CA GLY B 53 -23.24 -15.25 -5.85
C GLY B 53 -23.36 -13.85 -6.46
N THR B 54 -23.50 -13.79 -7.80
CA THR B 54 -23.69 -12.54 -8.59
C THR B 54 -25.03 -11.87 -8.27
N SER B 55 -25.93 -12.60 -7.64
CA SER B 55 -27.32 -12.18 -7.38
C SER B 55 -27.52 -11.89 -5.89
N CYS B 56 -26.50 -12.09 -5.03
CA CYS B 56 -26.61 -11.82 -3.57
C CYS B 56 -27.02 -10.35 -3.35
N PHE B 57 -26.49 -9.44 -4.18
CA PHE B 57 -26.64 -7.97 -4.05
C PHE B 57 -26.84 -7.32 -5.43
N GLU B 58 -27.60 -6.25 -5.47
CA GLU B 58 -27.72 -5.43 -6.69
C GLU B 58 -26.42 -4.63 -6.82
N LEU B 59 -25.72 -4.71 -7.95
CA LEU B 59 -24.35 -4.21 -8.09
C LEU B 59 -24.31 -2.70 -7.80
N GLU B 60 -25.33 -1.94 -8.19
CA GLU B 60 -25.32 -0.48 -7.99
C GLU B 60 -25.39 -0.12 -6.51
N LYS B 61 -26.36 -0.68 -5.77
CA LYS B 61 -26.45 -0.54 -4.29
C LYS B 61 -25.12 -0.98 -3.64
N LEU B 62 -24.55 -2.12 -4.05
CA LEU B 62 -23.31 -2.69 -3.43
C LEU B 62 -22.15 -1.70 -3.60
N CME B 63 -21.96 -1.18 -4.81
CA CME B 63 -20.87 -0.23 -5.15
CB CME B 63 -20.70 -0.05 -6.67
SG CME B 63 -19.96 -1.45 -7.57
SD CME B 63 -17.99 -1.29 -6.99
CE CME B 63 -17.09 -0.98 -8.53
CZ CME B 63 -15.63 -1.17 -8.26
OH CME B 63 -14.86 -0.24 -8.95
C CME B 63 -21.09 1.07 -4.37
O CME B 63 -20.14 1.63 -3.81
N ARG B 64 -22.33 1.53 -4.27
CA ARG B 64 -22.68 2.73 -3.47
C ARG B 64 -22.31 2.50 -1.98
N PHE B 65 -22.68 1.34 -1.44
CA PHE B 65 -22.42 0.93 -0.03
C PHE B 65 -20.90 0.89 0.23
N ILE B 66 -20.16 0.20 -0.61
CA ILE B 66 -18.68 0.06 -0.51
C ILE B 66 -18.02 1.44 -0.46
N MET B 67 -18.39 2.36 -1.35
CA MET B 67 -17.76 3.69 -1.39
C MET B 67 -18.11 4.53 -0.14
N SER B 68 -19.32 4.43 0.41
CA SER B 68 -19.68 5.13 1.67
C SER B 68 -18.91 4.51 2.86
N VAL B 69 -18.68 3.20 2.84
CA VAL B 69 -17.91 2.51 3.91
C VAL B 69 -16.49 3.07 3.86
N LYS B 70 -15.84 3.05 2.69
CA LYS B 70 -14.45 3.55 2.52
C LYS B 70 -14.32 4.99 3.07
N LYS B 71 -15.24 5.84 2.68
CA LYS B 71 -15.25 7.27 3.09
C LYS B 71 -15.28 7.34 4.61
N ASN B 72 -15.85 6.34 5.29
CA ASN B 72 -16.04 6.40 6.76
C ASN B 72 -14.93 5.67 7.53
N TYR B 73 -13.88 5.22 6.85
CA TYR B 73 -12.59 4.81 7.47
C TYR B 73 -11.64 6.02 7.46
N ARG B 74 -10.80 6.13 8.45
CA ARG B 74 -9.92 7.31 8.59
C ARG B 74 -8.49 6.95 8.16
N ARG B 75 -7.69 7.98 7.94
CA ARG B 75 -6.30 7.83 7.45
C ARG B 75 -5.40 7.66 8.66
N VAL B 76 -5.52 6.51 9.30
CA VAL B 76 -4.71 6.09 10.46
C VAL B 76 -3.72 5.03 9.96
N PRO B 77 -2.63 4.77 10.71
CA PRO B 77 -1.57 3.89 10.21
C PRO B 77 -2.02 2.44 10.00
N TYR B 78 -2.96 1.94 10.79
CA TYR B 78 -3.32 0.49 10.77
C TYR B 78 -4.83 0.27 10.57
N HIS B 79 -5.69 0.83 11.43
CA HIS B 79 -7.18 0.62 11.42
C HIS B 79 -7.84 1.44 10.32
N ASN B 80 -7.42 1.20 9.09
CA ASN B 80 -7.80 1.97 7.88
C ASN B 80 -8.57 1.06 6.92
N TRP B 81 -8.94 1.62 5.78
CA TRP B 81 -9.68 0.92 4.73
C TRP B 81 -8.92 -0.33 4.27
N LYS B 82 -7.60 -0.26 4.21
CA LYS B 82 -6.78 -1.42 3.78
C LYS B 82 -6.99 -2.58 4.73
N HIS B 83 -7.08 -2.29 6.03
CA HIS B 83 -7.28 -3.36 7.06
C HIS B 83 -8.66 -3.97 6.84
N ALA B 84 -9.66 -3.15 6.57
CA ALA B 84 -11.04 -3.63 6.38
C ALA B 84 -11.09 -4.67 5.25
N VAL B 85 -10.46 -4.40 4.11
CA VAL B 85 -10.52 -5.29 2.91
C VAL B 85 -9.67 -6.53 3.17
N THR B 86 -8.54 -6.37 3.86
CA THR B 86 -7.64 -7.48 4.25
C THR B 86 -8.39 -8.48 5.14
N VAL B 87 -9.16 -7.99 6.09
CA VAL B 87 -9.90 -8.87 7.04
C VAL B 87 -11.01 -9.55 6.23
N ALA B 88 -11.68 -8.85 5.31
CA ALA B 88 -12.72 -9.44 4.44
C ALA B 88 -12.08 -10.52 3.56
N HIS B 89 -10.85 -10.31 3.05
CA HIS B 89 -10.15 -11.31 2.22
C HIS B 89 -9.91 -12.59 3.05
N CYS B 90 -9.49 -12.48 4.32
CA CYS B 90 -9.25 -13.66 5.16
C CYS B 90 -10.57 -14.42 5.34
N MET B 91 -11.68 -13.72 5.52
CA MET B 91 -12.98 -14.37 5.68
C MET B 91 -13.40 -15.04 4.36
N TYR B 92 -13.14 -14.40 3.23
CA TYR B 92 -13.38 -15.00 1.91
C TYR B 92 -12.67 -16.37 1.85
N ALA B 93 -11.38 -16.45 2.20
CA ALA B 93 -10.55 -17.67 2.14
C ALA B 93 -11.15 -18.76 3.06
N ILE B 94 -11.61 -18.40 4.25
CA ILE B 94 -12.24 -19.37 5.18
C ILE B 94 -13.52 -19.91 4.53
N LEU B 95 -14.39 -19.03 4.06
CA LEU B 95 -15.71 -19.40 3.46
C LEU B 95 -15.51 -20.25 2.21
N GLN B 96 -14.58 -19.85 1.33
CA GLN B 96 -14.29 -20.61 0.09
C GLN B 96 -13.81 -22.02 0.42
N ASN B 97 -13.10 -22.23 1.53
CA ASN B 97 -12.57 -23.55 1.92
C ASN B 97 -13.53 -24.30 2.86
N ASN B 98 -14.69 -23.75 3.23
CA ASN B 98 -15.65 -24.46 4.09
C ASN B 98 -17.08 -24.19 3.59
N HIS B 99 -17.32 -24.21 2.27
CA HIS B 99 -18.50 -23.49 1.67
C HIS B 99 -19.84 -24.08 2.18
N THR B 100 -19.93 -25.40 2.33
CA THR B 100 -21.19 -26.11 2.70
C THR B 100 -21.52 -25.91 4.19
N LEU B 101 -20.55 -25.56 5.03
CA LEU B 101 -20.84 -25.32 6.48
C LEU B 101 -21.77 -24.11 6.71
N PHE B 102 -21.80 -23.08 5.85
CA PHE B 102 -22.48 -21.80 6.21
C PHE B 102 -23.74 -21.58 5.37
N THR B 103 -24.76 -20.94 5.96
CA THR B 103 -26.03 -20.58 5.29
C THR B 103 -25.78 -19.41 4.34
N ASP B 104 -26.79 -19.10 3.51
CA ASP B 104 -26.72 -18.03 2.48
C ASP B 104 -26.68 -16.67 3.19
N LEU B 105 -27.49 -16.50 4.24
CA LEU B 105 -27.47 -15.32 5.13
C LEU B 105 -26.07 -15.12 5.73
N GLU B 106 -25.44 -16.17 6.24
CA GLU B 106 -24.10 -16.07 6.89
C GLU B 106 -23.08 -15.59 5.85
N ARG B 107 -23.04 -16.16 4.64
CA ARG B 107 -22.04 -15.77 3.58
C ARG B 107 -22.19 -14.26 3.27
N LYS B 108 -23.41 -13.80 3.03
CA LYS B 108 -23.79 -12.36 2.85
C LYS B 108 -23.34 -11.51 4.03
N GLY B 109 -23.74 -11.90 5.25
CA GLY B 109 -23.53 -11.11 6.49
C GLY B 109 -22.04 -10.97 6.84
N LEU B 110 -21.24 -12.02 6.62
CA LEU B 110 -19.87 -12.10 7.19
C LEU B 110 -18.89 -11.26 6.38
N LEU B 111 -19.01 -11.20 5.04
CA LEU B 111 -18.02 -10.38 4.28
C LEU B 111 -18.35 -8.92 4.52
N ILE B 112 -19.64 -8.57 4.61
CA ILE B 112 -20.10 -7.19 4.94
C ILE B 112 -19.63 -6.87 6.37
N ALA B 113 -19.78 -7.81 7.30
CA ALA B 113 -19.36 -7.54 8.69
C ALA B 113 -17.85 -7.22 8.70
N CYS B 114 -17.05 -8.01 8.00
CA CYS B 114 -15.56 -7.81 7.93
C CYS B 114 -15.26 -6.42 7.37
N LEU B 115 -15.96 -6.04 6.30
CA LEU B 115 -15.68 -4.76 5.63
C LEU B 115 -15.96 -3.60 6.58
N CYS B 116 -17.00 -3.72 7.40
CA CYS B 116 -17.52 -2.66 8.29
C CYS B 116 -16.96 -2.75 9.71
N HIS B 117 -16.16 -3.77 10.06
CA HIS B 117 -15.87 -4.10 11.49
C HIS B 117 -15.04 -3.02 12.20
N ASP B 118 -14.35 -2.12 11.50
CA ASP B 118 -13.55 -1.08 12.21
C ASP B 118 -13.99 0.32 11.77
N LEU B 119 -15.23 0.47 11.32
CA LEU B 119 -15.74 1.73 10.71
C LEU B 119 -15.46 2.90 11.67
N ASP B 120 -14.86 3.97 11.15
CA ASP B 120 -14.67 5.25 11.89
C ASP B 120 -13.72 5.03 13.08
N HIS B 121 -12.85 4.02 13.02
CA HIS B 121 -11.75 3.85 14.01
C HIS B 121 -10.87 5.10 14.03
N ARG B 122 -10.43 5.50 15.22
CA ARG B 122 -9.60 6.73 15.39
C ARG B 122 -8.15 6.40 15.64
N GLY B 123 -7.78 5.13 15.74
CA GLY B 123 -6.41 4.65 16.05
C GLY B 123 -6.17 4.45 17.53
N PHE B 124 -7.24 4.49 18.34
CA PHE B 124 -7.16 4.36 19.81
C PHE B 124 -7.98 3.19 20.30
N SER B 125 -7.47 2.56 21.36
CA SER B 125 -8.07 1.43 22.08
C SER B 125 -9.27 1.90 22.90
N ASN B 126 -10.15 0.97 23.23
CA ASN B 126 -11.25 1.18 24.21
C ASN B 126 -10.73 1.77 25.52
N SER B 127 -9.62 1.25 26.03
CA SER B 127 -8.95 1.71 27.27
C SER B 127 -8.66 3.22 27.18
N TYR B 128 -8.06 3.70 26.08
CA TYR B 128 -7.76 5.16 25.91
C TYR B 128 -9.06 5.99 25.86
N LEU B 129 -10.07 5.59 25.07
CA LEU B 129 -11.38 6.29 25.03
C LEU B 129 -11.90 6.41 26.47
N GLN B 130 -11.79 5.35 27.28
CA GLN B 130 -12.29 5.35 28.69
C GLN B 130 -11.46 6.31 29.56
N LYS B 131 -10.14 6.30 29.47
CA LYS B 131 -9.32 7.22 30.30
C LYS B 131 -9.47 8.68 29.85
N PHE B 132 -9.62 8.92 28.56
CA PHE B 132 -9.80 10.28 28.02
C PHE B 132 -11.17 10.84 28.43
N ASP B 133 -12.16 9.95 28.59
CA ASP B 133 -13.57 10.30 28.88
C ASP B 133 -14.16 10.81 27.56
N HIS B 134 -13.93 10.07 26.49
CA HIS B 134 -14.47 10.37 25.16
C HIS B 134 -15.98 10.14 25.27
N PRO B 135 -16.83 10.95 24.62
CA PRO B 135 -18.27 10.69 24.61
C PRO B 135 -18.69 9.24 24.26
N LEU B 136 -17.97 8.58 23.37
CA LEU B 136 -18.31 7.18 23.02
C LEU B 136 -18.22 6.28 24.25
N ALA B 137 -17.40 6.57 25.26
CA ALA B 137 -17.26 5.70 26.44
C ALA B 137 -18.48 5.84 27.34
N ALA B 138 -19.21 6.96 27.33
CA ALA B 138 -20.44 7.11 28.15
C ALA B 138 -21.60 6.39 27.47
N LEU B 139 -21.63 6.43 26.15
CA LEU B 139 -22.67 5.80 25.32
C LEU B 139 -22.55 4.28 25.38
N TYR B 140 -21.33 3.74 25.40
CA TYR B 140 -21.03 2.29 25.27
C TYR B 140 -19.99 1.89 26.32
N SER B 141 -20.44 1.35 27.45
CA SER B 141 -19.58 1.05 28.63
C SER B 141 -18.59 -0.07 28.29
N THR B 142 -19.00 -1.11 27.56
CA THR B 142 -18.06 -2.18 27.14
C THR B 142 -18.04 -2.27 25.62
N SER B 143 -16.97 -2.84 25.10
CA SER B 143 -16.70 -2.99 23.66
C SER B 143 -17.03 -1.65 22.99
N THR B 144 -16.46 -0.57 23.51
CA THR B 144 -16.86 0.82 23.15
C THR B 144 -16.76 1.03 21.63
N MET B 145 -15.57 0.87 21.06
CA MET B 145 -15.37 1.10 19.62
C MET B 145 -16.24 0.13 18.82
N GLU B 146 -16.36 -1.12 19.25
CA GLU B 146 -17.06 -2.15 18.45
C GLU B 146 -18.57 -1.86 18.43
N GLN B 147 -19.18 -1.39 19.52
CA GLN B 147 -20.59 -0.96 19.45
C GLN B 147 -20.70 0.24 18.49
N HIS B 148 -19.68 1.11 18.48
CA HIS B 148 -19.65 2.28 17.57
C HIS B 148 -19.55 1.80 16.11
N HIS B 149 -18.71 0.80 15.86
CA HIS B 149 -18.54 0.30 14.46
C HIS B 149 -19.89 -0.24 13.96
N PHE B 150 -20.65 -0.90 14.83
CA PHE B 150 -21.94 -1.52 14.41
C PHE B 150 -22.92 -0.39 14.09
N SER B 151 -22.96 0.62 14.96
CA SER B 151 -23.83 1.82 14.79
C SER B 151 -23.57 2.51 13.44
N GLN B 152 -22.31 2.63 13.04
CA GLN B 152 -21.90 3.25 11.77
C GLN B 152 -22.40 2.39 10.62
N THR B 153 -22.35 1.06 10.77
CA THR B 153 -22.75 0.09 9.73
C THR B 153 -24.24 0.28 9.48
N VAL B 154 -25.03 0.38 10.54
CA VAL B 154 -26.51 0.58 10.41
C VAL B 154 -26.82 1.94 9.73
N SER B 155 -26.14 3.01 10.13
CA SER B 155 -26.31 4.36 9.56
C SER B 155 -26.12 4.31 8.05
N ILE B 156 -25.04 3.70 7.60
CA ILE B 156 -24.73 3.58 6.15
C ILE B 156 -25.81 2.74 5.46
N LEU B 157 -26.26 1.62 6.04
CA LEU B 157 -27.34 0.78 5.44
C LEU B 157 -28.62 1.60 5.26
N GLN B 158 -28.83 2.66 6.06
CA GLN B 158 -30.06 3.46 6.05
C GLN B 158 -29.93 4.69 5.13
N LEU B 159 -28.78 4.92 4.53
CA LEU B 159 -28.57 6.02 3.55
C LEU B 159 -29.39 5.70 2.30
N GLU B 160 -29.97 6.72 1.66
CA GLU B 160 -30.78 6.50 0.42
C GLU B 160 -29.95 5.72 -0.59
N GLY B 161 -30.51 4.66 -1.16
CA GLY B 161 -29.87 3.83 -2.19
C GLY B 161 -28.81 2.86 -1.66
N HIS B 162 -28.67 2.70 -0.34
CA HIS B 162 -27.54 1.91 0.26
C HIS B 162 -28.04 0.60 0.88
N ASN B 163 -29.34 0.31 0.85
CA ASN B 163 -29.89 -0.91 1.51
C ASN B 163 -29.65 -2.13 0.63
N ILE B 164 -28.45 -2.69 0.77
CA ILE B 164 -27.98 -3.87 0.00
C ILE B 164 -28.79 -5.11 0.36
N PHE B 165 -29.58 -5.09 1.41
CA PHE B 165 -30.37 -6.26 1.86
C PHE B 165 -31.85 -6.06 1.52
N SER B 166 -32.18 -5.25 0.50
CA SER B 166 -33.56 -4.78 0.24
C SER B 166 -34.46 -5.98 -0.09
N THR B 167 -33.93 -7.01 -0.74
CA THR B 167 -34.67 -8.22 -1.20
C THR B 167 -35.09 -9.14 -0.03
N LEU B 168 -34.49 -9.04 1.16
CA LEU B 168 -34.71 -9.99 2.31
C LEU B 168 -36.07 -9.70 2.97
N SER B 169 -36.74 -10.72 3.52
CA SER B 169 -37.91 -10.48 4.41
C SER B 169 -37.47 -9.68 5.64
N SER B 170 -38.40 -9.00 6.28
CA SER B 170 -38.21 -8.35 7.60
C SER B 170 -37.49 -9.32 8.57
N SER B 171 -37.88 -10.60 8.57
CA SER B 171 -37.30 -11.70 9.38
C SER B 171 -35.84 -11.91 9.03
N GLU B 172 -35.56 -12.23 7.77
CA GLU B 172 -34.18 -12.49 7.30
C GLU B 172 -33.32 -11.23 7.53
N TYR B 173 -33.83 -10.03 7.26
CA TYR B 173 -33.11 -8.75 7.44
C TYR B 173 -32.67 -8.69 8.90
N GLU B 174 -33.58 -8.99 9.83
CA GLU B 174 -33.24 -8.89 11.27
C GLU B 174 -32.21 -9.97 11.63
N GLN B 175 -32.28 -11.13 10.98
CA GLN B 175 -31.28 -12.21 11.21
C GLN B 175 -29.90 -11.81 10.69
N VAL B 176 -29.78 -11.25 9.48
CA VAL B 176 -28.43 -10.90 8.94
C VAL B 176 -27.86 -9.71 9.75
N LEU B 177 -28.67 -8.80 10.28
CA LEU B 177 -28.16 -7.67 11.08
C LEU B 177 -27.69 -8.20 12.43
N GLU B 178 -28.27 -9.30 12.89
CA GLU B 178 -27.84 -9.93 14.18
C GLU B 178 -26.51 -10.69 13.98
N ILE B 179 -26.36 -11.39 12.86
CA ILE B 179 -25.08 -12.02 12.47
C ILE B 179 -24.02 -10.91 12.46
N ILE B 180 -24.27 -9.79 11.77
CA ILE B 180 -23.30 -8.68 11.62
C ILE B 180 -22.97 -8.09 13.00
N ARG B 181 -23.98 -7.86 13.84
CA ARG B 181 -23.75 -7.24 15.15
C ARG B 181 -22.86 -8.17 15.99
N LYS B 182 -23.22 -9.45 16.08
CA LYS B 182 -22.44 -10.40 16.88
C LYS B 182 -21.03 -10.50 16.33
N ALA B 183 -20.85 -10.52 15.01
CA ALA B 183 -19.52 -10.72 14.41
C ALA B 183 -18.68 -9.48 14.72
N ILE B 184 -19.28 -8.29 14.67
CA ILE B 184 -18.48 -7.05 14.90
C ILE B 184 -18.06 -6.98 16.38
N ILE B 185 -18.99 -7.21 17.29
CA ILE B 185 -18.68 -7.24 18.76
C ILE B 185 -17.55 -8.25 19.06
N ALA B 186 -17.55 -9.42 18.39
CA ALA B 186 -16.55 -10.48 18.63
C ALA B 186 -15.14 -9.95 18.33
N THR B 187 -14.98 -8.89 17.53
CA THR B 187 -13.63 -8.40 17.20
C THR B 187 -13.03 -7.63 18.39
N ASP B 188 -13.78 -7.43 19.47
CA ASP B 188 -13.19 -6.93 20.73
C ASP B 188 -12.29 -8.04 21.30
N LEU B 189 -10.97 -7.87 21.24
CA LEU B 189 -10.04 -8.96 21.61
C LEU B 189 -10.21 -9.30 23.11
N ALA B 190 -10.74 -8.40 23.94
CA ALA B 190 -11.06 -8.70 25.35
C ALA B 190 -12.03 -9.89 25.39
N LEU B 191 -12.92 -10.07 24.41
CA LEU B 191 -13.93 -11.14 24.49
C LEU B 191 -13.39 -12.42 23.87
N TYR B 192 -12.30 -12.34 23.14
CA TYR B 192 -11.73 -13.53 22.44
C TYR B 192 -11.32 -14.63 23.46
N PHE B 193 -10.66 -14.27 24.55
CA PHE B 193 -10.06 -15.24 25.52
C PHE B 193 -11.12 -16.21 26.03
N GLY B 194 -12.23 -15.68 26.56
CA GLY B 194 -13.41 -16.46 26.99
C GLY B 194 -13.99 -17.29 25.85
N ASN B 195 -14.13 -16.74 24.65
CA ASN B 195 -14.83 -17.45 23.56
C ASN B 195 -13.97 -18.63 23.10
N ARG B 196 -12.68 -18.41 22.88
CA ARG B 196 -11.79 -19.51 22.49
C ARG B 196 -11.77 -20.60 23.58
N LYS B 197 -11.77 -20.23 24.85
CA LYS B 197 -11.73 -21.22 25.95
C LYS B 197 -13.00 -22.10 25.90
N GLN B 198 -14.19 -21.51 25.81
CA GLN B 198 -15.43 -22.34 25.65
C GLN B 198 -15.36 -23.23 24.41
N LEU B 199 -14.81 -22.76 23.30
CA LEU B 199 -14.81 -23.59 22.06
C LEU B 199 -13.79 -24.72 22.18
N GLU B 200 -12.58 -24.44 22.70
CA GLU B 200 -11.56 -25.48 22.96
C GLU B 200 -12.18 -26.58 23.82
N GLU B 201 -12.93 -26.22 24.85
CA GLU B 201 -13.53 -27.19 25.80
C GLU B 201 -14.60 -27.99 25.06
N MET B 202 -15.52 -27.33 24.33
CA MET B 202 -16.57 -28.01 23.50
C MET B 202 -15.93 -28.93 22.44
N TYR B 203 -14.96 -28.48 21.68
CA TYR B 203 -14.31 -29.37 20.70
C TYR B 203 -13.70 -30.60 21.39
N GLN B 204 -12.83 -30.37 22.37
CA GLN B 204 -12.03 -31.45 23.01
C GLN B 204 -12.95 -32.49 23.66
N THR B 205 -14.15 -32.14 24.12
CA THR B 205 -15.07 -33.10 24.78
C THR B 205 -16.08 -33.68 23.79
N GLY B 206 -16.19 -33.11 22.59
CA GLY B 206 -17.11 -33.61 21.55
C GLY B 206 -18.53 -33.12 21.77
N SER B 207 -18.72 -32.04 22.52
CA SER B 207 -20.08 -31.45 22.69
C SER B 207 -20.33 -30.31 21.66
N LEU B 208 -19.34 -29.97 20.83
CA LEU B 208 -19.48 -28.84 19.86
C LEU B 208 -20.49 -29.30 18.82
N ASN B 209 -21.56 -28.54 18.67
CA ASN B 209 -22.70 -28.84 17.77
C ASN B 209 -22.99 -27.63 16.86
N LEU B 210 -22.58 -27.66 15.60
CA LEU B 210 -22.84 -26.54 14.65
C LEU B 210 -24.33 -26.37 14.29
N ASN B 211 -25.26 -27.20 14.73
CA ASN B 211 -26.72 -26.96 14.59
C ASN B 211 -27.25 -26.23 15.82
N ASN B 212 -26.39 -26.06 16.83
CA ASN B 212 -26.71 -25.23 18.01
C ASN B 212 -26.34 -23.78 17.67
N GLN B 213 -27.28 -22.85 17.66
CA GLN B 213 -27.06 -21.43 17.19
C GLN B 213 -26.04 -20.75 18.11
N SER B 214 -26.09 -21.07 19.39
CA SER B 214 -25.19 -20.57 20.44
C SER B 214 -23.76 -21.00 20.10
N HIS B 215 -23.59 -22.23 19.64
CA HIS B 215 -22.29 -22.76 19.21
C HIS B 215 -21.87 -22.08 17.91
N ARG B 216 -22.76 -21.97 16.91
CA ARG B 216 -22.42 -21.35 15.61
C ARG B 216 -21.94 -19.92 15.91
N ASP B 217 -22.63 -19.21 16.79
CA ASP B 217 -22.26 -17.81 17.13
C ASP B 217 -20.81 -17.78 17.64
N ARG B 218 -20.41 -18.76 18.47
CA ARG B 218 -19.04 -18.78 19.02
C ARG B 218 -18.04 -19.09 17.90
N VAL B 219 -18.36 -20.04 17.01
CA VAL B 219 -17.39 -20.39 15.95
C VAL B 219 -17.22 -19.12 15.07
N ILE B 220 -18.32 -18.42 14.76
CA ILE B 220 -18.23 -17.21 13.88
C ILE B 220 -17.38 -16.14 14.59
N GLY B 221 -17.54 -15.99 15.91
CA GLY B 221 -16.71 -15.08 16.71
C GLY B 221 -15.24 -15.42 16.58
N LEU B 222 -14.88 -16.71 16.61
CA LEU B 222 -13.46 -17.09 16.53
C LEU B 222 -12.99 -16.85 15.09
N MET B 223 -13.82 -17.14 14.10
CA MET B 223 -13.51 -16.79 12.69
C MET B 223 -13.20 -15.28 12.60
N MET B 224 -13.98 -14.44 13.26
CA MET B 224 -13.72 -12.96 13.20
C MET B 224 -12.38 -12.59 13.86
N THR B 225 -12.01 -13.21 15.00
CA THR B 225 -10.69 -12.97 15.61
C THR B 225 -9.62 -13.37 14.60
N ALA B 226 -9.75 -14.57 14.01
CA ALA B 226 -8.72 -15.14 13.13
C ALA B 226 -8.50 -14.17 11.97
N CYS B 227 -9.57 -13.66 11.39
CA CYS B 227 -9.50 -12.69 10.25
C CYS B 227 -8.89 -11.37 10.72
N ASP B 228 -9.31 -10.88 11.87
CA ASP B 228 -8.84 -9.59 12.40
C ASP B 228 -7.34 -9.68 12.69
N LEU B 229 -6.83 -10.83 13.16
CA LEU B 229 -5.38 -10.97 13.52
C LEU B 229 -4.56 -11.46 12.33
N CYS B 230 -5.12 -11.49 11.10
CA CYS B 230 -4.53 -12.28 9.97
C CYS B 230 -3.17 -11.73 9.53
N SER B 231 -2.70 -10.55 10.01
CA SER B 231 -1.32 -10.08 9.69
C SER B 231 -0.25 -11.13 10.09
N VAL B 232 -0.50 -11.88 11.15
CA VAL B 232 0.45 -12.91 11.68
C VAL B 232 0.35 -14.19 10.85
N THR B 233 -0.52 -14.25 9.82
CA THR B 233 -0.67 -15.47 8.95
C THR B 233 -0.16 -15.19 7.53
N LYS B 234 0.43 -14.02 7.33
CA LYS B 234 0.97 -13.67 6.01
C LYS B 234 2.38 -14.24 5.95
N LEU B 235 3.01 -14.15 4.78
CA LEU B 235 4.45 -14.49 4.69
C LEU B 235 5.25 -13.44 5.45
N TRP B 236 6.40 -13.83 6.00
CA TRP B 236 7.28 -13.00 6.84
C TRP B 236 7.39 -11.54 6.38
N PRO B 237 7.80 -11.21 5.14
CA PRO B 237 8.00 -9.81 4.78
C PRO B 237 6.76 -8.91 4.99
N VAL B 238 5.59 -9.45 4.67
CA VAL B 238 4.28 -8.78 4.92
C VAL B 238 4.04 -8.65 6.43
N THR B 239 4.19 -9.75 7.18
CA THR B 239 3.98 -9.78 8.67
C THR B 239 4.85 -8.71 9.33
N LYS B 240 6.12 -8.64 8.95
CA LYS B 240 7.10 -7.69 9.52
C LYS B 240 6.73 -6.23 9.20
N LEU B 241 6.41 -5.90 7.96
CA LEU B 241 6.02 -4.51 7.58
C LEU B 241 4.69 -4.15 8.22
N THR B 242 3.77 -5.09 8.33
CA THR B 242 2.46 -4.79 8.96
C THR B 242 2.68 -4.48 10.43
N ALA B 243 3.61 -5.17 11.11
CA ALA B 243 3.88 -4.88 12.54
C ALA B 243 4.30 -3.41 12.72
N ASN B 244 5.05 -2.82 11.79
CA ASN B 244 5.43 -1.37 11.82
C ASN B 244 4.20 -0.46 11.93
N ASP B 245 3.14 -0.74 11.18
CA ASP B 245 1.88 0.04 11.18
C ASP B 245 1.14 -0.14 12.51
N ILE B 246 1.04 -1.38 12.97
CA ILE B 246 0.41 -1.71 14.28
C ILE B 246 1.05 -0.85 15.37
N TYR B 247 2.38 -0.85 15.46
CA TYR B 247 3.11 -0.15 16.55
C TYR B 247 3.10 1.36 16.34
N ALA B 248 3.02 1.86 15.10
CA ALA B 248 2.88 3.31 14.85
C ALA B 248 1.63 3.77 15.59
N GLU B 249 0.51 3.03 15.46
CA GLU B 249 -0.73 3.41 16.19
C GLU B 249 -0.53 3.28 17.70
N PHE B 250 -0.03 2.17 18.20
CA PHE B 250 0.07 1.95 19.67
C PHE B 250 0.98 3.00 20.30
N TRP B 251 2.05 3.40 19.61
CA TRP B 251 3.04 4.36 20.15
C TRP B 251 2.40 5.75 20.22
N ALA B 252 1.57 6.13 19.24
CA ALA B 252 0.86 7.41 19.27
C ALA B 252 -0.10 7.34 20.47
N GLU B 253 -0.78 6.23 20.69
CA GLU B 253 -1.70 6.07 21.85
C GLU B 253 -0.92 6.17 23.16
N GLY B 254 0.26 5.51 23.23
CA GLY B 254 1.21 5.64 24.36
C GLY B 254 1.61 7.09 24.64
N ASP B 255 1.87 7.88 23.59
CA ASP B 255 2.16 9.32 23.75
C ASP B 255 0.94 10.03 24.36
N GLU B 256 -0.27 9.74 23.86
CA GLU B 256 -1.52 10.36 24.37
C GLU B 256 -1.81 9.95 25.82
N MET B 257 -1.51 8.72 26.23
CA MET B 257 -1.58 8.28 27.67
C MET B 257 -0.63 9.14 28.55
N LYS B 258 0.60 9.36 28.08
CA LYS B 258 1.60 10.19 28.80
C LYS B 258 1.08 11.61 28.94
N LYS B 259 0.41 12.14 27.91
CA LYS B 259 -0.18 13.51 27.95
C LYS B 259 -1.33 13.54 28.97
N LEU B 260 -1.98 12.42 29.25
CA LEU B 260 -3.00 12.41 30.34
C LEU B 260 -2.34 12.23 31.71
N GLY B 261 -1.04 12.04 31.79
CA GLY B 261 -0.36 11.80 33.08
C GLY B 261 -0.41 10.33 33.47
N ILE B 262 -0.55 9.41 32.52
CA ILE B 262 -0.65 7.95 32.80
C ILE B 262 0.50 7.21 32.11
N GLN B 263 1.32 6.43 32.83
CA GLN B 263 2.40 5.68 32.17
C GLN B 263 1.71 4.64 31.30
N PRO B 264 1.95 4.57 29.98
CA PRO B 264 1.31 3.53 29.18
C PRO B 264 1.95 2.17 29.50
N ILE B 265 1.26 1.10 29.13
CA ILE B 265 1.84 -0.28 29.14
C ILE B 265 3.00 -0.30 28.14
N PRO B 266 4.00 -1.19 28.34
CA PRO B 266 5.21 -1.18 27.51
C PRO B 266 4.93 -1.29 25.99
N MET B 267 3.89 -2.03 25.64
CA MET B 267 3.51 -2.30 24.24
C MET B 267 3.28 -0.96 23.52
N MET B 268 2.78 0.05 24.24
CA MET B 268 2.36 1.35 23.68
C MET B 268 3.44 2.41 23.95
N ASP B 269 4.57 2.05 24.55
CA ASP B 269 5.63 3.00 24.96
C ASP B 269 6.79 2.98 23.97
N ARG B 270 6.88 4.00 23.11
CA ARG B 270 7.89 4.02 22.02
C ARG B 270 9.30 3.94 22.65
N ASP B 271 9.48 4.33 23.90
CA ASP B 271 10.81 4.22 24.56
C ASP B 271 11.13 2.75 24.84
N LYS B 272 10.17 1.81 24.75
CA LYS B 272 10.47 0.37 25.00
C LYS B 272 10.49 -0.45 23.71
N LYS B 273 10.66 0.23 22.57
CA LYS B 273 10.76 -0.30 21.19
C LYS B 273 11.63 -1.57 21.11
N ASP B 274 12.77 -1.57 21.79
CA ASP B 274 13.78 -2.67 21.72
C ASP B 274 13.17 -3.98 22.25
N GLU B 275 12.04 -3.95 22.97
CA GLU B 275 11.39 -5.14 23.53
C GLU B 275 10.33 -5.71 22.56
N VAL B 276 10.21 -5.18 21.35
CA VAL B 276 9.13 -5.61 20.42
C VAL B 276 9.29 -7.10 20.09
N PRO B 277 10.47 -7.63 19.72
CA PRO B 277 10.58 -9.06 19.37
C PRO B 277 10.09 -9.98 20.50
N GLN B 278 10.43 -9.67 21.75
CA GLN B 278 9.93 -10.45 22.92
C GLN B 278 8.42 -10.27 23.10
N GLY B 279 7.91 -9.05 22.91
CA GLY B 279 6.46 -8.80 22.95
C GLY B 279 5.72 -9.61 21.88
N GLN B 280 6.28 -9.70 20.67
CA GLN B 280 5.70 -10.49 19.54
C GLN B 280 5.65 -11.98 19.99
N LEU B 281 6.76 -12.51 20.49
CA LEU B 281 6.85 -13.91 21.03
C LEU B 281 5.71 -14.15 22.03
N GLY B 282 5.54 -13.24 22.99
CA GLY B 282 4.49 -13.38 24.00
C GLY B 282 3.12 -13.35 23.37
N PHE B 283 2.91 -12.52 22.32
CA PHE B 283 1.56 -12.46 21.70
C PHE B 283 1.25 -13.76 20.94
N TYR B 284 2.24 -14.32 20.25
CA TYR B 284 2.03 -15.55 19.45
C TYR B 284 1.67 -16.70 20.38
N ASN B 285 2.38 -16.83 21.51
CA ASN B 285 2.18 -17.94 22.46
C ASN B 285 0.84 -17.78 23.18
N ALA B 286 0.46 -16.56 23.55
CA ALA B 286 -0.72 -16.29 24.39
C ALA B 286 -2.00 -16.14 23.57
N VAL B 287 -1.93 -15.64 22.35
CA VAL B 287 -3.15 -15.26 21.57
C VAL B 287 -3.15 -15.93 20.19
N ALA B 288 -2.17 -15.66 19.33
CA ALA B 288 -2.31 -16.09 17.93
C ALA B 288 -2.28 -17.62 17.80
N ILE B 289 -1.31 -18.33 18.38
CA ILE B 289 -1.15 -19.81 18.14
C ILE B 289 -2.39 -20.50 18.68
N PRO B 290 -2.84 -20.22 19.93
CA PRO B 290 -4.11 -20.77 20.41
C PRO B 290 -5.32 -20.47 19.50
N CYS B 291 -5.39 -19.24 18.97
CA CYS B 291 -6.50 -18.84 18.07
C CYS B 291 -6.56 -19.78 16.87
N TYR B 292 -5.46 -19.92 16.15
CA TYR B 292 -5.41 -20.65 14.86
C TYR B 292 -5.39 -22.16 15.13
N THR B 293 -4.93 -22.59 16.31
CA THR B 293 -4.97 -24.03 16.69
C THR B 293 -6.44 -24.43 16.84
N THR B 294 -7.21 -23.71 17.64
CA THR B 294 -8.65 -24.03 17.86
C THR B 294 -9.39 -23.91 16.54
N LEU B 295 -9.07 -22.92 15.70
CA LEU B 295 -9.84 -22.71 14.44
C LEU B 295 -9.60 -23.95 13.56
N THR B 296 -8.36 -24.42 13.49
CA THR B 296 -7.94 -25.54 12.60
C THR B 296 -8.60 -26.83 13.08
N GLN B 297 -8.66 -27.05 14.38
CA GLN B 297 -9.43 -28.16 14.98
C GLN B 297 -10.87 -28.09 14.47
N ILE B 298 -11.54 -26.94 14.52
CA ILE B 298 -13.00 -26.88 14.21
C ILE B 298 -13.21 -26.87 12.69
N LEU B 299 -12.35 -26.18 11.94
CA LEU B 299 -12.45 -25.99 10.48
C LEU B 299 -11.11 -26.41 9.88
N PRO B 300 -10.85 -27.74 9.71
CA PRO B 300 -9.54 -28.20 9.25
C PRO B 300 -8.95 -27.60 7.99
N PRO B 301 -9.73 -27.21 6.96
CA PRO B 301 -9.13 -26.50 5.83
C PRO B 301 -8.57 -25.07 6.11
N THR B 302 -8.69 -24.53 7.34
CA THR B 302 -8.02 -23.25 7.78
C THR B 302 -6.57 -23.48 8.21
N GLU B 303 -6.11 -24.71 8.17
CA GLU B 303 -4.76 -25.13 8.55
C GLU B 303 -3.67 -24.18 8.09
N PRO B 304 -3.63 -23.72 6.81
CA PRO B 304 -2.56 -22.82 6.34
C PRO B 304 -2.43 -21.53 7.17
N LEU B 305 -3.50 -21.10 7.86
CA LEU B 305 -3.41 -19.93 8.78
C LEU B 305 -2.48 -20.33 9.93
N LEU B 306 -2.67 -21.52 10.49
CA LEU B 306 -1.86 -21.99 11.65
C LEU B 306 -0.43 -22.23 11.17
N LYS B 307 -0.25 -22.82 9.99
CA LYS B 307 1.12 -23.08 9.47
C LYS B 307 1.90 -21.75 9.33
N ALA B 308 1.33 -20.74 8.68
CA ALA B 308 1.97 -19.42 8.49
C ALA B 308 2.28 -18.78 9.86
N CYS B 309 1.35 -18.91 10.81
CA CYS B 309 1.51 -18.34 12.17
C CYS B 309 2.72 -18.98 12.86
N ARG B 310 2.88 -20.31 12.76
CA ARG B 310 4.05 -21.01 13.38
CA ARG B 310 4.04 -21.05 13.33
C ARG B 310 5.32 -20.55 12.66
N ASP B 311 5.29 -20.40 11.34
CA ASP B 311 6.48 -19.92 10.61
C ASP B 311 6.86 -18.52 11.12
N ASN B 312 5.88 -17.63 11.39
CA ASN B 312 6.17 -16.26 11.85
C ASN B 312 6.70 -16.28 13.29
N LEU B 313 6.19 -17.15 14.16
CA LEU B 313 6.72 -17.38 15.54
C LEU B 313 8.21 -17.67 15.45
N SER B 314 8.58 -18.60 14.57
CA SER B 314 9.98 -19.04 14.36
C SER B 314 10.83 -17.85 13.88
N GLN B 315 10.33 -17.04 12.93
CA GLN B 315 11.02 -15.80 12.49
C GLN B 315 11.24 -14.83 13.67
N TRP B 316 10.27 -14.63 14.57
CA TRP B 316 10.47 -13.72 15.74
C TRP B 316 11.52 -14.34 16.70
N GLU B 317 11.52 -15.67 16.86
CA GLU B 317 12.57 -16.34 17.70
C GLU B 317 13.94 -16.04 17.11
N LYS B 318 14.09 -16.07 15.78
CA LYS B 318 15.37 -15.73 15.11
C LYS B 318 15.78 -14.29 15.42
N VAL B 319 14.85 -13.35 15.36
CA VAL B 319 15.14 -11.91 15.64
C VAL B 319 15.62 -11.77 17.09
N ILE B 320 14.98 -12.42 18.03
CA ILE B 320 15.35 -12.30 19.46
C ILE B 320 16.81 -12.75 19.64
N ARG B 321 17.22 -13.80 18.94
CA ARG B 321 18.57 -14.38 19.08
C ARG B 321 19.58 -13.60 18.24
N GLY B 322 19.13 -12.63 17.44
CA GLY B 322 20.01 -11.76 16.65
C GLY B 322 20.42 -12.39 15.33
N GLU B 323 19.71 -13.43 14.90
CA GLU B 323 19.95 -14.13 13.60
C GLU B 323 19.19 -13.43 12.45
N GLU B 324 18.37 -12.41 12.77
CA GLU B 324 17.73 -11.53 11.75
C GLU B 324 17.55 -10.10 12.29
N THR B 325 17.55 -9.10 11.37
CA THR B 325 17.11 -7.69 11.54
C THR B 325 15.65 -7.57 11.04
N GLY C 12 -4.37 38.83 -24.11
CA GLY C 12 -3.00 38.82 -23.53
C GLY C 12 -2.61 40.16 -22.96
N LEU C 13 -3.55 40.90 -22.36
CA LEU C 13 -3.27 42.20 -21.70
C LEU C 13 -2.66 41.94 -20.30
N MET C 14 -3.10 40.86 -19.65
CA MET C 14 -2.53 40.41 -18.36
C MET C 14 -1.23 39.67 -18.61
N GLN C 15 -0.16 40.05 -17.91
CA GLN C 15 1.13 39.32 -17.88
C GLN C 15 1.45 38.97 -16.43
N PHE C 16 2.16 37.86 -16.22
CA PHE C 16 2.58 37.47 -14.85
C PHE C 16 3.95 38.11 -14.61
N THR C 17 4.16 38.59 -13.40
CA THR C 17 5.45 39.13 -12.92
C THR C 17 5.86 38.29 -11.71
N LEU C 18 7.15 38.16 -11.48
CA LEU C 18 7.68 37.43 -10.31
C LEU C 18 8.37 38.43 -9.41
N PRO C 19 8.43 38.17 -8.08
CA PRO C 19 9.32 38.96 -7.23
C PRO C 19 10.68 39.05 -7.91
N VAL C 20 11.40 40.13 -7.64
CA VAL C 20 12.75 40.39 -8.18
C VAL C 20 13.67 39.15 -8.11
N ARG C 21 13.87 38.51 -6.94
CA ARG C 21 14.81 37.35 -6.85
C ARG C 21 14.40 36.25 -7.86
N LEU C 22 13.11 35.92 -7.97
CA LEU C 22 12.59 34.82 -8.84
C LEU C 22 12.78 35.27 -10.28
N CYS C 23 12.48 36.53 -10.57
CA CYS C 23 12.62 37.10 -11.94
C CYS C 23 14.03 36.82 -12.47
N LYS C 24 15.05 37.04 -11.64
CA LYS C 24 16.47 36.87 -12.00
C LYS C 24 16.84 35.40 -12.03
N GLU C 25 16.61 34.70 -10.93
CA GLU C 25 17.10 33.32 -10.72
C GLU C 25 16.32 32.35 -11.65
N ILE C 26 15.09 32.63 -12.09
CA ILE C 26 14.33 31.61 -12.89
C ILE C 26 15.05 31.38 -14.22
N GLU C 27 15.91 32.31 -14.62
CA GLU C 27 16.63 32.24 -15.91
C GLU C 27 17.79 31.25 -15.81
N LEU C 28 18.22 30.91 -14.60
CA LEU C 28 19.37 29.99 -14.35
C LEU C 28 18.90 28.54 -14.42
N PHE C 29 19.70 27.67 -15.02
CA PHE C 29 19.39 26.24 -15.09
C PHE C 29 19.15 25.64 -13.69
N HIS C 30 19.87 26.08 -12.64
CA HIS C 30 19.87 25.44 -11.30
C HIS C 30 18.76 26.03 -10.41
N PHE C 31 17.90 26.87 -10.93
CA PHE C 31 16.78 27.46 -10.14
C PHE C 31 15.99 26.35 -9.43
N ASP C 32 15.58 26.61 -8.18
CA ASP C 32 14.67 25.73 -7.41
C ASP C 32 13.34 26.48 -7.30
N ILE C 33 12.20 25.84 -7.57
CA ILE C 33 10.90 26.57 -7.62
C ILE C 33 10.36 26.94 -6.23
N GLY C 34 10.96 26.41 -5.15
CA GLY C 34 10.64 26.78 -3.77
C GLY C 34 9.48 25.98 -3.18
N PRO C 35 9.21 26.15 -1.87
CA PRO C 35 8.22 25.32 -1.18
C PRO C 35 6.79 25.86 -1.16
N PHE C 36 6.53 27.00 -1.81
CA PHE C 36 5.16 27.57 -1.82
C PHE C 36 4.39 27.02 -3.02
N GLU C 37 3.60 25.97 -2.79
CA GLU C 37 2.82 25.27 -3.85
C GLU C 37 1.98 26.27 -4.66
N ASN C 38 1.39 27.26 -3.99
CA ASN C 38 0.43 28.19 -4.63
C ASN C 38 1.09 29.15 -5.61
N MET C 39 2.41 29.25 -5.61
CA MET C 39 3.20 30.03 -6.62
C MET C 39 3.51 29.23 -7.88
N TRP C 40 3.47 27.91 -7.86
CA TRP C 40 3.94 27.07 -9.00
C TRP C 40 3.12 27.36 -10.25
N PRO C 41 1.76 27.46 -10.18
CA PRO C 41 1.01 27.75 -11.39
C PRO C 41 1.44 29.06 -12.06
N GLY C 42 1.58 30.12 -11.27
CA GLY C 42 2.00 31.43 -11.80
C GLY C 42 3.39 31.38 -12.39
N ILE C 43 4.28 30.63 -11.75
CA ILE C 43 5.66 30.41 -12.27
C ILE C 43 5.56 29.71 -13.65
N PHE C 44 4.73 28.67 -13.75
CA PHE C 44 4.50 27.95 -15.03
C PHE C 44 3.94 28.92 -16.09
N VAL C 45 2.94 29.73 -15.75
CA VAL C 45 2.33 30.68 -16.74
C VAL C 45 3.41 31.68 -17.20
N TYR C 46 4.17 32.26 -16.27
CA TYR C 46 5.30 33.18 -16.59
C TYR C 46 6.26 32.58 -17.64
N MET C 47 6.63 31.32 -17.45
CA MET C 47 7.55 30.61 -18.37
C MET C 47 6.86 30.44 -19.73
N VAL C 48 5.59 30.07 -19.74
CA VAL C 48 4.83 29.96 -21.02
C VAL C 48 4.77 31.33 -21.72
N HIS C 49 4.43 32.42 -21.01
CA HIS C 49 4.37 33.77 -21.62
C HIS C 49 5.74 34.16 -22.21
N ARG C 50 6.82 33.90 -21.49
CA ARG C 50 8.17 34.32 -21.92
C ARG C 50 8.69 33.43 -23.06
N SER C 51 8.38 32.14 -23.07
CA SER C 51 9.07 31.16 -23.97
C SER C 51 8.23 30.87 -25.20
N CYS C 52 6.91 31.02 -25.09
CA CYS C 52 5.94 30.76 -26.18
C CYS C 52 5.34 32.09 -26.66
N GLY C 53 4.85 32.93 -25.74
CA GLY C 53 4.29 34.26 -26.03
C GLY C 53 2.96 34.39 -25.34
N THR C 54 2.52 35.61 -25.02
CA THR C 54 1.25 35.90 -24.27
C THR C 54 0.01 35.46 -25.06
N SER C 55 0.14 35.26 -26.36
CA SER C 55 -0.99 34.90 -27.24
C SER C 55 -1.02 33.39 -27.54
N CYS C 56 -0.06 32.60 -27.05
CA CYS C 56 0.02 31.15 -27.40
C CYS C 56 -1.23 30.42 -26.94
N PHE C 57 -1.71 30.80 -25.75
CA PHE C 57 -2.87 30.16 -25.09
C PHE C 57 -3.75 31.25 -24.53
N GLU C 58 -5.04 30.95 -24.47
CA GLU C 58 -6.08 31.73 -23.77
C GLU C 58 -5.87 31.51 -22.27
N LEU C 59 -5.60 32.59 -21.52
CA LEU C 59 -5.24 32.52 -20.08
C LEU C 59 -6.31 31.75 -19.30
N GLU C 60 -7.60 31.99 -19.52
CA GLU C 60 -8.69 31.30 -18.76
C GLU C 60 -8.58 29.79 -18.98
N LYS C 61 -8.42 29.37 -20.23
CA LYS C 61 -8.30 27.92 -20.61
C LYS C 61 -7.00 27.36 -20.00
N LEU C 62 -5.88 28.09 -20.11
CA LEU C 62 -4.56 27.62 -19.61
C LEU C 62 -4.72 27.36 -18.12
N CME C 63 -5.27 28.32 -17.39
CA CME C 63 -5.43 28.24 -15.91
CB CME C 63 -5.86 29.55 -15.24
SG CME C 63 -4.53 30.78 -15.09
SD CME C 63 -3.33 29.91 -13.63
CE CME C 63 -3.09 31.20 -12.38
CZ CME C 63 -3.53 30.72 -11.03
OH CME C 63 -2.63 31.12 -10.03
C CME C 63 -6.34 27.05 -15.56
O CME C 63 -6.01 26.36 -14.54
N ARG C 64 -7.43 26.78 -16.27
CA ARG C 64 -8.24 25.64 -15.78
C ARG C 64 -7.55 24.33 -16.20
N PHE C 65 -6.78 24.32 -17.30
CA PHE C 65 -5.94 23.17 -17.70
C PHE C 65 -4.92 22.82 -16.60
N ILE C 66 -4.18 23.83 -16.13
CA ILE C 66 -3.09 23.72 -15.12
C ILE C 66 -3.70 23.17 -13.82
N MET C 67 -4.87 23.66 -13.40
CA MET C 67 -5.46 23.24 -12.11
C MET C 67 -6.01 21.81 -12.22
N SER C 68 -6.49 21.39 -13.38
CA SER C 68 -6.92 19.98 -13.64
C SER C 68 -5.70 19.03 -13.64
N VAL C 69 -4.60 19.46 -14.23
CA VAL C 69 -3.34 18.66 -14.21
C VAL C 69 -2.88 18.46 -12.77
N LYS C 70 -2.75 19.53 -11.99
CA LYS C 70 -2.31 19.50 -10.56
C LYS C 70 -3.15 18.47 -9.79
N LYS C 71 -4.45 18.50 -10.03
CA LYS C 71 -5.45 17.68 -9.34
C LYS C 71 -5.16 16.22 -9.65
N ASN C 72 -4.51 15.93 -10.77
CA ASN C 72 -4.36 14.52 -11.21
C ASN C 72 -2.92 14.06 -10.94
N TYR C 73 -2.10 14.87 -10.23
CA TYR C 73 -0.85 14.39 -9.59
C TYR C 73 -1.23 13.95 -8.17
N ARG C 74 -0.59 12.92 -7.66
CA ARG C 74 -0.86 12.33 -6.33
C ARG C 74 0.20 12.78 -5.32
N ARG C 75 -0.11 12.59 -4.04
CA ARG C 75 0.72 13.02 -2.92
C ARG C 75 1.74 11.90 -2.65
N VAL C 76 2.68 11.74 -3.56
CA VAL C 76 3.78 10.76 -3.44
C VAL C 76 5.03 11.57 -3.16
N PRO C 77 6.10 10.93 -2.65
CA PRO C 77 7.25 11.70 -2.19
C PRO C 77 8.00 12.45 -3.30
N TYR C 78 8.11 11.86 -4.49
CA TYR C 78 8.92 12.46 -5.57
C TYR C 78 8.12 12.76 -6.84
N HIS C 79 7.43 11.76 -7.42
CA HIS C 79 6.66 11.91 -8.69
C HIS C 79 5.34 12.68 -8.48
N ASN C 80 5.46 13.93 -8.05
CA ASN C 80 4.33 14.77 -7.58
C ASN C 80 4.29 16.06 -8.43
N TRP C 81 3.36 16.94 -8.09
CA TRP C 81 3.17 18.23 -8.79
C TRP C 81 4.45 19.07 -8.82
N LYS C 82 5.25 19.02 -7.76
CA LYS C 82 6.48 19.84 -7.68
C LYS C 82 7.48 19.36 -8.73
N HIS C 83 7.59 18.04 -8.89
CA HIS C 83 8.45 17.43 -9.94
C HIS C 83 8.03 17.92 -11.33
N ALA C 84 6.73 17.92 -11.61
CA ALA C 84 6.15 18.35 -12.89
C ALA C 84 6.60 19.77 -13.22
N VAL C 85 6.42 20.71 -12.29
CA VAL C 85 6.77 22.13 -12.54
C VAL C 85 8.30 22.28 -12.62
N THR C 86 9.07 21.47 -11.89
CA THR C 86 10.57 21.54 -11.88
C THR C 86 11.10 21.07 -13.26
N VAL C 87 10.49 20.05 -13.81
CA VAL C 87 10.88 19.51 -15.15
C VAL C 87 10.49 20.53 -16.24
N ALA C 88 9.35 21.19 -16.10
CA ALA C 88 8.95 22.27 -17.03
C ALA C 88 9.94 23.41 -16.94
N HIS C 89 10.45 23.75 -15.75
CA HIS C 89 11.40 24.88 -15.61
C HIS C 89 12.72 24.53 -16.30
N CYS C 90 13.18 23.29 -16.21
CA CYS C 90 14.42 22.89 -16.91
C CYS C 90 14.23 23.08 -18.43
N MET C 91 13.11 22.65 -18.97
CA MET C 91 12.74 22.79 -20.39
C MET C 91 12.68 24.29 -20.75
N TYR C 92 12.13 25.13 -19.88
CA TYR C 92 12.11 26.62 -20.06
C TYR C 92 13.54 27.15 -20.28
N ALA C 93 14.47 26.69 -19.47
CA ALA C 93 15.87 27.15 -19.54
C ALA C 93 16.51 26.66 -20.86
N ILE C 94 16.29 25.41 -21.26
CA ILE C 94 16.83 24.92 -22.56
C ILE C 94 16.28 25.75 -23.71
N LEU C 95 14.97 25.92 -23.77
CA LEU C 95 14.26 26.69 -24.83
C LEU C 95 14.79 28.13 -24.89
N GLN C 96 14.92 28.84 -23.78
CA GLN C 96 15.28 30.29 -23.80
C GLN C 96 16.75 30.45 -24.20
N ASN C 97 17.58 29.46 -23.94
CA ASN C 97 19.02 29.52 -24.31
C ASN C 97 19.26 28.93 -25.70
N ASN C 98 18.22 28.50 -26.39
CA ASN C 98 18.35 27.89 -27.73
C ASN C 98 17.20 28.41 -28.59
N HIS C 99 16.79 29.68 -28.45
CA HIS C 99 15.44 30.11 -28.92
C HIS C 99 15.32 30.02 -30.46
N THR C 100 16.42 30.07 -31.20
CA THR C 100 16.36 30.06 -32.69
C THR C 100 16.09 28.65 -33.25
N LEU C 101 16.18 27.58 -32.46
CA LEU C 101 16.19 26.17 -32.96
C LEU C 101 14.78 25.55 -33.02
N PHE C 102 13.77 26.04 -32.31
CA PHE C 102 12.50 25.29 -32.13
C PHE C 102 11.33 26.02 -32.79
N THR C 103 10.41 25.25 -33.34
CA THR C 103 9.20 25.79 -34.04
C THR C 103 8.24 26.35 -32.98
N ASP C 104 7.18 26.99 -33.46
CA ASP C 104 6.11 27.52 -32.57
C ASP C 104 5.39 26.32 -31.92
N LEU C 105 5.07 25.28 -32.70
CA LEU C 105 4.33 24.12 -32.19
C LEU C 105 5.20 23.45 -31.11
N GLU C 106 6.51 23.37 -31.32
CA GLU C 106 7.44 22.74 -30.33
C GLU C 106 7.41 23.54 -29.03
N ARG C 107 7.42 24.86 -29.08
CA ARG C 107 7.41 25.70 -27.86
C ARG C 107 6.13 25.48 -27.04
N LYS C 108 4.97 25.65 -27.70
CA LYS C 108 3.63 25.29 -27.13
C LYS C 108 3.68 23.88 -26.52
N GLY C 109 4.08 22.89 -27.31
CA GLY C 109 3.98 21.46 -26.94
C GLY C 109 4.84 21.08 -25.74
N LEU C 110 6.12 21.47 -25.72
CA LEU C 110 7.13 20.85 -24.84
C LEU C 110 6.87 21.25 -23.39
N LEU C 111 6.50 22.51 -23.11
CA LEU C 111 6.26 22.97 -21.72
C LEU C 111 5.04 22.23 -21.17
N ILE C 112 4.01 22.06 -22.00
CA ILE C 112 2.78 21.28 -21.66
C ILE C 112 3.17 19.80 -21.46
N ALA C 113 4.01 19.25 -22.32
CA ALA C 113 4.44 17.83 -22.20
C ALA C 113 5.15 17.61 -20.84
N CYS C 114 6.10 18.49 -20.48
CA CYS C 114 6.83 18.44 -19.20
C CYS C 114 5.82 18.52 -18.03
N LEU C 115 4.90 19.46 -18.06
CA LEU C 115 3.91 19.58 -16.95
C LEU C 115 3.10 18.27 -16.82
N CYS C 116 2.81 17.61 -17.94
CA CYS C 116 1.92 16.42 -17.98
C CYS C 116 2.67 15.09 -17.87
N HIS C 117 4.01 15.03 -17.82
CA HIS C 117 4.78 13.83 -18.24
C HIS C 117 4.70 12.73 -17.19
N ASP C 118 4.32 13.04 -15.95
CA ASP C 118 4.13 12.03 -14.88
C ASP C 118 2.70 12.05 -14.29
N LEU C 119 1.70 12.48 -15.06
CA LEU C 119 0.28 12.55 -14.63
C LEU C 119 -0.15 11.21 -14.03
N ASP C 120 -0.71 11.26 -12.81
CA ASP C 120 -1.33 10.11 -12.13
C ASP C 120 -0.29 9.03 -11.80
N HIS C 121 0.98 9.40 -11.60
CA HIS C 121 2.03 8.48 -11.15
C HIS C 121 1.69 7.98 -9.74
N ARG C 122 1.98 6.71 -9.43
CA ARG C 122 1.62 6.12 -8.11
C ARG C 122 2.86 5.96 -7.25
N GLY C 123 4.04 6.35 -7.75
CA GLY C 123 5.30 6.19 -7.01
C GLY C 123 5.90 4.80 -7.20
N PHE C 124 5.47 4.10 -8.25
CA PHE C 124 6.00 2.76 -8.66
C PHE C 124 6.49 2.74 -10.11
N SER C 125 7.56 2.01 -10.32
CA SER C 125 8.23 1.81 -11.63
C SER C 125 7.40 0.90 -12.52
N ASN C 126 7.67 0.93 -13.81
CA ASN C 126 7.06 0.01 -14.81
C ASN C 126 7.30 -1.45 -14.39
N SER C 127 8.50 -1.75 -13.92
CA SER C 127 8.90 -3.13 -13.52
C SER C 127 7.96 -3.61 -12.38
N TYR C 128 7.62 -2.77 -11.40
CA TYR C 128 6.70 -3.18 -10.30
C TYR C 128 5.28 -3.41 -10.86
N LEU C 129 4.76 -2.52 -11.72
CA LEU C 129 3.41 -2.67 -12.32
C LEU C 129 3.37 -4.03 -13.06
N GLN C 130 4.47 -4.39 -13.71
CA GLN C 130 4.55 -5.63 -14.50
C GLN C 130 4.50 -6.82 -13.52
N LYS C 131 5.35 -6.80 -12.50
CA LYS C 131 5.46 -7.94 -11.53
C LYS C 131 4.15 -8.06 -10.76
N PHE C 132 3.53 -6.95 -10.41
CA PHE C 132 2.27 -6.92 -9.64
C PHE C 132 1.15 -7.46 -10.52
N ASP C 133 1.31 -7.29 -11.83
CA ASP C 133 0.30 -7.63 -12.86
C ASP C 133 -0.84 -6.61 -12.77
N HIS C 134 -0.48 -5.32 -12.68
CA HIS C 134 -1.46 -4.21 -12.64
C HIS C 134 -2.21 -4.21 -13.96
N PRO C 135 -3.51 -3.86 -13.97
CA PRO C 135 -4.24 -3.69 -15.22
C PRO C 135 -3.54 -2.80 -16.25
N LEU C 136 -2.80 -1.76 -15.83
CA LEU C 136 -2.16 -0.86 -16.83
C LEU C 136 -1.10 -1.63 -17.63
N ALA C 137 -0.45 -2.63 -17.04
CA ALA C 137 0.60 -3.44 -17.70
C ALA C 137 0.01 -4.38 -18.76
N ALA C 138 -1.29 -4.74 -18.67
CA ALA C 138 -2.03 -5.48 -19.74
C ALA C 138 -2.32 -4.53 -20.91
N LEU C 139 -2.77 -3.32 -20.60
CA LEU C 139 -3.18 -2.29 -21.60
C LEU C 139 -1.95 -1.70 -22.32
N TYR C 140 -0.82 -1.54 -21.65
CA TYR C 140 0.38 -0.89 -22.20
C TYR C 140 1.57 -1.78 -21.88
N SER C 141 1.95 -2.67 -22.79
CA SER C 141 2.95 -3.73 -22.50
C SER C 141 4.36 -3.14 -22.31
N THR C 142 4.74 -2.06 -22.99
CA THR C 142 6.04 -1.34 -22.77
C THR C 142 5.78 0.13 -22.44
N SER C 143 6.74 0.82 -21.79
CA SER C 143 6.55 2.23 -21.36
C SER C 143 5.18 2.36 -20.69
N THR C 144 4.87 1.46 -19.76
CA THR C 144 3.50 1.31 -19.18
C THR C 144 3.00 2.67 -18.62
N MET C 145 3.73 3.25 -17.68
CA MET C 145 3.29 4.48 -16.96
C MET C 145 3.25 5.63 -17.97
N GLU C 146 4.20 5.69 -18.91
CA GLU C 146 4.31 6.82 -19.84
C GLU C 146 3.15 6.83 -20.83
N GLN C 147 2.74 5.67 -21.34
CA GLN C 147 1.51 5.57 -22.16
C GLN C 147 0.31 6.02 -21.29
N HIS C 148 0.25 5.66 -20.01
CA HIS C 148 -0.79 6.18 -19.08
C HIS C 148 -0.73 7.71 -18.98
N HIS C 149 0.46 8.31 -18.82
CA HIS C 149 0.60 9.77 -18.58
C HIS C 149 0.06 10.49 -19.81
N PHE C 150 0.38 9.97 -21.00
CA PHE C 150 -0.07 10.59 -22.24
C PHE C 150 -1.61 10.47 -22.35
N SER C 151 -2.15 9.32 -22.02
CA SER C 151 -3.61 9.05 -22.07
C SER C 151 -4.36 9.93 -21.04
N GLN C 152 -3.79 10.22 -19.88
CA GLN C 152 -4.34 11.19 -18.87
C GLN C 152 -4.30 12.62 -19.41
N THR C 153 -3.26 12.96 -20.17
CA THR C 153 -3.08 14.29 -20.76
C THR C 153 -4.19 14.50 -21.78
N VAL C 154 -4.42 13.53 -22.65
CA VAL C 154 -5.51 13.59 -23.68
C VAL C 154 -6.86 13.75 -22.96
N SER C 155 -7.12 12.96 -21.92
CA SER C 155 -8.38 13.01 -21.12
C SER C 155 -8.65 14.44 -20.63
N ILE C 156 -7.62 15.14 -20.16
CA ILE C 156 -7.76 16.50 -19.56
C ILE C 156 -8.03 17.49 -20.70
N LEU C 157 -7.37 17.32 -21.85
CA LEU C 157 -7.55 18.22 -23.02
C LEU C 157 -8.98 18.12 -23.56
N GLN C 158 -9.63 16.98 -23.39
CA GLN C 158 -11.01 16.66 -23.85
C GLN C 158 -12.07 17.10 -22.82
N LEU C 159 -11.69 17.51 -21.61
CA LEU C 159 -12.62 18.10 -20.61
C LEU C 159 -13.17 19.45 -21.13
N GLU C 160 -14.40 19.77 -20.73
CA GLU C 160 -15.10 20.99 -21.20
C GLU C 160 -14.32 22.22 -20.73
N GLY C 161 -14.06 23.15 -21.64
CA GLY C 161 -13.33 24.39 -21.35
C GLY C 161 -11.83 24.16 -21.19
N HIS C 162 -11.30 22.96 -21.48
CA HIS C 162 -9.85 22.65 -21.23
C HIS C 162 -9.02 22.60 -22.52
N ASN C 163 -9.61 22.83 -23.69
CA ASN C 163 -8.90 22.65 -24.98
C ASN C 163 -8.04 23.87 -25.27
N ILE C 164 -6.82 23.87 -24.73
CA ILE C 164 -5.89 25.03 -24.80
C ILE C 164 -5.35 25.17 -26.24
N PHE C 165 -5.54 24.14 -27.07
CA PHE C 165 -5.10 24.12 -28.48
C PHE C 165 -6.29 24.35 -29.44
N SER C 166 -7.41 24.87 -28.94
CA SER C 166 -8.66 25.01 -29.76
C SER C 166 -8.45 25.93 -30.97
N THR C 167 -7.48 26.86 -30.99
CA THR C 167 -7.26 27.77 -32.16
C THR C 167 -6.54 27.03 -33.28
N LEU C 168 -5.65 26.10 -32.97
CA LEU C 168 -4.80 25.37 -33.96
C LEU C 168 -5.72 24.74 -35.01
N SER C 169 -5.26 24.62 -36.26
CA SER C 169 -5.92 23.82 -37.33
C SER C 169 -5.93 22.33 -36.93
N SER C 170 -6.79 21.50 -37.52
CA SER C 170 -6.84 20.04 -37.26
C SER C 170 -5.44 19.42 -37.44
N SER C 171 -4.69 19.88 -38.45
CA SER C 171 -3.34 19.38 -38.79
C SER C 171 -2.33 19.69 -37.68
N GLU C 172 -2.23 20.96 -37.32
CA GLU C 172 -1.36 21.48 -36.25
C GLU C 172 -1.71 20.79 -34.93
N TYR C 173 -3.00 20.61 -34.61
CA TYR C 173 -3.49 19.90 -33.41
C TYR C 173 -2.92 18.49 -33.38
N GLU C 174 -3.02 17.72 -34.46
CA GLU C 174 -2.49 16.35 -34.52
C GLU C 174 -0.95 16.39 -34.36
N GLN C 175 -0.28 17.39 -34.95
CA GLN C 175 1.19 17.55 -34.82
C GLN C 175 1.59 17.81 -33.36
N VAL C 176 0.96 18.78 -32.70
CA VAL C 176 1.36 19.18 -31.32
C VAL C 176 1.05 18.00 -30.40
N LEU C 177 -0.02 17.28 -30.62
CA LEU C 177 -0.33 16.06 -29.81
C LEU C 177 0.74 15.00 -30.07
N GLU C 178 1.30 14.92 -31.27
CA GLU C 178 2.35 13.92 -31.57
C GLU C 178 3.70 14.35 -30.94
N ILE C 179 4.03 15.64 -30.94
CA ILE C 179 5.18 16.21 -30.19
C ILE C 179 5.06 15.80 -28.71
N ILE C 180 3.85 15.92 -28.12
CA ILE C 180 3.62 15.69 -26.66
C ILE C 180 3.74 14.20 -26.39
N ARG C 181 3.17 13.38 -27.24
CA ARG C 181 3.19 11.90 -27.07
C ARG C 181 4.65 11.43 -27.08
N LYS C 182 5.41 11.77 -28.10
CA LYS C 182 6.82 11.30 -28.24
C LYS C 182 7.68 11.78 -27.05
N ALA C 183 7.50 13.04 -26.63
CA ALA C 183 8.23 13.69 -25.52
C ALA C 183 7.92 12.91 -24.22
N ILE C 184 6.65 12.60 -23.95
CA ILE C 184 6.25 11.85 -22.71
C ILE C 184 6.77 10.41 -22.77
N ILE C 185 6.65 9.73 -23.91
CA ILE C 185 7.20 8.35 -24.05
C ILE C 185 8.73 8.40 -23.81
N ALA C 186 9.41 9.48 -24.28
CA ALA C 186 10.89 9.58 -24.18
C ALA C 186 11.36 9.58 -22.71
N THR C 187 10.53 10.02 -21.76
CA THR C 187 10.86 10.00 -20.31
C THR C 187 10.89 8.56 -19.73
N ASP C 188 10.56 7.53 -20.49
CA ASP C 188 10.90 6.15 -20.08
C ASP C 188 12.43 5.98 -20.14
N LEU C 189 13.08 5.97 -18.99
CA LEU C 189 14.57 5.87 -18.92
C LEU C 189 15.05 4.59 -19.63
N ALA C 190 14.22 3.55 -19.79
CA ALA C 190 14.67 2.34 -20.52
C ALA C 190 14.90 2.67 -22.01
N LEU C 191 14.30 3.74 -22.52
CA LEU C 191 14.44 4.09 -23.97
C LEU C 191 15.61 5.04 -24.16
N TYR C 192 16.05 5.67 -23.07
CA TYR C 192 17.07 6.74 -23.08
C TYR C 192 18.40 6.15 -23.63
N PHE C 193 18.80 4.96 -23.19
CA PHE C 193 20.14 4.40 -23.52
C PHE C 193 20.32 4.30 -25.04
N GLY C 194 19.36 3.65 -25.72
CA GLY C 194 19.32 3.52 -27.19
C GLY C 194 19.20 4.86 -27.92
N ASN C 195 18.35 5.76 -27.42
CA ASN C 195 18.20 7.11 -28.01
C ASN C 195 19.55 7.84 -27.95
N ARG C 196 20.17 7.91 -26.78
CA ARG C 196 21.44 8.68 -26.63
C ARG C 196 22.55 8.07 -27.52
N LYS C 197 22.62 6.74 -27.59
CA LYS C 197 23.63 6.04 -28.41
C LYS C 197 23.43 6.41 -29.88
N GLN C 198 22.19 6.37 -30.41
CA GLN C 198 21.90 6.76 -31.81
C GLN C 198 22.23 8.22 -32.02
N LEU C 199 21.85 9.09 -31.09
CA LEU C 199 22.09 10.55 -31.23
C LEU C 199 23.58 10.84 -31.23
N GLU C 200 24.32 10.17 -30.34
CA GLU C 200 25.82 10.33 -30.22
C GLU C 200 26.48 9.94 -31.55
N GLU C 201 26.10 8.82 -32.13
CA GLU C 201 26.69 8.39 -33.42
C GLU C 201 26.33 9.41 -34.53
N MET C 202 25.11 9.94 -34.55
CA MET C 202 24.68 10.94 -35.57
C MET C 202 25.49 12.22 -35.38
N TYR C 203 25.72 12.63 -34.15
CA TYR C 203 26.51 13.85 -33.86
C TYR C 203 27.96 13.64 -34.30
N GLN C 204 28.54 12.49 -33.95
CA GLN C 204 29.99 12.24 -34.11
C GLN C 204 30.26 12.11 -35.62
N THR C 205 29.32 11.58 -36.41
CA THR C 205 29.50 11.31 -37.85
C THR C 205 29.15 12.57 -38.65
N GLY C 206 28.54 13.56 -38.03
CA GLY C 206 28.11 14.79 -38.72
C GLY C 206 26.86 14.55 -39.55
N SER C 207 26.14 13.43 -39.36
CA SER C 207 24.88 13.11 -40.09
C SER C 207 23.65 13.77 -39.41
N LEU C 208 23.81 14.28 -38.19
CA LEU C 208 22.72 14.89 -37.39
C LEU C 208 22.17 16.09 -38.15
N ASN C 209 20.86 16.13 -38.35
CA ASN C 209 20.25 17.14 -39.24
C ASN C 209 18.93 17.58 -38.61
N LEU C 210 18.87 18.79 -38.07
CA LEU C 210 17.61 19.28 -37.42
C LEU C 210 16.50 19.56 -38.44
N ASN C 211 16.74 19.44 -39.76
CA ASN C 211 15.65 19.51 -40.77
C ASN C 211 15.02 18.12 -40.93
N ASN C 212 15.64 17.05 -40.43
CA ASN C 212 15.07 15.69 -40.49
C ASN C 212 14.20 15.47 -39.22
N GLN C 213 12.88 15.20 -39.37
CA GLN C 213 11.89 15.10 -38.25
C GLN C 213 12.30 14.01 -37.27
N SER C 214 12.72 12.85 -37.76
CA SER C 214 13.17 11.72 -36.92
C SER C 214 14.41 12.12 -36.08
N HIS C 215 15.32 12.92 -36.60
CA HIS C 215 16.46 13.45 -35.80
C HIS C 215 15.93 14.43 -34.76
N ARG C 216 15.08 15.37 -35.17
CA ARG C 216 14.51 16.35 -34.23
C ARG C 216 13.83 15.58 -33.09
N ASP C 217 13.10 14.49 -33.41
CA ASP C 217 12.40 13.66 -32.40
C ASP C 217 13.42 13.14 -31.38
N ARG C 218 14.59 12.67 -31.83
CA ARG C 218 15.61 12.11 -30.92
C ARG C 218 16.15 13.24 -30.03
N VAL C 219 16.41 14.42 -30.59
CA VAL C 219 16.99 15.56 -29.83
C VAL C 219 15.99 15.96 -28.74
N ILE C 220 14.70 16.02 -29.08
CA ILE C 220 13.65 16.40 -28.07
C ILE C 220 13.61 15.31 -26.98
N GLY C 221 13.77 14.04 -27.37
CA GLY C 221 13.77 12.89 -26.45
C GLY C 221 14.87 13.03 -25.44
N LEU C 222 16.05 13.39 -25.91
CA LEU C 222 17.18 13.61 -24.98
C LEU C 222 16.92 14.84 -24.09
N MET C 223 16.43 15.93 -24.65
CA MET C 223 16.05 17.12 -23.85
C MET C 223 15.07 16.70 -22.73
N MET C 224 14.13 15.81 -23.03
CA MET C 224 13.14 15.32 -22.02
C MET C 224 13.86 14.52 -20.92
N THR C 225 14.77 13.62 -21.27
CA THR C 225 15.58 12.87 -20.26
C THR C 225 16.32 13.88 -19.38
N ALA C 226 16.97 14.87 -20.00
CA ALA C 226 17.78 15.90 -19.32
C ALA C 226 16.92 16.70 -18.33
N CYS C 227 15.68 17.02 -18.70
CA CYS C 227 14.76 17.79 -17.80
C CYS C 227 14.27 16.88 -16.67
N ASP C 228 13.97 15.63 -16.99
CA ASP C 228 13.45 14.60 -16.06
C ASP C 228 14.50 14.32 -14.96
N LEU C 229 15.80 14.29 -15.31
CA LEU C 229 16.88 13.98 -14.35
C LEU C 229 17.42 15.24 -13.67
N CYS C 230 16.85 16.43 -13.90
CA CYS C 230 17.53 17.69 -13.54
C CYS C 230 17.78 17.85 -12.02
N SER C 231 17.27 16.95 -11.15
CA SER C 231 17.65 16.96 -9.70
C SER C 231 19.19 16.93 -9.55
N VAL C 232 19.87 16.22 -10.47
CA VAL C 232 21.36 16.02 -10.41
C VAL C 232 22.08 17.27 -10.90
N THR C 233 21.35 18.32 -11.30
CA THR C 233 21.95 19.54 -11.89
C THR C 233 21.67 20.75 -11.04
N LYS C 234 21.17 20.54 -9.83
CA LYS C 234 20.94 21.66 -8.90
C LYS C 234 22.19 21.88 -8.07
N LEU C 235 22.16 22.90 -7.25
CA LEU C 235 23.21 23.13 -6.25
C LEU C 235 23.10 22.00 -5.21
N TRP C 236 24.24 21.62 -4.61
CA TRP C 236 24.39 20.40 -3.76
C TRP C 236 23.26 20.27 -2.74
N PRO C 237 22.88 21.30 -1.94
CA PRO C 237 21.87 21.09 -0.91
C PRO C 237 20.52 20.66 -1.49
N VAL C 238 20.15 21.21 -2.67
CA VAL C 238 18.89 20.80 -3.36
C VAL C 238 19.04 19.35 -3.83
N THR C 239 20.15 18.99 -4.45
CA THR C 239 20.39 17.66 -5.05
C THR C 239 20.31 16.60 -3.94
N LYS C 240 20.91 16.89 -2.80
CA LYS C 240 21.00 15.97 -1.64
C LYS C 240 19.60 15.80 -1.02
N LEU C 241 18.84 16.89 -0.85
CA LEU C 241 17.47 16.77 -0.28
C LEU C 241 16.53 16.08 -1.28
N THR C 242 16.65 16.35 -2.58
CA THR C 242 15.76 15.69 -3.57
C THR C 242 16.07 14.19 -3.56
N ALA C 243 17.34 13.79 -3.35
CA ALA C 243 17.71 12.35 -3.32
C ALA C 243 16.95 11.63 -2.19
N ASN C 244 16.65 12.28 -1.07
CA ASN C 244 15.84 11.65 0.03
C ASN C 244 14.42 11.29 -0.47
N ASP C 245 13.82 12.16 -1.27
CA ASP C 245 12.44 11.97 -1.81
C ASP C 245 12.47 10.82 -2.83
N ILE C 246 13.53 10.76 -3.65
CA ILE C 246 13.69 9.74 -4.71
C ILE C 246 13.75 8.38 -4.02
N TYR C 247 14.58 8.24 -3.00
CA TYR C 247 14.77 6.95 -2.32
C TYR C 247 13.54 6.62 -1.46
N ALA C 248 12.83 7.60 -0.92
CA ALA C 248 11.61 7.32 -0.12
C ALA C 248 10.66 6.55 -1.02
N GLU C 249 10.54 6.95 -2.29
CA GLU C 249 9.71 6.19 -3.26
C GLU C 249 10.31 4.82 -3.54
N PHE C 250 11.61 4.73 -3.87
CA PHE C 250 12.23 3.45 -4.27
C PHE C 250 12.14 2.44 -3.12
N TRP C 251 12.37 2.86 -1.89
CA TRP C 251 12.34 1.96 -0.71
C TRP C 251 10.91 1.46 -0.45
N ALA C 252 9.88 2.29 -0.63
CA ALA C 252 8.46 1.84 -0.57
C ALA C 252 8.21 0.78 -1.64
N GLU C 253 8.74 0.97 -2.86
CA GLU C 253 8.57 -0.02 -3.94
C GLU C 253 9.28 -1.32 -3.56
N GLY C 254 10.50 -1.25 -3.03
CA GLY C 254 11.25 -2.39 -2.45
C GLY C 254 10.42 -3.17 -1.45
N ASP C 255 9.80 -2.49 -0.51
CA ASP C 255 8.90 -3.12 0.49
C ASP C 255 7.82 -3.89 -0.26
N GLU C 256 7.21 -3.28 -1.29
CA GLU C 256 6.09 -3.89 -2.03
C GLU C 256 6.61 -5.09 -2.82
N MET C 257 7.87 -5.06 -3.27
CA MET C 257 8.49 -6.20 -4.01
C MET C 257 8.63 -7.36 -2.99
N LYS C 258 9.06 -7.04 -1.77
CA LYS C 258 9.24 -8.04 -0.68
C LYS C 258 7.88 -8.68 -0.41
N LYS C 259 6.80 -7.91 -0.46
CA LYS C 259 5.42 -8.41 -0.19
C LYS C 259 4.91 -9.27 -1.36
N LEU C 260 5.42 -9.12 -2.56
CA LEU C 260 5.07 -9.97 -3.73
C LEU C 260 5.82 -11.30 -3.64
N GLY C 261 6.84 -11.40 -2.79
CA GLY C 261 7.75 -12.55 -2.72
C GLY C 261 8.96 -12.40 -3.63
N ILE C 262 9.33 -11.19 -4.03
CA ILE C 262 10.50 -10.95 -4.93
C ILE C 262 11.51 -10.09 -4.20
N GLN C 263 12.77 -10.52 -4.18
CA GLN C 263 13.85 -9.73 -3.54
C GLN C 263 14.01 -8.52 -4.45
N PRO C 264 13.91 -7.29 -3.94
CA PRO C 264 14.11 -6.12 -4.79
C PRO C 264 15.60 -5.95 -5.13
N ILE C 265 15.91 -5.19 -6.18
CA ILE C 265 17.31 -4.77 -6.44
C ILE C 265 17.78 -3.90 -5.26
N PRO C 266 19.10 -3.91 -4.98
CA PRO C 266 19.67 -3.11 -3.89
C PRO C 266 19.21 -1.64 -3.85
N MET C 267 18.99 -1.03 -5.01
CA MET C 267 18.66 0.42 -5.06
C MET C 267 17.31 0.66 -4.34
N MET C 268 16.41 -0.32 -4.39
CA MET C 268 15.06 -0.19 -3.78
C MET C 268 15.00 -0.90 -2.43
N ASP C 269 16.13 -1.37 -1.88
CA ASP C 269 16.12 -2.15 -0.61
C ASP C 269 16.53 -1.23 0.54
N ARG C 270 15.61 -0.85 1.40
CA ARG C 270 15.97 0.12 2.48
C ARG C 270 17.07 -0.46 3.39
N ASP C 271 17.23 -1.79 3.47
CA ASP C 271 18.27 -2.41 4.33
C ASP C 271 19.66 -2.17 3.72
N LYS C 272 19.74 -1.75 2.45
CA LYS C 272 21.05 -1.47 1.81
C LYS C 272 21.28 0.03 1.60
N LYS C 273 20.65 0.88 2.41
CA LYS C 273 20.78 2.36 2.37
C LYS C 273 22.24 2.81 2.38
N ASP C 274 23.11 2.13 3.11
CA ASP C 274 24.51 2.58 3.35
C ASP C 274 25.27 2.57 2.04
N GLU C 275 24.80 1.86 1.00
CA GLU C 275 25.43 1.81 -0.34
C GLU C 275 24.89 2.95 -1.24
N VAL C 276 24.07 3.87 -0.73
CA VAL C 276 23.48 4.97 -1.55
C VAL C 276 24.60 5.75 -2.24
N PRO C 277 25.65 6.22 -1.53
CA PRO C 277 26.68 7.05 -2.15
C PRO C 277 27.36 6.37 -3.34
N GLN C 278 27.67 5.09 -3.20
CA GLN C 278 28.25 4.28 -4.29
C GLN C 278 27.19 4.18 -5.41
N GLY C 279 25.91 4.04 -5.04
CA GLY C 279 24.83 3.93 -6.02
C GLY C 279 24.76 5.16 -6.90
N GLN C 280 24.80 6.35 -6.28
CA GLN C 280 24.84 7.66 -6.98
C GLN C 280 26.04 7.70 -7.95
N LEU C 281 27.25 7.40 -7.46
CA LEU C 281 28.50 7.38 -8.28
C LEU C 281 28.22 6.63 -9.58
N GLY C 282 27.78 5.37 -9.44
CA GLY C 282 27.45 4.51 -10.58
C GLY C 282 26.40 5.18 -11.46
N PHE C 283 25.38 5.82 -10.87
CA PHE C 283 24.26 6.41 -11.67
C PHE C 283 24.81 7.59 -12.50
N TYR C 284 25.62 8.42 -11.86
CA TYR C 284 26.15 9.63 -12.54
C TYR C 284 27.08 9.20 -13.69
N ASN C 285 27.89 8.17 -13.49
CA ASN C 285 28.87 7.68 -14.50
C ASN C 285 28.12 7.05 -15.67
N ALA C 286 27.13 6.20 -15.39
CA ALA C 286 26.46 5.38 -16.43
C ALA C 286 25.31 6.14 -17.12
N VAL C 287 24.69 7.13 -16.47
CA VAL C 287 23.40 7.73 -16.94
C VAL C 287 23.51 9.25 -17.07
N ALA C 288 23.68 9.96 -15.99
CA ALA C 288 23.55 11.44 -15.96
C ALA C 288 24.68 12.12 -16.75
N ILE C 289 25.95 11.78 -16.49
CA ILE C 289 27.10 12.47 -17.16
C ILE C 289 26.98 12.27 -18.67
N PRO C 290 26.79 11.05 -19.22
CA PRO C 290 26.65 10.85 -20.65
C PRO C 290 25.46 11.59 -21.28
N CYS C 291 24.35 11.71 -20.54
CA CYS C 291 23.13 12.43 -20.96
C CYS C 291 23.46 13.92 -21.19
N TYR C 292 23.94 14.59 -20.14
CA TYR C 292 24.32 16.03 -20.23
C TYR C 292 25.52 16.24 -21.18
N THR C 293 26.41 15.26 -21.33
CA THR C 293 27.59 15.37 -22.25
C THR C 293 27.07 15.47 -23.70
N THR C 294 26.24 14.51 -24.14
CA THR C 294 25.59 14.48 -25.48
C THR C 294 24.70 15.72 -25.67
N LEU C 295 23.95 16.13 -24.65
CA LEU C 295 23.08 17.32 -24.81
C LEU C 295 23.94 18.58 -25.01
N THR C 296 25.06 18.71 -24.32
CA THR C 296 25.93 19.90 -24.45
C THR C 296 26.61 19.90 -25.83
N GLN C 297 26.97 18.73 -26.35
CA GLN C 297 27.51 18.58 -27.72
C GLN C 297 26.51 19.09 -28.76
N ILE C 298 25.24 18.71 -28.65
CA ILE C 298 24.19 19.15 -29.63
C ILE C 298 23.74 20.57 -29.34
N LEU C 299 23.55 20.95 -28.08
CA LEU C 299 23.04 22.28 -27.69
C LEU C 299 24.04 22.92 -26.72
N PRO C 300 25.11 23.58 -27.21
CA PRO C 300 26.19 24.04 -26.34
C PRO C 300 25.78 25.02 -25.23
N PRO C 301 24.76 25.89 -25.42
CA PRO C 301 24.26 26.68 -24.28
C PRO C 301 23.65 25.89 -23.10
N THR C 302 23.55 24.56 -23.17
CA THR C 302 23.02 23.75 -22.04
C THR C 302 24.18 23.36 -21.13
N GLU C 303 25.40 23.76 -21.49
CA GLU C 303 26.63 23.48 -20.73
C GLU C 303 26.43 23.56 -19.22
N PRO C 304 25.82 24.61 -18.64
CA PRO C 304 25.68 24.68 -17.18
C PRO C 304 25.09 23.43 -16.50
N LEU C 305 24.23 22.67 -17.22
CA LEU C 305 23.61 21.46 -16.65
C LEU C 305 24.71 20.43 -16.46
N LEU C 306 25.57 20.26 -17.48
CA LEU C 306 26.73 19.34 -17.40
C LEU C 306 27.64 19.77 -16.27
N LYS C 307 27.96 21.06 -16.17
CA LYS C 307 28.94 21.53 -15.17
C LYS C 307 28.37 21.24 -13.78
N ALA C 308 27.07 21.44 -13.57
CA ALA C 308 26.44 21.23 -12.25
C ALA C 308 26.42 19.74 -11.93
N CYS C 309 26.18 18.90 -12.93
CA CYS C 309 26.17 17.43 -12.76
C CYS C 309 27.59 16.99 -12.34
N ARG C 310 28.66 17.48 -13.00
CA ARG C 310 30.04 17.10 -12.60
CA ARG C 310 30.07 17.15 -12.61
C ARG C 310 30.31 17.58 -11.15
N ASP C 311 29.86 18.77 -10.76
CA ASP C 311 30.08 19.24 -9.36
C ASP C 311 29.40 18.31 -8.35
N ASN C 312 28.20 17.81 -8.67
CA ASN C 312 27.42 16.92 -7.78
C ASN C 312 28.10 15.56 -7.76
N LEU C 313 28.64 15.08 -8.90
CA LEU C 313 29.41 13.80 -8.91
C LEU C 313 30.57 13.94 -7.90
N SER C 314 31.25 15.09 -7.89
CA SER C 314 32.45 15.31 -7.03
C SER C 314 31.99 15.40 -5.55
N GLN C 315 30.76 15.86 -5.27
CA GLN C 315 30.21 15.86 -3.89
C GLN C 315 29.92 14.42 -3.44
N TRP C 316 29.35 13.56 -4.29
CA TRP C 316 29.11 12.16 -3.92
C TRP C 316 30.44 11.45 -3.64
N GLU C 317 31.51 11.73 -4.38
CA GLU C 317 32.86 11.14 -4.15
C GLU C 317 33.36 11.54 -2.75
N LYS C 318 33.20 12.80 -2.35
CA LYS C 318 33.56 13.25 -0.99
C LYS C 318 32.75 12.49 0.06
N VAL C 319 31.44 12.34 -0.13
CA VAL C 319 30.60 11.49 0.77
C VAL C 319 31.18 10.08 0.84
N ILE C 320 31.66 9.48 -0.26
CA ILE C 320 32.14 8.06 -0.29
C ILE C 320 33.45 7.95 0.53
N ARG C 321 34.23 9.02 0.60
CA ARG C 321 35.50 9.03 1.38
C ARG C 321 35.26 9.59 2.79
N GLY C 322 34.02 9.60 3.29
CA GLY C 322 33.71 10.00 4.67
C GLY C 322 34.08 11.44 5.00
N GLU C 323 34.16 12.36 4.02
CA GLU C 323 34.36 13.84 4.22
C GLU C 323 33.02 14.59 4.20
N GLU C 324 31.92 13.83 4.25
CA GLU C 324 30.52 14.29 4.49
C GLU C 324 29.60 13.06 4.50
N LEU D 13 5.59 -34.74 -44.86
CA LEU D 13 4.42 -33.81 -45.02
C LEU D 13 3.11 -34.55 -44.68
N MET D 14 3.19 -35.52 -43.76
CA MET D 14 2.04 -36.39 -43.42
C MET D 14 1.63 -36.15 -41.96
N GLN D 15 0.62 -35.33 -41.75
CA GLN D 15 0.21 -34.89 -40.39
C GLN D 15 -1.00 -35.72 -39.97
N PHE D 16 -1.23 -35.81 -38.66
CA PHE D 16 -2.46 -36.40 -38.10
C PHE D 16 -3.47 -35.29 -37.88
N THR D 17 -4.72 -35.55 -38.24
CA THR D 17 -5.87 -34.66 -37.96
C THR D 17 -6.86 -35.48 -37.13
N LEU D 18 -7.56 -34.85 -36.19
CA LEU D 18 -8.62 -35.51 -35.42
C LEU D 18 -9.94 -34.99 -35.93
N PRO D 19 -11.06 -35.64 -35.61
CA PRO D 19 -12.38 -35.07 -35.91
C PRO D 19 -12.59 -33.76 -35.13
N VAL D 20 -13.43 -32.89 -35.66
CA VAL D 20 -13.60 -31.52 -35.13
C VAL D 20 -13.70 -31.58 -33.60
N ARG D 21 -14.64 -32.33 -33.02
CA ARG D 21 -14.87 -32.24 -31.56
C ARG D 21 -13.54 -32.54 -30.83
N LEU D 22 -12.74 -33.52 -31.29
CA LEU D 22 -11.49 -33.92 -30.57
C LEU D 22 -10.42 -32.84 -30.79
N CYS D 23 -10.26 -32.37 -32.01
CA CYS D 23 -9.34 -31.27 -32.40
C CYS D 23 -9.64 -30.07 -31.49
N LYS D 24 -10.91 -29.76 -31.22
CA LYS D 24 -11.22 -28.64 -30.30
C LYS D 24 -11.00 -29.05 -28.82
N GLU D 25 -11.50 -30.20 -28.36
CA GLU D 25 -11.60 -30.47 -26.90
C GLU D 25 -10.25 -31.00 -26.34
N ILE D 26 -9.40 -31.55 -27.19
CA ILE D 26 -8.06 -32.08 -26.78
C ILE D 26 -7.21 -30.95 -26.18
N GLU D 27 -7.55 -29.69 -26.46
CA GLU D 27 -6.79 -28.53 -25.92
C GLU D 27 -7.26 -28.23 -24.50
N LEU D 28 -8.39 -28.77 -24.07
CA LEU D 28 -8.88 -28.54 -22.68
C LEU D 28 -8.15 -29.48 -21.72
N PHE D 29 -7.77 -29.02 -20.53
CA PHE D 29 -7.11 -29.89 -19.51
C PHE D 29 -8.03 -31.08 -19.17
N HIS D 30 -9.36 -30.94 -19.17
CA HIS D 30 -10.26 -32.02 -18.66
C HIS D 30 -10.64 -33.01 -19.78
N PHE D 31 -10.09 -32.88 -20.97
CA PHE D 31 -10.35 -33.80 -22.10
C PHE D 31 -10.18 -35.26 -21.64
N ASP D 32 -11.08 -36.10 -22.11
CA ASP D 32 -11.07 -37.58 -21.93
C ASP D 32 -10.79 -38.16 -23.31
N ILE D 33 -9.87 -39.12 -23.40
CA ILE D 33 -9.38 -39.69 -24.69
C ILE D 33 -10.40 -40.69 -25.27
N GLY D 34 -11.45 -41.04 -24.50
CA GLY D 34 -12.58 -41.85 -24.98
C GLY D 34 -12.30 -43.35 -24.97
N PRO D 35 -13.31 -44.17 -25.32
CA PRO D 35 -13.21 -45.63 -25.19
C PRO D 35 -12.77 -46.39 -26.44
N PHE D 36 -12.45 -45.70 -27.52
CA PHE D 36 -11.91 -46.33 -28.76
C PHE D 36 -10.37 -46.46 -28.65
N GLU D 37 -9.90 -47.58 -28.11
CA GLU D 37 -8.46 -47.95 -28.01
C GLU D 37 -7.70 -47.62 -29.29
N ASN D 38 -8.22 -47.98 -30.47
CA ASN D 38 -7.45 -47.88 -31.74
C ASN D 38 -7.22 -46.41 -32.16
N MET D 39 -7.84 -45.45 -31.51
CA MET D 39 -7.62 -44.01 -31.81
C MET D 39 -6.53 -43.42 -30.89
N TRP D 40 -6.16 -44.10 -29.80
CA TRP D 40 -5.22 -43.51 -28.81
C TRP D 40 -3.85 -43.31 -29.42
N PRO D 41 -3.27 -44.22 -30.24
CA PRO D 41 -1.96 -43.94 -30.84
C PRO D 41 -1.94 -42.65 -31.68
N GLY D 42 -2.97 -42.41 -32.50
CA GLY D 42 -3.04 -41.24 -33.38
C GLY D 42 -3.25 -39.96 -32.58
N ILE D 43 -3.99 -40.05 -31.46
CA ILE D 43 -4.15 -38.93 -30.50
C ILE D 43 -2.77 -38.60 -29.96
N PHE D 44 -1.96 -39.60 -29.63
CA PHE D 44 -0.61 -39.38 -29.06
C PHE D 44 0.31 -38.76 -30.11
N VAL D 45 0.32 -39.28 -31.34
CA VAL D 45 1.15 -38.70 -32.44
C VAL D 45 0.71 -37.24 -32.68
N TYR D 46 -0.59 -36.97 -32.69
CA TYR D 46 -1.12 -35.61 -32.92
C TYR D 46 -0.50 -34.69 -31.87
N MET D 47 -0.52 -35.13 -30.61
CA MET D 47 0.00 -34.29 -29.50
C MET D 47 1.53 -34.09 -29.65
N VAL D 48 2.27 -35.12 -30.04
CA VAL D 48 3.75 -35.01 -30.26
C VAL D 48 3.99 -34.00 -31.40
N HIS D 49 3.22 -34.06 -32.48
CA HIS D 49 3.40 -33.14 -33.64
C HIS D 49 3.19 -31.68 -33.24
N ARG D 50 2.12 -31.37 -32.50
CA ARG D 50 1.79 -29.97 -32.09
C ARG D 50 2.68 -29.49 -30.94
N SER D 51 3.20 -30.34 -30.06
CA SER D 51 3.89 -29.85 -28.83
C SER D 51 5.41 -29.86 -29.04
N CYS D 52 5.91 -30.79 -29.84
CA CYS D 52 7.35 -31.00 -30.10
C CYS D 52 7.65 -30.44 -31.50
N GLY D 53 6.91 -30.92 -32.51
CA GLY D 53 7.04 -30.53 -33.93
C GLY D 53 6.97 -31.75 -34.84
N THR D 54 6.71 -31.54 -36.13
CA THR D 54 6.46 -32.61 -37.14
C THR D 54 7.74 -33.41 -37.37
N SER D 55 8.90 -32.79 -37.11
CA SER D 55 10.26 -33.31 -37.41
C SER D 55 10.93 -33.92 -36.18
N CYS D 56 10.42 -33.72 -34.97
CA CYS D 56 11.03 -34.29 -33.73
C CYS D 56 11.38 -35.77 -33.91
N PHE D 57 10.47 -36.57 -34.43
CA PHE D 57 10.68 -38.03 -34.55
C PHE D 57 10.35 -38.44 -35.98
N GLU D 58 11.07 -39.45 -36.46
CA GLU D 58 10.76 -40.20 -37.70
C GLU D 58 9.44 -40.95 -37.43
N LEU D 59 8.43 -40.73 -38.26
CA LEU D 59 7.07 -41.27 -38.05
C LEU D 59 7.10 -42.79 -37.89
N GLU D 60 7.87 -43.54 -38.68
CA GLU D 60 7.83 -45.04 -38.65
C GLU D 60 8.49 -45.58 -37.38
N LYS D 61 9.59 -45.00 -36.94
CA LYS D 61 10.23 -45.37 -35.64
C LYS D 61 9.25 -45.05 -34.51
N LEU D 62 8.61 -43.87 -34.55
CA LEU D 62 7.65 -43.39 -33.50
C LEU D 62 6.50 -44.36 -33.44
N CME D 63 5.86 -44.66 -34.57
CA CME D 63 4.72 -45.61 -34.64
CB CME D 63 4.06 -45.65 -36.01
SG CME D 63 2.95 -44.26 -36.39
SD CME D 63 1.40 -44.41 -35.05
CE CME D 63 0.31 -45.72 -35.68
CZ CME D 63 -1.10 -45.23 -35.90
OH CME D 63 -2.01 -46.30 -35.97
C CME D 63 5.15 -46.98 -34.11
O CME D 63 4.41 -47.60 -33.29
N ARG D 64 6.33 -47.49 -34.47
CA ARG D 64 6.65 -48.84 -33.96
C ARG D 64 7.01 -48.75 -32.46
N PHE D 65 7.58 -47.63 -32.00
CA PHE D 65 7.88 -47.41 -30.55
C PHE D 65 6.58 -47.47 -29.73
N ILE D 66 5.59 -46.71 -30.17
CA ILE D 66 4.26 -46.61 -29.50
C ILE D 66 3.64 -48.02 -29.38
N MET D 67 3.69 -48.83 -30.45
CA MET D 67 2.99 -50.15 -30.50
C MET D 67 3.70 -51.13 -29.57
N SER D 68 5.02 -51.03 -29.44
CA SER D 68 5.81 -51.84 -28.49
C SER D 68 5.49 -51.40 -27.04
N VAL D 69 5.42 -50.10 -26.81
CA VAL D 69 5.04 -49.58 -25.46
C VAL D 69 3.68 -50.15 -25.12
N LYS D 70 2.69 -49.95 -25.98
CA LYS D 70 1.31 -50.47 -25.78
C LYS D 70 1.36 -51.96 -25.38
N LYS D 71 2.13 -52.76 -26.12
CA LYS D 71 2.17 -54.23 -25.96
C LYS D 71 2.74 -54.54 -24.57
N ASN D 72 3.54 -53.65 -23.96
CA ASN D 72 4.19 -53.90 -22.65
C ASN D 72 3.41 -53.21 -21.51
N TYR D 73 2.22 -52.68 -21.77
CA TYR D 73 1.19 -52.45 -20.70
C TYR D 73 0.30 -53.68 -20.57
N ARG D 74 -0.17 -53.96 -19.37
CA ARG D 74 -0.95 -55.16 -19.03
C ARG D 74 -2.42 -54.79 -18.88
N ARG D 75 -3.26 -55.81 -18.99
CA ARG D 75 -4.74 -55.68 -18.92
C ARG D 75 -5.14 -55.62 -17.45
N VAL D 76 -4.83 -54.52 -16.79
CA VAL D 76 -5.20 -54.33 -15.35
C VAL D 76 -6.24 -53.23 -15.28
N PRO D 77 -6.98 -53.13 -14.16
CA PRO D 77 -8.12 -52.19 -14.11
C PRO D 77 -7.76 -50.71 -14.35
N TYR D 78 -6.59 -50.26 -13.87
CA TYR D 78 -6.25 -48.82 -13.83
C TYR D 78 -4.89 -48.59 -14.49
N HIS D 79 -3.82 -49.27 -14.05
CA HIS D 79 -2.44 -48.97 -14.53
C HIS D 79 -2.22 -49.59 -15.91
N ASN D 80 -2.96 -49.09 -16.90
CA ASN D 80 -3.02 -49.75 -18.23
C ASN D 80 -2.70 -48.72 -19.32
N TRP D 81 -2.72 -49.17 -20.56
CA TRP D 81 -2.45 -48.31 -21.75
C TRP D 81 -3.28 -47.01 -21.71
N LYS D 82 -4.53 -47.08 -21.26
CA LYS D 82 -5.43 -45.90 -21.27
C LYS D 82 -4.86 -44.83 -20.32
N HIS D 83 -4.39 -45.25 -19.14
CA HIS D 83 -3.71 -44.39 -18.14
C HIS D 83 -2.45 -43.73 -18.74
N ALA D 84 -1.64 -44.48 -19.45
CA ALA D 84 -0.42 -43.98 -20.15
C ALA D 84 -0.77 -42.79 -21.08
N VAL D 85 -1.77 -42.94 -21.95
CA VAL D 85 -2.15 -41.86 -22.93
C VAL D 85 -2.83 -40.69 -22.19
N THR D 86 -3.60 -40.96 -21.14
CA THR D 86 -4.30 -39.92 -20.33
C THR D 86 -3.23 -39.05 -19.66
N VAL D 87 -2.24 -39.66 -19.05
CA VAL D 87 -1.15 -38.90 -18.38
C VAL D 87 -0.40 -38.06 -19.43
N ALA D 88 -0.09 -38.62 -20.58
CA ALA D 88 0.57 -37.87 -21.68
C ALA D 88 -0.28 -36.68 -22.15
N HIS D 89 -1.60 -36.84 -22.22
CA HIS D 89 -2.52 -35.76 -22.63
C HIS D 89 -2.46 -34.59 -21.62
N CYS D 90 -2.44 -34.88 -20.31
CA CYS D 90 -2.33 -33.83 -19.27
C CYS D 90 -0.97 -33.13 -19.46
N MET D 91 0.10 -33.87 -19.80
CA MET D 91 1.43 -33.24 -20.00
C MET D 91 1.35 -32.36 -21.27
N TYR D 92 0.72 -32.84 -22.34
CA TYR D 92 0.48 -32.04 -23.59
C TYR D 92 -0.17 -30.68 -23.24
N ALA D 93 -1.26 -30.70 -22.48
CA ALA D 93 -2.00 -29.47 -22.10
C ALA D 93 -1.09 -28.55 -21.28
N ILE D 94 -0.27 -29.07 -20.38
CA ILE D 94 0.68 -28.24 -19.58
C ILE D 94 1.66 -27.59 -20.56
N LEU D 95 2.23 -28.39 -21.47
CA LEU D 95 3.29 -27.87 -22.37
C LEU D 95 2.71 -26.85 -23.34
N GLN D 96 1.52 -27.06 -23.88
CA GLN D 96 0.97 -26.13 -24.89
C GLN D 96 0.68 -24.76 -24.23
N ASN D 97 0.32 -24.73 -22.95
CA ASN D 97 -0.17 -23.51 -22.24
C ASN D 97 1.00 -22.80 -21.54
N ASN D 98 2.17 -23.42 -21.49
CA ASN D 98 3.42 -22.90 -20.88
C ASN D 98 4.56 -23.03 -21.89
N HIS D 99 4.32 -22.69 -23.17
CA HIS D 99 5.18 -23.17 -24.30
C HIS D 99 6.56 -22.48 -24.32
N THR D 100 6.69 -21.25 -23.84
CA THR D 100 8.00 -20.53 -23.85
C THR D 100 8.92 -21.02 -22.73
N LEU D 101 8.45 -21.85 -21.78
CA LEU D 101 9.21 -22.20 -20.55
C LEU D 101 10.11 -23.43 -20.77
N PHE D 102 9.84 -24.32 -21.75
CA PHE D 102 10.54 -25.63 -21.83
C PHE D 102 11.52 -25.66 -23.01
N THR D 103 12.61 -26.38 -22.82
CA THR D 103 13.66 -26.59 -23.86
C THR D 103 13.13 -27.61 -24.87
N ASP D 104 13.80 -27.71 -26.02
CA ASP D 104 13.52 -28.71 -27.11
C ASP D 104 13.63 -30.15 -26.58
N LEU D 105 14.64 -30.47 -25.73
CA LEU D 105 14.86 -31.84 -25.19
C LEU D 105 13.77 -32.18 -24.16
N GLU D 106 13.37 -31.20 -23.34
CA GLU D 106 12.24 -31.34 -22.39
C GLU D 106 10.95 -31.68 -23.17
N ARG D 107 10.66 -30.97 -24.27
CA ARG D 107 9.41 -31.25 -25.05
C ARG D 107 9.46 -32.69 -25.62
N LYS D 108 10.58 -33.08 -26.23
CA LYS D 108 10.84 -34.47 -26.75
C LYS D 108 10.73 -35.51 -25.64
N GLY D 109 11.33 -35.26 -24.47
CA GLY D 109 11.46 -36.24 -23.38
C GLY D 109 10.15 -36.47 -22.62
N LEU D 110 9.35 -35.44 -22.37
CA LEU D 110 8.32 -35.49 -21.28
C LEU D 110 7.06 -36.23 -21.75
N LEU D 111 6.64 -36.07 -23.00
CA LEU D 111 5.51 -36.84 -23.58
C LEU D 111 5.94 -38.31 -23.66
N ILE D 112 7.18 -38.61 -24.09
CA ILE D 112 7.67 -40.02 -24.06
C ILE D 112 7.69 -40.52 -22.60
N ALA D 113 8.23 -39.76 -21.66
CA ALA D 113 8.25 -40.17 -20.23
C ALA D 113 6.82 -40.48 -19.75
N CYS D 114 5.82 -39.67 -20.09
CA CYS D 114 4.41 -39.90 -19.63
C CYS D 114 3.88 -41.19 -20.26
N LEU D 115 4.15 -41.44 -21.54
CA LEU D 115 3.66 -42.67 -22.21
C LEU D 115 4.26 -43.93 -21.56
N CYS D 116 5.51 -43.88 -21.10
CA CYS D 116 6.27 -45.06 -20.61
C CYS D 116 6.22 -45.16 -19.07
N HIS D 117 5.63 -44.19 -18.37
CA HIS D 117 5.88 -43.98 -16.91
C HIS D 117 5.38 -45.15 -16.06
N ASP D 118 4.51 -46.01 -16.59
CA ASP D 118 3.98 -47.17 -15.82
C ASP D 118 4.15 -48.49 -16.62
N LEU D 119 5.15 -48.58 -17.49
CA LEU D 119 5.36 -49.80 -18.34
C LEU D 119 5.42 -51.05 -17.46
N ASP D 120 4.59 -52.05 -17.80
CA ASP D 120 4.68 -53.42 -17.22
C ASP D 120 4.21 -53.40 -15.77
N HIS D 121 3.33 -52.47 -15.41
CA HIS D 121 2.70 -52.41 -14.07
C HIS D 121 1.82 -53.66 -13.91
N ARG D 122 1.83 -54.27 -12.73
CA ARG D 122 1.02 -55.49 -12.43
C ARG D 122 -0.21 -55.13 -11.60
N GLY D 123 -0.40 -53.87 -11.20
CA GLY D 123 -1.56 -53.44 -10.42
C GLY D 123 -1.28 -53.48 -8.92
N PHE D 124 -0.01 -53.62 -8.55
CA PHE D 124 0.42 -53.68 -7.13
C PHE D 124 1.43 -52.56 -6.83
N SER D 125 1.29 -52.01 -5.63
CA SER D 125 2.14 -50.94 -5.03
C SER D 125 3.53 -51.51 -4.70
N ASN D 126 4.51 -50.61 -4.58
CA ASN D 126 5.87 -50.90 -4.09
C ASN D 126 5.80 -51.65 -2.77
N SER D 127 4.89 -51.23 -1.87
CA SER D 127 4.76 -51.84 -0.53
C SER D 127 4.45 -53.33 -0.71
N TYR D 128 3.48 -53.66 -1.57
CA TYR D 128 3.07 -55.08 -1.73
C TYR D 128 4.27 -55.88 -2.27
N LEU D 129 4.99 -55.37 -3.28
CA LEU D 129 6.14 -56.11 -3.85
C LEU D 129 7.12 -56.40 -2.70
N GLN D 130 7.30 -55.46 -1.78
CA GLN D 130 8.27 -55.63 -0.66
C GLN D 130 7.74 -56.70 0.31
N LYS D 131 6.45 -56.67 0.63
CA LYS D 131 5.85 -57.60 1.63
C LYS D 131 5.83 -59.01 1.02
N PHE D 132 5.65 -59.09 -0.30
CA PHE D 132 5.57 -60.39 -1.01
C PHE D 132 6.98 -60.99 -1.12
N ASP D 133 7.98 -60.11 -1.17
CA ASP D 133 9.41 -60.43 -1.36
C ASP D 133 9.63 -60.70 -2.85
N HIS D 134 9.00 -59.91 -3.71
CA HIS D 134 9.10 -60.03 -5.19
C HIS D 134 10.56 -59.80 -5.60
N PRO D 135 11.10 -60.52 -6.62
CA PRO D 135 12.46 -60.26 -7.10
C PRO D 135 12.73 -58.78 -7.41
N LEU D 136 11.75 -58.06 -7.96
CA LEU D 136 11.93 -56.60 -8.26
C LEU D 136 12.29 -55.78 -7.00
N ALA D 137 11.83 -56.16 -5.80
CA ALA D 137 12.14 -55.47 -4.53
C ALA D 137 13.60 -55.71 -4.08
N ALA D 138 14.22 -56.83 -4.48
CA ALA D 138 15.65 -57.09 -4.25
C ALA D 138 16.52 -56.25 -5.21
N LEU D 139 16.10 -56.13 -6.45
CA LEU D 139 16.84 -55.44 -7.53
C LEU D 139 16.78 -53.92 -7.32
N TYR D 140 15.66 -53.42 -6.78
CA TYR D 140 15.33 -51.96 -6.67
C TYR D 140 14.71 -51.70 -5.30
N SER D 141 15.50 -51.28 -4.33
CA SER D 141 15.09 -51.21 -2.89
C SER D 141 14.22 -49.99 -2.62
N THR D 142 14.34 -48.90 -3.39
CA THR D 142 13.39 -47.76 -3.35
C THR D 142 12.77 -47.51 -4.73
N SER D 143 11.58 -46.92 -4.75
CA SER D 143 10.84 -46.60 -5.99
C SER D 143 10.88 -47.83 -6.92
N THR D 144 10.55 -48.97 -6.34
CA THR D 144 10.74 -50.32 -6.97
C THR D 144 10.11 -50.31 -8.37
N MET D 145 8.79 -50.13 -8.49
CA MET D 145 8.13 -50.21 -9.81
C MET D 145 8.70 -49.14 -10.75
N GLU D 146 8.97 -47.93 -10.23
CA GLU D 146 9.41 -46.76 -11.04
C GLU D 146 10.78 -47.03 -11.70
N GLN D 147 11.70 -47.66 -10.99
CA GLN D 147 13.01 -48.05 -11.59
C GLN D 147 12.73 -49.12 -12.66
N HIS D 148 11.76 -50.02 -12.40
CA HIS D 148 11.37 -51.06 -13.39
C HIS D 148 10.82 -50.37 -14.64
N HIS D 149 9.95 -49.36 -14.47
CA HIS D 149 9.32 -48.68 -15.63
C HIS D 149 10.43 -48.09 -16.52
N PHE D 150 11.40 -47.43 -15.91
CA PHE D 150 12.48 -46.77 -16.68
C PHE D 150 13.33 -47.85 -17.39
N SER D 151 13.61 -48.95 -16.71
CA SER D 151 14.36 -50.13 -17.25
C SER D 151 13.65 -50.66 -18.51
N GLN D 152 12.32 -50.81 -18.44
CA GLN D 152 11.48 -51.26 -19.58
C GLN D 152 11.56 -50.24 -20.71
N THR D 153 11.59 -48.94 -20.38
CA THR D 153 11.66 -47.87 -21.39
C THR D 153 12.97 -48.04 -22.21
N VAL D 154 14.08 -48.26 -21.52
CA VAL D 154 15.43 -48.36 -22.16
C VAL D 154 15.42 -49.61 -23.05
N SER D 155 14.88 -50.71 -22.56
CA SER D 155 14.81 -51.98 -23.32
C SER D 155 14.07 -51.77 -24.63
N ILE D 156 12.96 -51.05 -24.59
CA ILE D 156 12.15 -50.81 -25.80
C ILE D 156 12.94 -49.91 -26.76
N LEU D 157 13.55 -48.81 -26.28
CA LEU D 157 14.37 -47.87 -27.12
C LEU D 157 15.54 -48.59 -27.83
N GLN D 158 16.04 -49.69 -27.27
CA GLN D 158 17.21 -50.48 -27.77
C GLN D 158 16.71 -51.63 -28.64
N LEU D 159 15.40 -51.79 -28.81
CA LEU D 159 14.83 -52.70 -29.82
C LEU D 159 15.19 -52.17 -31.22
N GLU D 160 15.40 -53.09 -32.16
CA GLU D 160 15.77 -52.75 -33.56
C GLU D 160 14.69 -51.85 -34.17
N GLY D 161 15.10 -50.75 -34.79
CA GLY D 161 14.21 -49.78 -35.48
C GLY D 161 13.35 -48.97 -34.50
N HIS D 162 13.59 -49.01 -33.18
CA HIS D 162 12.76 -48.30 -32.15
C HIS D 162 13.44 -47.05 -31.59
N ASN D 163 14.69 -46.72 -32.01
CA ASN D 163 15.40 -45.58 -31.39
C ASN D 163 14.95 -44.25 -32.02
N ILE D 164 13.88 -43.70 -31.43
CA ILE D 164 13.23 -42.42 -31.83
C ILE D 164 14.18 -41.23 -31.58
N PHE D 165 15.24 -41.41 -30.79
CA PHE D 165 16.23 -40.34 -30.46
C PHE D 165 17.55 -40.49 -31.24
N SER D 166 17.54 -41.19 -32.38
CA SER D 166 18.77 -41.49 -33.17
C SER D 166 19.38 -40.23 -33.78
N THR D 167 18.62 -39.17 -34.09
CA THR D 167 19.19 -37.92 -34.66
C THR D 167 19.87 -37.07 -33.58
N LEU D 168 19.79 -37.42 -32.29
CA LEU D 168 20.39 -36.60 -31.20
C LEU D 168 21.88 -36.95 -31.07
N SER D 169 22.74 -35.95 -30.84
CA SER D 169 24.13 -36.18 -30.37
C SER D 169 24.11 -37.15 -29.19
N SER D 170 25.24 -37.80 -28.93
CA SER D 170 25.44 -38.73 -27.78
C SER D 170 25.22 -37.98 -26.46
N SER D 171 25.43 -36.66 -26.48
CA SER D 171 25.29 -35.76 -25.31
C SER D 171 23.83 -35.42 -25.04
N GLU D 172 23.13 -34.98 -26.08
CA GLU D 172 21.68 -34.69 -26.05
C GLU D 172 20.93 -35.97 -25.70
N TYR D 173 21.40 -37.13 -26.20
CA TYR D 173 20.76 -38.45 -25.98
C TYR D 173 20.81 -38.78 -24.50
N GLU D 174 21.98 -38.66 -23.86
CA GLU D 174 22.08 -39.04 -22.43
C GLU D 174 21.36 -37.98 -21.58
N GLN D 175 21.21 -36.77 -22.11
CA GLN D 175 20.42 -35.67 -21.48
C GLN D 175 18.92 -36.02 -21.50
N VAL D 176 18.37 -36.40 -22.66
CA VAL D 176 16.93 -36.68 -22.77
C VAL D 176 16.62 -37.94 -21.97
N LEU D 177 17.53 -38.91 -21.92
CA LEU D 177 17.31 -40.17 -21.16
C LEU D 177 17.28 -39.83 -19.67
N GLU D 178 18.07 -38.82 -19.27
CA GLU D 178 18.12 -38.33 -17.87
C GLU D 178 16.84 -37.53 -17.50
N ILE D 179 16.30 -36.68 -18.38
CA ILE D 179 14.96 -36.05 -18.20
C ILE D 179 13.92 -37.16 -17.95
N ILE D 180 14.00 -38.24 -18.75
CA ILE D 180 12.96 -39.32 -18.75
C ILE D 180 13.07 -40.05 -17.42
N ARG D 181 14.29 -40.41 -17.04
CA ARG D 181 14.54 -41.19 -15.82
C ARG D 181 13.99 -40.44 -14.59
N LYS D 182 14.37 -39.18 -14.43
CA LYS D 182 13.94 -38.30 -13.31
C LYS D 182 12.41 -38.18 -13.26
N ALA D 183 11.80 -37.90 -14.42
CA ALA D 183 10.33 -37.72 -14.59
C ALA D 183 9.60 -39.01 -14.19
N ILE D 184 10.05 -40.20 -14.63
CA ILE D 184 9.44 -41.52 -14.24
C ILE D 184 9.64 -41.79 -12.75
N ILE D 185 10.84 -41.59 -12.21
CA ILE D 185 11.08 -41.77 -10.74
C ILE D 185 10.13 -40.86 -9.94
N ALA D 186 9.86 -39.66 -10.43
CA ALA D 186 9.09 -38.62 -9.68
C ALA D 186 7.64 -39.07 -9.53
N THR D 187 7.17 -40.03 -10.34
CA THR D 187 5.78 -40.57 -10.22
C THR D 187 5.62 -41.49 -9.00
N ASP D 188 6.68 -41.77 -8.27
CA ASP D 188 6.60 -42.44 -6.96
C ASP D 188 6.00 -41.42 -6.00
N LEU D 189 4.73 -41.58 -5.63
CA LEU D 189 4.02 -40.59 -4.79
C LEU D 189 4.73 -40.44 -3.43
N ALA D 190 5.49 -41.43 -2.97
CA ALA D 190 6.25 -41.32 -1.70
C ALA D 190 7.16 -40.08 -1.75
N LEU D 191 7.66 -39.73 -2.93
CA LEU D 191 8.71 -38.68 -3.11
C LEU D 191 8.06 -37.29 -3.32
N TYR D 192 6.79 -37.28 -3.70
CA TYR D 192 6.05 -36.05 -4.08
C TYR D 192 6.00 -35.10 -2.88
N PHE D 193 5.69 -35.63 -1.69
CA PHE D 193 5.40 -34.84 -0.45
C PHE D 193 6.58 -33.90 -0.16
N GLY D 194 7.80 -34.47 -0.11
CA GLY D 194 9.08 -33.75 0.05
C GLY D 194 9.31 -32.76 -1.08
N ASN D 195 8.99 -33.14 -2.31
CA ASN D 195 9.25 -32.33 -3.53
C ASN D 195 8.37 -31.07 -3.45
N ARG D 196 7.08 -31.22 -3.17
CA ARG D 196 6.12 -30.10 -3.13
C ARG D 196 6.51 -29.12 -2.00
N LYS D 197 6.90 -29.63 -0.82
CA LYS D 197 7.29 -28.84 0.37
C LYS D 197 8.52 -27.98 0.03
N GLN D 198 9.53 -28.56 -0.62
CA GLN D 198 10.74 -27.80 -1.07
C GLN D 198 10.32 -26.72 -2.09
N LEU D 199 9.55 -27.06 -3.13
CA LEU D 199 9.06 -26.06 -4.13
C LEU D 199 8.25 -24.95 -3.46
N GLU D 200 7.37 -25.28 -2.52
CA GLU D 200 6.50 -24.29 -1.87
C GLU D 200 7.40 -23.25 -1.21
N GLU D 201 8.39 -23.71 -0.45
CA GLU D 201 9.31 -22.83 0.30
C GLU D 201 10.09 -21.98 -0.69
N MET D 202 10.68 -22.62 -1.72
CA MET D 202 11.45 -21.89 -2.75
C MET D 202 10.57 -20.84 -3.42
N TYR D 203 9.33 -21.17 -3.79
CA TYR D 203 8.47 -20.26 -4.56
C TYR D 203 8.02 -19.06 -3.70
N GLN D 204 7.59 -19.33 -2.46
CA GLN D 204 7.05 -18.35 -1.47
C GLN D 204 8.16 -17.39 -1.02
N THR D 205 9.39 -17.87 -0.78
CA THR D 205 10.57 -17.02 -0.42
C THR D 205 11.22 -16.40 -1.66
N GLY D 206 10.73 -16.65 -2.89
CA GLY D 206 11.22 -16.04 -4.14
C GLY D 206 12.61 -16.53 -4.59
N SER D 207 13.15 -17.61 -4.05
CA SER D 207 14.44 -18.22 -4.49
C SER D 207 14.26 -19.23 -5.64
N LEU D 208 13.04 -19.63 -6.00
CA LEU D 208 12.84 -20.54 -7.16
C LEU D 208 13.49 -19.90 -8.40
N ASN D 209 14.35 -20.64 -9.10
CA ASN D 209 15.10 -20.16 -10.30
C ASN D 209 15.05 -21.22 -11.41
N LEU D 210 14.29 -20.98 -12.47
CA LEU D 210 14.18 -21.97 -13.60
C LEU D 210 15.48 -22.05 -14.42
N ASN D 211 16.53 -21.28 -14.12
CA ASN D 211 17.86 -21.41 -14.80
C ASN D 211 18.72 -22.37 -13.98
N ASN D 212 18.21 -22.87 -12.86
CA ASN D 212 18.95 -23.81 -11.98
C ASN D 212 18.43 -25.22 -12.28
N GLN D 213 19.23 -26.09 -12.88
CA GLN D 213 18.78 -27.43 -13.34
C GLN D 213 18.10 -28.20 -12.20
N SER D 214 18.61 -28.11 -10.98
CA SER D 214 18.06 -28.78 -9.76
C SER D 214 16.60 -28.33 -9.50
N HIS D 215 16.32 -27.05 -9.75
CA HIS D 215 15.00 -26.40 -9.60
C HIS D 215 14.10 -26.88 -10.75
N ARG D 216 14.62 -26.91 -11.98
CA ARG D 216 13.84 -27.39 -13.14
C ARG D 216 13.38 -28.83 -12.89
N ASP D 217 14.28 -29.69 -12.38
CA ASP D 217 14.00 -31.13 -12.08
C ASP D 217 12.83 -31.18 -11.09
N ARG D 218 12.84 -30.30 -10.09
CA ARG D 218 11.76 -30.28 -9.07
C ARG D 218 10.42 -29.89 -9.72
N VAL D 219 10.42 -28.88 -10.58
CA VAL D 219 9.19 -28.41 -11.26
C VAL D 219 8.68 -29.55 -12.16
N ILE D 220 9.58 -30.19 -12.92
CA ILE D 220 9.20 -31.34 -13.78
C ILE D 220 8.63 -32.47 -12.91
N GLY D 221 9.24 -32.73 -11.76
CA GLY D 221 8.75 -33.75 -10.82
C GLY D 221 7.32 -33.48 -10.42
N LEU D 222 7.03 -32.23 -10.04
CA LEU D 222 5.66 -31.83 -9.64
C LEU D 222 4.73 -31.94 -10.85
N MET D 223 5.15 -31.51 -12.05
CA MET D 223 4.31 -31.67 -13.26
C MET D 223 3.94 -33.16 -13.43
N MET D 224 4.88 -34.07 -13.17
CA MET D 224 4.63 -35.53 -13.39
C MET D 224 3.57 -36.00 -12.38
N THR D 225 3.65 -35.59 -11.11
CA THR D 225 2.62 -35.93 -10.10
C THR D 225 1.27 -35.43 -10.62
N ALA D 226 1.21 -34.16 -11.04
CA ALA D 226 -0.02 -33.48 -11.51
C ALA D 226 -0.66 -34.28 -12.65
N CYS D 227 0.15 -34.66 -13.63
CA CYS D 227 -0.32 -35.49 -14.75
C CYS D 227 -0.80 -36.87 -14.26
N ASP D 228 -0.02 -37.46 -13.38
CA ASP D 228 -0.23 -38.83 -12.90
C ASP D 228 -1.57 -38.87 -12.16
N LEU D 229 -1.95 -37.80 -11.43
CA LEU D 229 -3.15 -37.81 -10.55
C LEU D 229 -4.35 -37.22 -11.29
N CYS D 230 -4.24 -36.95 -12.62
CA CYS D 230 -5.15 -36.05 -13.36
C CYS D 230 -6.59 -36.58 -13.44
N SER D 231 -6.88 -37.81 -12.98
CA SER D 231 -8.28 -38.32 -12.89
C SER D 231 -9.10 -37.39 -11.97
N VAL D 232 -8.47 -36.77 -10.95
CA VAL D 232 -9.16 -35.82 -10.00
C VAL D 232 -9.42 -34.46 -10.66
N THR D 233 -9.01 -34.24 -11.92
CA THR D 233 -9.13 -32.93 -12.59
C THR D 233 -10.03 -33.02 -13.82
N LYS D 234 -10.70 -34.15 -13.99
CA LYS D 234 -11.69 -34.36 -15.06
C LYS D 234 -13.07 -33.88 -14.59
N LEU D 235 -14.03 -33.87 -15.50
CA LEU D 235 -15.45 -33.61 -15.11
C LEU D 235 -15.94 -34.76 -14.23
N TRP D 236 -16.81 -34.43 -13.26
CA TRP D 236 -17.25 -35.32 -12.17
C TRP D 236 -17.54 -36.73 -12.68
N PRO D 237 -18.32 -36.96 -13.75
CA PRO D 237 -18.63 -38.33 -14.18
C PRO D 237 -17.39 -39.15 -14.60
N VAL D 238 -16.37 -38.51 -15.22
CA VAL D 238 -15.08 -39.20 -15.52
C VAL D 238 -14.37 -39.50 -14.20
N THR D 239 -14.30 -38.53 -13.30
CA THR D 239 -13.60 -38.65 -12.00
C THR D 239 -14.20 -39.81 -11.20
N LYS D 240 -15.53 -39.88 -11.12
CA LYS D 240 -16.25 -40.89 -10.29
C LYS D 240 -16.03 -42.28 -10.90
N LEU D 241 -16.16 -42.41 -12.21
CA LEU D 241 -16.02 -43.70 -12.89
C LEU D 241 -14.55 -44.15 -12.85
N THR D 242 -13.58 -43.24 -12.93
CA THR D 242 -12.13 -43.62 -12.85
C THR D 242 -11.81 -44.13 -11.44
N ALA D 243 -12.42 -43.55 -10.39
CA ALA D 243 -12.21 -44.00 -9.00
C ALA D 243 -12.51 -45.51 -8.88
N ASN D 244 -13.55 -46.02 -9.56
CA ASN D 244 -13.93 -47.47 -9.58
C ASN D 244 -12.76 -48.35 -10.07
N ASP D 245 -12.07 -47.93 -11.13
CA ASP D 245 -10.88 -48.65 -11.63
C ASP D 245 -9.75 -48.61 -10.59
N ILE D 246 -9.44 -47.43 -10.04
CA ILE D 246 -8.37 -47.23 -9.04
C ILE D 246 -8.63 -48.18 -7.87
N TYR D 247 -9.86 -48.25 -7.37
CA TYR D 247 -10.20 -49.08 -6.18
C TYR D 247 -10.24 -50.54 -6.59
N ALA D 248 -10.65 -50.86 -7.82
CA ALA D 248 -10.63 -52.26 -8.30
C ALA D 248 -9.22 -52.82 -8.05
N GLU D 249 -8.18 -52.06 -8.37
CA GLU D 249 -6.78 -52.49 -8.11
C GLU D 249 -6.50 -52.55 -6.60
N PHE D 250 -6.77 -51.47 -5.86
CA PHE D 250 -6.42 -51.38 -4.41
C PHE D 250 -7.04 -52.56 -3.67
N TRP D 251 -8.31 -52.87 -3.96
CA TRP D 251 -9.03 -53.96 -3.26
C TRP D 251 -8.41 -55.32 -3.58
N ALA D 252 -8.05 -55.56 -4.85
CA ALA D 252 -7.30 -56.77 -5.27
C ALA D 252 -5.98 -56.82 -4.49
N GLU D 253 -5.26 -55.69 -4.34
CA GLU D 253 -3.98 -55.67 -3.55
C GLU D 253 -4.31 -56.03 -2.09
N GLY D 254 -5.37 -55.46 -1.52
CA GLY D 254 -5.74 -55.77 -0.12
C GLY D 254 -6.05 -57.23 0.07
N ASP D 255 -6.74 -57.87 -0.89
CA ASP D 255 -7.05 -59.33 -0.84
C ASP D 255 -5.72 -60.09 -0.77
N GLU D 256 -4.76 -59.66 -1.59
CA GLU D 256 -3.44 -60.35 -1.67
C GLU D 256 -2.67 -60.12 -0.36
N MET D 257 -2.84 -58.97 0.28
CA MET D 257 -2.24 -58.68 1.62
C MET D 257 -2.87 -59.62 2.66
N LYS D 258 -4.19 -59.84 2.60
CA LYS D 258 -4.87 -60.75 3.58
C LYS D 258 -4.35 -62.17 3.34
N LYS D 259 -4.07 -62.52 2.08
CA LYS D 259 -3.53 -63.85 1.71
C LYS D 259 -2.11 -63.98 2.25
N LEU D 260 -1.37 -62.87 2.46
CA LEU D 260 -0.04 -62.93 3.13
C LEU D 260 -0.17 -62.95 4.67
N GLY D 261 -1.36 -62.91 5.26
CA GLY D 261 -1.52 -62.85 6.73
C GLY D 261 -1.39 -61.43 7.28
N ILE D 262 -1.42 -60.41 6.42
CA ILE D 262 -1.36 -58.96 6.80
C ILE D 262 -2.73 -58.29 6.60
N GLN D 263 -3.20 -57.55 7.62
CA GLN D 263 -4.43 -56.73 7.54
C GLN D 263 -4.04 -55.55 6.68
N PRO D 264 -4.65 -55.33 5.50
CA PRO D 264 -4.27 -54.20 4.66
C PRO D 264 -4.82 -52.93 5.31
N ILE D 265 -4.29 -51.77 4.92
CA ILE D 265 -4.87 -50.44 5.27
C ILE D 265 -6.29 -50.35 4.71
N PRO D 266 -7.19 -49.57 5.35
CA PRO D 266 -8.61 -49.52 4.96
C PRO D 266 -8.88 -49.17 3.49
N MET D 267 -8.00 -48.37 2.89
CA MET D 267 -8.14 -47.88 1.49
C MET D 267 -8.12 -49.10 0.54
N MET D 268 -7.38 -50.15 0.91
CA MET D 268 -7.21 -51.39 0.09
C MET D 268 -8.14 -52.50 0.59
N ASP D 269 -9.03 -52.22 1.55
CA ASP D 269 -9.88 -53.26 2.17
C ASP D 269 -11.29 -53.18 1.58
N ARG D 270 -11.70 -54.14 0.74
CA ARG D 270 -13.05 -54.07 0.11
C ARG D 270 -14.16 -54.14 1.18
N ASP D 271 -13.90 -54.68 2.37
CA ASP D 271 -14.93 -54.72 3.45
C ASP D 271 -15.17 -53.30 4.02
N LYS D 272 -14.32 -52.33 3.67
CA LYS D 272 -14.44 -50.92 4.11
C LYS D 272 -14.85 -50.00 2.95
N LYS D 273 -15.43 -50.56 1.87
CA LYS D 273 -15.98 -49.86 0.68
C LYS D 273 -16.75 -48.61 1.07
N ASP D 274 -17.63 -48.73 2.07
CA ASP D 274 -18.62 -47.68 2.48
C ASP D 274 -17.87 -46.40 2.89
N GLU D 275 -16.61 -46.50 3.36
CA GLU D 275 -15.77 -45.35 3.81
C GLU D 275 -15.06 -44.67 2.62
N VAL D 276 -15.41 -45.00 1.36
CA VAL D 276 -14.74 -44.40 0.15
C VAL D 276 -14.91 -42.88 0.14
N PRO D 277 -16.14 -42.33 0.30
CA PRO D 277 -16.31 -40.87 0.29
C PRO D 277 -15.35 -40.14 1.25
N GLN D 278 -15.26 -40.59 2.51
CA GLN D 278 -14.36 -40.02 3.54
C GLN D 278 -12.88 -40.18 3.11
N GLY D 279 -12.52 -41.30 2.50
CA GLY D 279 -11.11 -41.51 2.08
C GLY D 279 -10.72 -40.52 0.99
N GLN D 280 -11.64 -40.22 0.08
CA GLN D 280 -11.45 -39.23 -1.02
C GLN D 280 -11.28 -37.83 -0.43
N LEU D 281 -12.14 -37.48 0.54
CA LEU D 281 -12.10 -36.17 1.21
C LEU D 281 -10.66 -35.96 1.69
N GLY D 282 -10.12 -36.94 2.43
CA GLY D 282 -8.76 -36.89 3.01
C GLY D 282 -7.69 -36.81 1.96
N PHE D 283 -7.85 -37.59 0.87
CA PHE D 283 -6.92 -37.58 -0.29
C PHE D 283 -6.89 -36.21 -0.99
N TYR D 284 -8.04 -35.60 -1.27
CA TYR D 284 -8.09 -34.28 -1.92
C TYR D 284 -7.43 -33.20 -1.01
N ASN D 285 -7.71 -33.25 0.31
CA ASN D 285 -7.17 -32.27 1.30
C ASN D 285 -5.67 -32.51 1.50
N ALA D 286 -5.21 -33.75 1.67
CA ALA D 286 -3.79 -34.06 1.98
C ALA D 286 -2.90 -34.15 0.72
N VAL D 287 -3.42 -34.40 -0.49
CA VAL D 287 -2.54 -34.71 -1.66
C VAL D 287 -2.89 -33.86 -2.87
N ALA D 288 -4.09 -34.03 -3.44
CA ALA D 288 -4.49 -33.44 -4.74
C ALA D 288 -4.53 -31.90 -4.67
N ILE D 289 -5.27 -31.32 -3.72
CA ILE D 289 -5.42 -29.83 -3.68
C ILE D 289 -4.02 -29.24 -3.49
N PRO D 290 -3.19 -29.68 -2.52
CA PRO D 290 -1.85 -29.12 -2.40
C PRO D 290 -1.07 -29.22 -3.73
N CYS D 291 -1.17 -30.37 -4.41
CA CYS D 291 -0.40 -30.62 -5.66
C CYS D 291 -0.69 -29.51 -6.66
N TYR D 292 -1.97 -29.33 -7.03
CA TYR D 292 -2.46 -28.43 -8.10
C TYR D 292 -2.41 -26.96 -7.59
N THR D 293 -2.51 -26.72 -6.28
CA THR D 293 -2.27 -25.36 -5.68
C THR D 293 -0.82 -24.93 -5.96
N THR D 294 0.18 -25.73 -5.55
CA THR D 294 1.62 -25.41 -5.78
C THR D 294 1.91 -25.29 -7.28
N LEU D 295 1.33 -26.17 -8.11
CA LEU D 295 1.63 -26.14 -9.56
C LEU D 295 1.09 -24.84 -10.17
N THR D 296 -0.11 -24.44 -9.76
CA THR D 296 -0.78 -23.22 -10.28
C THR D 296 0.04 -21.98 -9.89
N GLN D 297 0.63 -21.97 -8.69
CA GLN D 297 1.53 -20.89 -8.19
C GLN D 297 2.68 -20.77 -9.21
N ILE D 298 3.31 -21.89 -9.59
CA ILE D 298 4.57 -21.90 -10.38
C ILE D 298 4.25 -21.71 -11.87
N LEU D 299 3.21 -22.33 -12.38
CA LEU D 299 2.76 -22.29 -13.80
C LEU D 299 1.27 -21.88 -13.84
N PRO D 300 0.98 -20.58 -13.68
CA PRO D 300 -0.42 -20.11 -13.61
C PRO D 300 -1.38 -20.58 -14.70
N PRO D 301 -0.97 -20.78 -15.97
CA PRO D 301 -1.92 -21.30 -16.97
C PRO D 301 -2.44 -22.73 -16.72
N THR D 302 -1.91 -23.45 -15.73
CA THR D 302 -2.37 -24.79 -15.26
C THR D 302 -3.54 -24.69 -14.28
N GLU D 303 -3.99 -23.47 -13.93
CA GLU D 303 -5.11 -23.21 -13.00
C GLU D 303 -6.35 -24.07 -13.30
N PRO D 304 -6.75 -24.33 -14.56
CA PRO D 304 -7.94 -25.17 -14.78
C PRO D 304 -7.88 -26.56 -14.11
N LEU D 305 -6.71 -27.09 -13.84
CA LEU D 305 -6.58 -28.39 -13.12
C LEU D 305 -7.03 -28.18 -11.66
N LEU D 306 -6.58 -27.08 -11.05
CA LEU D 306 -6.89 -26.74 -9.63
C LEU D 306 -8.41 -26.54 -9.52
N LYS D 307 -8.98 -25.70 -10.39
CA LYS D 307 -10.45 -25.44 -10.45
C LYS D 307 -11.23 -26.77 -10.49
N ALA D 308 -10.94 -27.64 -11.46
CA ALA D 308 -11.59 -28.97 -11.63
C ALA D 308 -11.40 -29.82 -10.36
N CYS D 309 -10.19 -29.85 -9.76
CA CYS D 309 -9.95 -30.61 -8.51
C CYS D 309 -10.87 -30.08 -7.38
N ARG D 310 -10.98 -28.75 -7.22
CA ARG D 310 -11.81 -28.16 -6.13
C ARG D 310 -13.28 -28.55 -6.31
N ASP D 311 -13.77 -28.52 -7.54
CA ASP D 311 -15.15 -28.94 -7.91
C ASP D 311 -15.37 -30.40 -7.51
N ASN D 312 -14.43 -31.29 -7.84
CA ASN D 312 -14.58 -32.73 -7.50
C ASN D 312 -14.56 -32.87 -5.97
N LEU D 313 -13.79 -32.06 -5.24
CA LEU D 313 -13.76 -32.11 -3.74
C LEU D 313 -15.19 -31.87 -3.25
N SER D 314 -15.89 -30.90 -3.84
CA SER D 314 -17.23 -30.49 -3.33
C SER D 314 -18.26 -31.53 -3.81
N GLN D 315 -18.04 -32.22 -4.93
CA GLN D 315 -18.87 -33.39 -5.32
C GLN D 315 -18.71 -34.52 -4.28
N TRP D 316 -17.49 -34.80 -3.80
CA TRP D 316 -17.29 -35.88 -2.78
C TRP D 316 -17.94 -35.44 -1.44
N GLU D 317 -17.83 -34.16 -1.04
CA GLU D 317 -18.54 -33.59 0.15
C GLU D 317 -20.04 -33.81 0.00
N LYS D 318 -20.62 -33.60 -1.19
CA LYS D 318 -22.06 -33.92 -1.48
C LYS D 318 -22.35 -35.42 -1.37
N VAL D 319 -21.44 -36.30 -1.77
CA VAL D 319 -21.69 -37.77 -1.66
C VAL D 319 -21.71 -38.11 -0.16
N ILE D 320 -20.86 -37.49 0.65
CA ILE D 320 -20.79 -37.75 2.12
C ILE D 320 -22.13 -37.37 2.78
N ARG D 321 -23.10 -36.75 2.08
CA ARG D 321 -24.52 -36.60 2.57
C ARG D 321 -25.54 -37.10 1.52
N GLY D 322 -25.88 -36.30 0.49
CA GLY D 322 -26.88 -36.66 -0.55
C GLY D 322 -26.37 -36.37 -1.96
ZN ZN E . 0.82 31.02 17.09
MG MG F . 2.14 33.33 14.50
C11 K9F G . 17.24 28.14 20.08
C13 K9F G . 15.85 29.98 20.89
C15 K9F G . 11.53 27.75 20.13
C16 K9F G . 9.04 29.10 20.17
C17 K9F G . 10.04 29.54 19.40
C18 K9F G . 11.30 28.83 19.37
C19 K9F G . 9.27 27.99 21.01
C20 K9F G . 10.48 27.31 20.98
C22 K9F G . 9.80 25.78 22.58
C23 K9F G . 8.54 26.48 22.61
C1 K9F G . 19.44 26.35 19.12
C2 K9F G . 18.17 25.87 19.39
C3 K9F G . 17.86 24.57 19.12
C4 K9F G . 18.81 23.73 18.60
C5 K9F G . 20.12 24.18 18.35
C6 K9F G . 20.41 25.46 18.62
C7 K9F G . 17.12 26.76 19.93
N8 K9F G . 15.90 26.40 20.29
C9 K9F G . 15.23 27.53 20.72
N10 K9F G . 16.11 28.60 20.60
C12 K9F G . 13.79 27.58 21.24
C14 K9F G . 12.81 27.02 20.12
N21 K9F G . 10.77 26.20 21.82
N24 K9F G . 8.29 27.57 21.82
ZN ZN H . -9.81 -4.89 13.02
MG MG I . -11.56 -3.33 15.92
C11 K9F J . 3.19 -6.85 23.85
C13 K9F J . 1.15 -8.21 23.68
C15 K9F J . -0.02 -6.80 19.02
C16 K9F J . -2.53 -7.33 17.81
C17 K9F J . -2.46 -6.74 19.03
C18 K9F J . -1.17 -6.50 19.63
C19 K9F J . -1.31 -7.66 17.17
C20 K9F J . -0.07 -7.44 17.75
C22 K9F J . 1.08 -8.31 15.93
C23 K9F J . -0.20 -8.56 15.31
C1 K9F J . 5.55 -5.27 24.81
C2 K9F J . 5.27 -5.42 23.44
C3 K9F J . 6.01 -4.66 22.52
C4 K9F J . 7.05 -3.86 22.92
C5 K9F J . 7.37 -3.78 24.31
C6 K9F J . 6.63 -4.48 25.21
C7 K9F J . 4.10 -6.22 22.99
N8 K9F J . 3.65 -6.40 21.73
C9 K9F J . 2.51 -7.16 21.80
N10 K9F J . 2.27 -7.46 23.13
C12 K9F J . 1.66 -7.69 20.62
C14 K9F J . 1.29 -6.50 19.67
N21 K9F J . 1.16 -7.77 17.12
N24 K9F J . -1.37 -8.24 15.94
ZN ZN K . 9.48 12.50 -14.30
MG MG L . 7.97 9.27 -15.51
C11 K9F M . 21.62 2.44 -7.83
C13 K9F M . 21.30 3.25 -10.14
C15 K9F M . 18.45 6.97 -9.18
C16 K9F M . 16.99 8.36 -11.14
C17 K9F M . 16.94 7.03 -11.07
C18 K9F M . 17.71 6.31 -10.09
C19 K9F M . 17.78 9.07 -10.20
C20 K9F M . 18.50 8.41 -9.24
C22 K9F M . 19.34 10.40 -8.35
C23 K9F M . 18.58 11.08 -9.36
C1 K9F M . 22.22 0.87 -5.28
C2 K9F M . 21.78 2.20 -5.24
C3 K9F M . 21.44 2.77 -3.99
C4 K9F M . 21.60 2.05 -2.81
C5 K9F M . 22.07 0.71 -2.88
C6 K9F M . 22.37 0.14 -4.10
C7 K9F M . 21.55 2.98 -6.51
N8 K9F M . 21.20 4.27 -6.61
C9 K9F M . 21.10 4.56 -7.96
N10 K9F M . 21.34 3.39 -8.69
C12 K9F M . 20.70 5.93 -8.56
C14 K9F M . 19.19 6.22 -8.13
N21 K9F M . 19.31 9.10 -8.31
N24 K9F M . 17.80 10.42 -10.27
ZN ZN N . 0.76 -43.61 -13.26
MG MG O . 3.34 -45.47 -11.27
C11 K9F P . -7.88 -43.43 1.50
C13 K9F P . -5.98 -42.02 0.81
C15 K9F P . -6.34 -42.79 -4.06
C16 K9F P . -4.49 -41.94 -6.08
C17 K9F P . -4.08 -42.64 -5.01
C18 K9F P . -5.03 -43.04 -3.98
C19 K9F P . -5.90 -41.65 -6.18
C20 K9F P . -6.80 -42.04 -5.19
C22 K9F P . -8.62 -41.10 -6.36
C23 K9F P . -7.67 -40.69 -7.36
C1 K9F P . -9.95 -45.09 3.03
C2 K9F P . -10.05 -44.83 1.67
C3 K9F P . -10.98 -45.54 0.95
C4 K9F P . -11.86 -46.41 1.56
C5 K9F P . -11.76 -46.60 2.96
C6 K9F P . -10.81 -45.96 3.68
C7 K9F P . -9.09 -43.92 0.95
N8 K9F P . -9.13 -43.53 -0.33
C9 K9F P . -7.97 -42.79 -0.58
N10 K9F P . -7.22 -42.72 0.58
C12 K9F P . -7.56 -42.10 -1.90
C14 K9F P . -7.29 -43.25 -2.98
N21 K9F P . -8.21 -41.75 -5.28
N24 K9F P . -6.33 -40.95 -7.28
#